data_6V8S
#
_entry.id   6V8S
#
_cell.length_a   78.161
_cell.length_b   90.027
_cell.length_c   94.245
_cell.angle_alpha   94.130
_cell.angle_beta   106.910
_cell.angle_gamma   97.230
#
_symmetry.space_group_name_H-M   'P 1'
#
loop_
_entity.id
_entity.type
_entity.pdbx_description
1 polymer 'Ara h 8 allergen isoform'
2 non-polymer '8-ANILINO-1-NAPHTHALENE SULFONATE'
3 non-polymer 'SULFATE ION'
4 water water
#
_entity_poly.entity_id   1
_entity_poly.type   'polypeptide(L)'
_entity_poly.pdbx_seq_one_letter_code
;MGVHTFEEESTSPVPPAKLFKATVVDGDELTPKLIPAIQSIEIVEGNGGPGTVKKVTAVEDGKTSYVLHKIDAIDEATYT
YDYTISGGTGFQEILEKVSFKTKLEAADGGSKIKVSVTFHTKGDAPLPDEVHQDVKQKSQGIFKAIEGYVLSN
;
_entity_poly.pdbx_strand_id   A,B,C,D,E,F,G,H,I,J,K,L,M,N,O,P
#
# COMPACT_ATOMS: atom_id res chain seq x y z
N GLY A 2 13.84 43.92 -7.48
CA GLY A 2 14.36 42.79 -6.70
C GLY A 2 15.13 41.82 -7.58
N VAL A 3 16.11 41.12 -7.00
CA VAL A 3 17.02 40.22 -7.73
C VAL A 3 16.81 38.81 -7.20
N HIS A 4 16.48 37.87 -8.09
CA HIS A 4 16.18 36.46 -7.74
C HIS A 4 17.04 35.56 -8.62
N THR A 5 17.99 34.83 -8.03
CA THR A 5 18.97 33.98 -8.76
C THR A 5 18.63 32.50 -8.59
N PHE A 6 18.77 31.76 -9.67
CA PHE A 6 18.63 30.27 -9.69
C PHE A 6 19.82 29.68 -10.43
N GLU A 7 20.28 28.53 -9.98
CA GLU A 7 21.39 27.76 -10.60
C GLU A 7 20.88 26.36 -10.85
N GLU A 8 21.12 25.84 -12.04
CA GLU A 8 20.64 24.49 -12.44
C GLU A 8 21.71 23.82 -13.30
N GLU A 9 21.71 22.52 -13.28
CA GLU A 9 22.50 21.64 -14.18
C GLU A 9 21.56 20.61 -14.76
N SER A 10 21.81 20.23 -15.98
CA SER A 10 21.12 19.13 -16.69
C SER A 10 22.14 18.53 -17.67
N THR A 11 21.81 17.39 -18.26
CA THR A 11 22.71 16.73 -19.22
C THR A 11 21.95 16.56 -20.54
N SER A 12 22.71 16.41 -21.61
CA SER A 12 22.23 16.11 -22.98
C SER A 12 23.11 14.98 -23.50
N PRO A 13 22.57 14.06 -24.32
CA PRO A 13 23.39 13.09 -25.03
C PRO A 13 24.14 13.72 -26.22
N VAL A 14 23.85 14.97 -26.54
CA VAL A 14 24.54 15.66 -27.68
C VAL A 14 25.84 16.23 -27.15
N PRO A 15 26.97 15.95 -27.84
CA PRO A 15 28.25 16.55 -27.47
C PRO A 15 28.26 18.08 -27.60
N PRO A 16 29.11 18.78 -26.82
CA PRO A 16 28.98 20.22 -26.66
C PRO A 16 29.12 21.08 -27.92
N ALA A 17 30.04 20.76 -28.81
CA ALA A 17 30.30 21.59 -30.01
C ALA A 17 29.01 21.54 -30.88
N LYS A 18 28.46 20.37 -31.14
CA LYS A 18 27.22 20.20 -31.92
C LYS A 18 26.07 20.91 -31.22
N LEU A 19 25.97 20.79 -29.89
CA LEU A 19 24.83 21.34 -29.14
C LEU A 19 24.95 22.87 -29.13
N PHE A 20 26.17 23.38 -28.93
CA PHE A 20 26.45 24.82 -28.94
C PHE A 20 26.15 25.40 -30.33
N LYS A 21 26.63 24.76 -31.37
CA LYS A 21 26.38 25.21 -32.77
C LYS A 21 24.89 25.34 -33.03
N ALA A 22 24.09 24.34 -32.68
CA ALA A 22 22.63 24.35 -32.94
C ALA A 22 21.92 25.42 -32.11
N THR A 23 22.23 25.56 -30.82
CA THR A 23 21.44 26.38 -29.89
C THR A 23 21.87 27.86 -29.98
N VAL A 24 23.14 28.12 -30.19
CA VAL A 24 23.70 29.49 -30.10
C VAL A 24 24.01 30.02 -31.49
N VAL A 25 24.80 29.33 -32.30
CA VAL A 25 25.22 29.83 -33.64
C VAL A 25 24.04 29.77 -34.64
N ASP A 26 23.26 28.67 -34.67
CA ASP A 26 22.17 28.45 -35.65
C ASP A 26 20.83 28.70 -35.00
N GLY A 27 20.79 29.13 -33.72
CA GLY A 27 19.56 29.34 -32.96
C GLY A 27 18.61 30.29 -33.61
N ASP A 28 19.07 31.37 -34.22
CA ASP A 28 18.20 32.43 -34.82
C ASP A 28 17.45 31.83 -36.02
N GLU A 29 18.08 30.98 -36.80
CA GLU A 29 17.45 30.26 -37.96
C GLU A 29 16.53 29.12 -37.45
N LEU A 30 16.96 28.32 -36.48
CA LEU A 30 16.23 27.06 -36.11
C LEU A 30 15.03 27.39 -35.22
N THR A 31 15.13 28.36 -34.33
CA THR A 31 14.08 28.57 -33.28
C THR A 31 12.74 28.85 -33.93
N PRO A 32 12.62 29.79 -34.88
CA PRO A 32 11.34 30.06 -35.54
C PRO A 32 10.78 28.86 -36.32
N LYS A 33 11.65 28.04 -36.87
CA LYS A 33 11.25 26.78 -37.56
C LYS A 33 10.65 25.77 -36.57
N LEU A 34 11.19 25.67 -35.34
CA LEU A 34 10.84 24.62 -34.39
C LEU A 34 9.71 25.06 -33.47
N ILE A 35 9.64 26.34 -33.10
CA ILE A 35 8.62 26.80 -32.13
C ILE A 35 7.48 27.49 -32.89
N PRO A 36 6.25 26.94 -32.90
CA PRO A 36 5.13 27.54 -33.61
C PRO A 36 4.91 29.02 -33.32
N ALA A 37 4.96 29.46 -32.04
CA ALA A 37 4.63 30.84 -31.66
C ALA A 37 5.68 31.85 -32.19
N ILE A 38 6.94 31.46 -32.37
CA ILE A 38 8.03 32.42 -32.73
C ILE A 38 8.10 32.58 -34.25
N GLN A 39 7.90 33.80 -34.74
CA GLN A 39 7.81 34.15 -36.17
C GLN A 39 9.21 34.48 -36.69
N SER A 40 10.04 35.17 -35.93
CA SER A 40 11.38 35.60 -36.41
C SER A 40 12.27 36.07 -35.25
N ILE A 41 13.57 36.00 -35.50
CA ILE A 41 14.67 36.51 -34.64
C ILE A 41 15.59 37.32 -35.57
N GLU A 42 15.53 38.65 -35.47
CA GLU A 42 16.22 39.62 -36.35
C GLU A 42 17.27 40.36 -35.52
N ILE A 43 18.50 40.42 -36.02
CA ILE A 43 19.58 41.21 -35.39
C ILE A 43 19.24 42.69 -35.65
N VAL A 44 19.09 43.51 -34.61
CA VAL A 44 18.77 44.95 -34.76
C VAL A 44 20.04 45.77 -34.55
N GLU A 45 21.05 45.23 -33.86
CA GLU A 45 22.35 45.93 -33.61
C GLU A 45 23.43 44.82 -33.45
N GLY A 46 24.63 45.07 -33.95
CA GLY A 46 25.84 44.25 -33.77
C GLY A 46 25.87 43.16 -34.81
N ASN A 47 26.84 42.25 -34.68
CA ASN A 47 27.13 41.23 -35.72
C ASN A 47 27.33 39.83 -35.12
N GLY A 48 26.85 39.59 -33.89
CA GLY A 48 26.84 38.25 -33.27
C GLY A 48 27.73 38.15 -32.03
N GLY A 49 28.54 39.16 -31.79
CA GLY A 49 29.43 39.31 -30.63
C GLY A 49 28.68 39.93 -29.45
N PRO A 50 29.37 40.15 -28.30
CA PRO A 50 28.82 40.85 -27.16
C PRO A 50 28.23 42.23 -27.57
N GLY A 51 27.09 42.61 -26.98
CA GLY A 51 26.38 43.85 -27.33
C GLY A 51 25.34 43.65 -28.43
N THR A 52 25.37 42.55 -29.16
CA THR A 52 24.37 42.27 -30.24
C THR A 52 22.98 42.23 -29.64
N VAL A 53 22.01 42.87 -30.26
CA VAL A 53 20.59 42.87 -29.81
C VAL A 53 19.77 42.22 -30.92
N LYS A 54 18.91 41.31 -30.50
CA LYS A 54 17.98 40.57 -31.39
C LYS A 54 16.56 40.88 -30.96
N LYS A 55 15.70 41.08 -31.94
CA LYS A 55 14.25 41.24 -31.75
C LYS A 55 13.59 39.89 -32.02
N VAL A 56 12.92 39.34 -31.00
CA VAL A 56 12.22 38.05 -31.10
C VAL A 56 10.72 38.37 -31.17
N THR A 57 10.09 38.06 -32.32
CA THR A 57 8.66 38.30 -32.52
C THR A 57 7.89 37.00 -32.35
N ALA A 58 6.77 37.01 -31.64
CA ALA A 58 5.93 35.82 -31.47
C ALA A 58 4.45 36.18 -31.49
N VAL A 59 3.61 35.20 -31.71
CA VAL A 59 2.14 35.37 -31.81
C VAL A 59 1.48 34.50 -30.75
N GLU A 60 0.54 35.08 -30.00
CA GLU A 60 -0.23 34.33 -28.99
C GLU A 60 -1.64 34.88 -28.93
N ASP A 61 -2.61 34.00 -28.97
CA ASP A 61 -4.06 34.36 -28.96
C ASP A 61 -4.37 35.36 -30.09
N GLY A 62 -3.73 35.18 -31.26
CA GLY A 62 -3.88 36.00 -32.48
C GLY A 62 -3.14 37.33 -32.43
N LYS A 63 -2.47 37.67 -31.34
CA LYS A 63 -1.82 38.99 -31.24
C LYS A 63 -0.30 38.88 -31.35
N THR A 64 0.32 39.83 -32.01
CA THR A 64 1.78 39.81 -32.21
C THR A 64 2.53 40.73 -31.23
N SER A 65 3.57 40.22 -30.57
CA SER A 65 4.44 41.06 -29.74
C SER A 65 5.90 40.64 -29.91
N TYR A 66 6.82 41.35 -29.28
CA TYR A 66 8.26 41.03 -29.36
C TYR A 66 8.94 41.29 -28.02
N VAL A 67 10.13 40.71 -27.84
CA VAL A 67 11.07 41.02 -26.74
C VAL A 67 12.45 41.22 -27.35
N LEU A 68 13.38 41.77 -26.57
CA LEU A 68 14.77 41.99 -27.03
C LEU A 68 15.68 40.97 -26.33
N HIS A 69 16.60 40.39 -27.09
CA HIS A 69 17.63 39.46 -26.55
C HIS A 69 19.00 40.10 -26.78
N LYS A 70 19.77 40.33 -25.71
CA LYS A 70 21.07 41.02 -25.81
C LYS A 70 22.19 40.06 -25.39
N ILE A 71 23.20 39.90 -26.24
CA ILE A 71 24.34 38.99 -25.94
C ILE A 71 25.25 39.73 -24.97
N ASP A 72 25.41 39.19 -23.76
CA ASP A 72 26.36 39.71 -22.74
C ASP A 72 27.74 39.07 -22.98
N ALA A 73 27.82 37.79 -23.33
CA ALA A 73 29.11 37.13 -23.66
C ALA A 73 28.87 35.89 -24.50
N ILE A 74 29.81 35.59 -25.40
CA ILE A 74 29.73 34.42 -26.29
C ILE A 74 31.15 33.95 -26.58
N ASP A 75 31.43 32.67 -26.34
CA ASP A 75 32.75 32.08 -26.65
C ASP A 75 32.55 30.62 -27.07
N GLU A 76 32.68 30.37 -28.37
CA GLU A 76 32.56 29.04 -29.01
C GLU A 76 33.50 28.03 -28.33
N ALA A 77 34.73 28.41 -28.02
CA ALA A 77 35.79 27.48 -27.55
C ALA A 77 35.39 26.85 -26.22
N THR A 78 34.72 27.59 -25.35
CA THR A 78 34.32 27.16 -23.98
C THR A 78 32.80 26.96 -23.89
N TYR A 79 32.09 26.99 -25.03
CA TYR A 79 30.63 26.73 -25.10
C TYR A 79 29.87 27.66 -24.13
N THR A 80 30.28 28.94 -24.08
CA THR A 80 29.76 29.96 -23.14
C THR A 80 28.79 30.85 -23.91
N TYR A 81 27.57 31.03 -23.38
CA TYR A 81 26.59 31.96 -23.98
C TYR A 81 25.79 32.62 -22.87
N ASP A 82 26.02 33.92 -22.68
CA ASP A 82 25.35 34.74 -21.65
C ASP A 82 24.52 35.80 -22.39
N TYR A 83 23.27 35.97 -22.00
CA TYR A 83 22.33 36.83 -22.73
C TYR A 83 21.24 37.31 -21.77
N THR A 84 20.61 38.43 -22.09
CA THR A 84 19.60 39.10 -21.27
C THR A 84 18.33 39.25 -22.12
N ILE A 85 17.19 38.85 -21.58
CA ILE A 85 15.87 39.14 -22.21
C ILE A 85 15.24 40.34 -21.49
N SER A 86 14.85 41.35 -22.27
CA SER A 86 14.16 42.55 -21.73
C SER A 86 13.20 43.16 -22.72
N GLY A 87 12.39 44.08 -22.24
CA GLY A 87 11.75 45.16 -23.00
C GLY A 87 10.78 44.64 -24.05
N GLY A 88 10.56 45.46 -25.07
CA GLY A 88 9.54 45.20 -26.09
C GLY A 88 8.15 45.25 -25.51
N THR A 89 7.21 44.61 -26.20
CA THR A 89 5.75 44.61 -25.91
C THR A 89 5.29 43.24 -25.38
N GLY A 90 6.13 42.21 -25.45
CA GLY A 90 5.73 40.83 -25.12
C GLY A 90 6.30 40.41 -23.77
N PHE A 91 7.08 41.23 -23.06
CA PHE A 91 7.85 40.78 -21.87
C PHE A 91 6.91 40.69 -20.66
N GLN A 92 7.27 39.85 -19.70
CA GLN A 92 6.58 39.72 -18.39
C GLN A 92 6.45 41.11 -17.75
N GLU A 93 5.24 41.46 -17.25
CA GLU A 93 4.97 42.83 -16.76
C GLU A 93 5.78 43.13 -15.49
N ILE A 94 5.98 42.15 -14.63
CA ILE A 94 6.62 42.35 -13.28
C ILE A 94 8.14 42.38 -13.43
N LEU A 95 8.70 42.09 -14.62
CA LEU A 95 10.15 41.95 -14.82
C LEU A 95 10.72 43.21 -15.50
N GLU A 96 11.85 43.67 -15.00
CA GLU A 96 12.73 44.63 -15.73
C GLU A 96 13.53 43.84 -16.77
N LYS A 97 14.08 42.68 -16.39
CA LYS A 97 14.90 41.85 -17.31
C LYS A 97 15.16 40.48 -16.65
N VAL A 98 15.56 39.52 -17.47
CA VAL A 98 16.11 38.22 -16.96
C VAL A 98 17.43 37.97 -17.66
N SER A 99 18.47 37.76 -16.88
CA SER A 99 19.82 37.50 -17.41
C SER A 99 20.17 36.02 -17.24
N PHE A 100 20.69 35.42 -18.29
CA PHE A 100 21.07 33.98 -18.38
C PHE A 100 22.59 33.90 -18.58
N LYS A 101 23.21 33.01 -17.83
CA LYS A 101 24.60 32.57 -18.06
C LYS A 101 24.58 31.08 -18.32
N THR A 102 24.98 30.64 -19.50
CA THR A 102 24.92 29.22 -19.90
C THR A 102 26.34 28.76 -20.23
N LYS A 103 26.65 27.51 -19.89
CA LYS A 103 27.97 26.90 -20.20
C LYS A 103 27.74 25.41 -20.41
N LEU A 104 28.24 24.87 -21.51
CA LEU A 104 28.27 23.42 -21.76
C LEU A 104 29.68 22.90 -21.39
N GLU A 105 29.77 21.64 -20.97
CA GLU A 105 31.04 20.90 -20.92
C GLU A 105 30.78 19.47 -21.33
N ALA A 106 31.82 18.78 -21.77
CA ALA A 106 31.77 17.35 -22.12
C ALA A 106 31.33 16.57 -20.88
N ALA A 107 30.41 15.62 -21.03
CA ALA A 107 30.13 14.60 -20.01
C ALA A 107 29.64 13.33 -20.71
N ASP A 108 30.37 12.23 -20.56
CA ASP A 108 29.91 10.85 -20.93
C ASP A 108 29.49 10.80 -22.42
N GLY A 109 30.25 11.41 -23.31
CA GLY A 109 29.97 11.45 -24.76
C GLY A 109 28.95 12.53 -25.11
N GLY A 110 28.30 13.14 -24.10
CA GLY A 110 27.30 14.19 -24.30
C GLY A 110 27.77 15.50 -23.65
N SER A 111 26.82 16.28 -23.14
CA SER A 111 27.10 17.61 -22.57
C SER A 111 26.49 17.70 -21.17
N LYS A 112 27.24 18.29 -20.23
CA LYS A 112 26.66 18.86 -18.99
C LYS A 112 26.32 20.34 -19.23
N ILE A 113 25.10 20.73 -18.89
CA ILE A 113 24.61 22.13 -19.11
C ILE A 113 24.56 22.84 -17.76
N LYS A 114 25.31 23.92 -17.61
CA LYS A 114 25.32 24.72 -16.36
C LYS A 114 24.66 26.06 -16.66
N VAL A 115 23.61 26.37 -15.92
CA VAL A 115 22.87 27.64 -16.07
C VAL A 115 22.81 28.42 -14.74
N SER A 116 22.99 29.71 -14.84
CA SER A 116 22.68 30.72 -13.80
C SER A 116 21.67 31.74 -14.37
N VAL A 117 20.50 31.86 -13.74
CA VAL A 117 19.40 32.76 -14.20
C VAL A 117 19.11 33.78 -13.11
N THR A 118 19.17 35.06 -13.46
CA THR A 118 18.86 36.17 -12.53
C THR A 118 17.65 36.92 -13.06
N PHE A 119 16.54 36.83 -12.32
CA PHE A 119 15.30 37.62 -12.54
C PHE A 119 15.45 38.97 -11.82
N HIS A 120 15.25 40.06 -12.55
CA HIS A 120 15.18 41.44 -11.98
C HIS A 120 13.73 41.87 -12.03
N THR A 121 13.08 41.91 -10.86
CA THR A 121 11.66 42.35 -10.77
C THR A 121 11.64 43.87 -10.61
N LYS A 122 10.55 44.50 -11.01
CA LYS A 122 10.29 45.95 -10.76
C LYS A 122 10.21 46.18 -9.26
N GLY A 123 10.74 47.34 -8.83
CA GLY A 123 10.80 47.75 -7.42
C GLY A 123 11.39 46.65 -6.58
N ASP A 124 10.67 46.27 -5.52
CA ASP A 124 11.11 45.23 -4.52
C ASP A 124 10.20 44.01 -4.66
N ALA A 125 9.58 43.80 -5.83
CA ALA A 125 8.61 42.72 -6.01
C ALA A 125 9.29 41.37 -5.82
N PRO A 126 8.65 40.42 -5.10
CA PRO A 126 9.07 39.02 -5.14
C PRO A 126 8.77 38.48 -6.54
N LEU A 127 9.45 37.39 -6.91
CA LEU A 127 9.25 36.70 -8.18
C LEU A 127 8.06 35.76 -8.02
N PRO A 128 6.92 36.00 -8.69
CA PRO A 128 5.79 35.08 -8.60
C PRO A 128 6.20 33.72 -9.19
N ASP A 129 5.70 32.65 -8.62
CA ASP A 129 5.92 31.26 -9.09
C ASP A 129 5.56 31.15 -10.58
N GLU A 130 4.49 31.83 -11.00
CA GLU A 130 3.94 31.71 -12.39
C GLU A 130 4.95 32.31 -13.36
N VAL A 131 5.66 33.37 -12.97
CA VAL A 131 6.63 34.04 -13.87
C VAL A 131 7.90 33.21 -13.97
N HIS A 132 8.42 32.71 -12.86
CA HIS A 132 9.55 31.74 -12.82
C HIS A 132 9.22 30.58 -13.76
N GLN A 133 8.04 29.98 -13.59
CA GLN A 133 7.59 28.80 -14.33
C GLN A 133 7.54 29.12 -15.82
N ASP A 134 6.98 30.26 -16.19
CA ASP A 134 6.79 30.62 -17.62
C ASP A 134 8.17 30.87 -18.28
N VAL A 135 9.07 31.61 -17.64
CA VAL A 135 10.42 31.86 -18.21
C VAL A 135 11.18 30.53 -18.34
N LYS A 136 11.08 29.67 -17.34
CA LYS A 136 11.76 28.34 -17.32
C LYS A 136 11.20 27.45 -18.42
N GLN A 137 9.90 27.31 -18.52
CA GLN A 137 9.26 26.46 -19.55
C GLN A 137 9.68 26.93 -20.94
N LYS A 138 9.69 28.24 -21.21
CA LYS A 138 10.04 28.78 -22.54
C LYS A 138 11.52 28.55 -22.83
N SER A 139 12.37 28.74 -21.82
CA SER A 139 13.84 28.59 -21.96
C SER A 139 14.12 27.12 -22.26
N GLN A 140 13.45 26.23 -21.52
CA GLN A 140 13.65 24.77 -21.67
C GLN A 140 13.12 24.37 -23.01
N GLY A 141 11.94 24.88 -23.38
CA GLY A 141 11.26 24.53 -24.63
C GLY A 141 12.13 24.79 -25.82
N ILE A 142 12.71 25.97 -25.94
CA ILE A 142 13.57 26.34 -27.09
C ILE A 142 14.78 25.41 -27.13
N PHE A 143 15.50 25.33 -26.00
CA PHE A 143 16.74 24.54 -25.91
C PHE A 143 16.42 23.08 -26.28
N LYS A 144 15.36 22.51 -25.69
CA LYS A 144 15.01 21.08 -25.86
C LYS A 144 14.38 20.80 -27.24
N ALA A 145 13.72 21.76 -27.88
CA ALA A 145 13.25 21.61 -29.28
C ALA A 145 14.48 21.49 -30.18
N ILE A 146 15.50 22.33 -29.97
CA ILE A 146 16.73 22.28 -30.82
C ILE A 146 17.45 20.96 -30.60
N GLU A 147 17.64 20.57 -29.34
CA GLU A 147 18.32 19.30 -28.97
C GLU A 147 17.64 18.13 -29.66
N GLY A 148 16.31 18.07 -29.66
CA GLY A 148 15.54 17.02 -30.32
C GLY A 148 15.79 17.04 -31.84
N TYR A 149 15.78 18.24 -32.43
CA TYR A 149 16.14 18.43 -33.85
C TYR A 149 17.53 17.83 -34.13
N VAL A 150 18.52 18.15 -33.30
CA VAL A 150 19.92 17.69 -33.51
C VAL A 150 19.94 16.16 -33.45
N LEU A 151 19.22 15.58 -32.50
CA LEU A 151 19.16 14.10 -32.35
C LEU A 151 18.52 13.48 -33.60
N SER A 152 17.50 14.13 -34.16
CA SER A 152 16.79 13.60 -35.36
C SER A 152 17.72 13.55 -36.57
N ASN A 153 18.67 14.49 -36.64
CA ASN A 153 19.54 14.63 -37.84
C ASN A 153 20.78 13.74 -37.70
N GLY B 2 -43.92 -16.46 -51.56
CA GLY B 2 -44.19 -17.52 -52.55
C GLY B 2 -44.62 -18.80 -51.86
N VAL B 3 -45.44 -19.61 -52.54
CA VAL B 3 -45.95 -20.92 -52.03
C VAL B 3 -45.29 -22.02 -52.85
N HIS B 4 -44.58 -22.95 -52.18
CA HIS B 4 -44.09 -24.19 -52.83
C HIS B 4 -44.65 -25.41 -52.09
N THR B 5 -45.28 -26.34 -52.82
CA THR B 5 -46.04 -27.46 -52.20
C THR B 5 -45.44 -28.80 -52.63
N PHE B 6 -45.34 -29.72 -51.68
CA PHE B 6 -44.81 -31.07 -51.89
C PHE B 6 -45.76 -32.09 -51.27
N GLU B 7 -45.82 -33.29 -51.84
CA GLU B 7 -46.62 -34.45 -51.36
C GLU B 7 -45.68 -35.63 -51.30
N GLU B 8 -45.75 -36.41 -50.24
CA GLU B 8 -44.87 -37.58 -50.05
C GLU B 8 -45.65 -38.66 -49.30
N GLU B 9 -45.27 -39.91 -49.52
CA GLU B 9 -45.81 -41.09 -48.82
C GLU B 9 -44.64 -41.94 -48.37
N SER B 10 -44.75 -42.54 -47.20
CA SER B 10 -43.77 -43.51 -46.65
C SER B 10 -44.55 -44.52 -45.81
N THR B 11 -43.91 -45.60 -45.39
CA THR B 11 -44.61 -46.65 -44.62
C THR B 11 -43.83 -46.85 -43.32
N SER B 12 -44.51 -47.38 -42.33
CA SER B 12 -43.97 -47.79 -41.02
C SER B 12 -44.52 -49.18 -40.74
N PRO B 13 -43.74 -50.06 -40.08
CA PRO B 13 -44.28 -51.31 -39.56
C PRO B 13 -45.16 -51.10 -38.31
N VAL B 14 -45.15 -49.89 -37.78
CA VAL B 14 -45.97 -49.60 -36.56
C VAL B 14 -47.42 -49.34 -36.98
N PRO B 15 -48.41 -49.98 -36.35
CA PRO B 15 -49.81 -49.68 -36.62
C PRO B 15 -50.23 -48.26 -36.24
N PRO B 16 -51.21 -47.67 -36.94
CA PRO B 16 -51.47 -46.22 -36.91
C PRO B 16 -51.87 -45.63 -35.55
N ALA B 17 -52.68 -46.34 -34.78
CA ALA B 17 -53.04 -45.81 -33.44
C ALA B 17 -51.78 -45.67 -32.58
N LYS B 18 -50.94 -46.70 -32.54
CA LYS B 18 -49.68 -46.68 -31.76
C LYS B 18 -48.75 -45.59 -32.32
N LEU B 19 -48.64 -45.49 -33.63
CA LEU B 19 -47.74 -44.50 -34.29
C LEU B 19 -48.24 -43.08 -34.04
N PHE B 20 -49.56 -42.88 -34.15
CA PHE B 20 -50.19 -41.57 -33.92
C PHE B 20 -49.98 -41.15 -32.45
N LYS B 21 -50.25 -42.05 -31.51
CA LYS B 21 -50.04 -41.76 -30.07
C LYS B 21 -48.60 -41.27 -29.82
N ALA B 22 -47.62 -41.99 -30.32
CA ALA B 22 -46.20 -41.68 -30.04
C ALA B 22 -45.81 -40.34 -30.69
N THR B 23 -46.19 -40.11 -31.96
CA THR B 23 -45.66 -38.98 -32.74
C THR B 23 -46.42 -37.70 -32.43
N VAL B 24 -47.72 -37.78 -32.18
CA VAL B 24 -48.60 -36.59 -32.05
C VAL B 24 -48.94 -36.38 -30.57
N VAL B 25 -49.49 -37.34 -29.88
CA VAL B 25 -49.93 -37.17 -28.46
C VAL B 25 -48.72 -37.10 -27.52
N ASP B 26 -47.70 -37.96 -27.67
CA ASP B 26 -46.53 -38.03 -26.76
C ASP B 26 -45.32 -37.34 -27.37
N GLY B 27 -45.46 -36.74 -28.56
CA GLY B 27 -44.35 -36.12 -29.30
C GLY B 27 -43.64 -35.04 -28.50
N ASP B 28 -44.40 -34.18 -27.82
CA ASP B 28 -43.88 -33.07 -27.00
C ASP B 28 -42.93 -33.58 -25.91
N GLU B 29 -43.33 -34.62 -25.19
CA GLU B 29 -42.46 -35.23 -24.16
C GLU B 29 -41.28 -35.98 -24.79
N LEU B 30 -41.49 -36.72 -25.88
CA LEU B 30 -40.44 -37.62 -26.43
C LEU B 30 -39.34 -36.90 -27.20
N THR B 31 -39.70 -35.86 -27.91
CA THR B 31 -38.78 -35.22 -28.88
C THR B 31 -37.54 -34.70 -28.17
N PRO B 32 -37.64 -33.92 -27.07
CA PRO B 32 -36.45 -33.45 -26.37
C PRO B 32 -35.56 -34.54 -25.79
N LYS B 33 -36.16 -35.65 -25.38
CA LYS B 33 -35.41 -36.84 -24.90
C LYS B 33 -34.62 -37.50 -26.04
N LEU B 34 -35.15 -37.54 -27.24
CA LEU B 34 -34.58 -38.35 -28.37
C LEU B 34 -33.64 -37.48 -29.20
N ILE B 35 -33.93 -36.21 -29.38
CA ILE B 35 -33.13 -35.35 -30.32
C ILE B 35 -32.17 -34.48 -29.50
N PRO B 36 -30.84 -34.69 -29.60
CA PRO B 36 -29.87 -33.91 -28.82
C PRO B 36 -30.07 -32.39 -28.90
N ALA B 37 -30.32 -31.81 -30.08
CA ALA B 37 -30.39 -30.34 -30.24
C ALA B 37 -31.62 -29.75 -29.54
N ILE B 38 -32.72 -30.48 -29.39
CA ILE B 38 -34.01 -29.93 -28.87
C ILE B 38 -33.99 -30.00 -27.32
N GLN B 39 -34.09 -28.84 -26.67
CA GLN B 39 -33.99 -28.67 -25.21
C GLN B 39 -35.37 -28.81 -24.59
N SER B 40 -36.42 -28.28 -25.22
CA SER B 40 -37.79 -28.33 -24.64
C SER B 40 -38.84 -27.99 -25.70
N ILE B 41 -40.07 -28.46 -25.42
CA ILE B 41 -41.32 -28.14 -26.12
C ILE B 41 -42.32 -27.77 -25.03
N GLU B 42 -42.64 -26.48 -24.93
CA GLU B 42 -43.62 -25.96 -23.96
C GLU B 42 -44.86 -25.47 -24.69
N ILE B 43 -46.04 -25.89 -24.24
CA ILE B 43 -47.33 -25.31 -24.71
C ILE B 43 -47.41 -23.87 -24.18
N VAL B 44 -47.52 -22.88 -25.07
CA VAL B 44 -47.62 -21.45 -24.67
C VAL B 44 -49.07 -20.99 -24.76
N GLU B 45 -49.91 -21.68 -25.53
CA GLU B 45 -51.35 -21.34 -25.72
C GLU B 45 -52.10 -22.66 -25.97
N GLY B 46 -53.29 -22.81 -25.39
CA GLY B 46 -54.24 -23.90 -25.68
C GLY B 46 -53.91 -25.13 -24.89
N ASN B 47 -54.57 -26.25 -25.18
CA ASN B 47 -54.50 -27.49 -24.36
C ASN B 47 -54.33 -28.75 -25.21
N GLY B 48 -53.93 -28.63 -26.49
CA GLY B 48 -53.64 -29.76 -27.37
C GLY B 48 -54.60 -29.86 -28.55
N GLY B 49 -55.67 -29.04 -28.54
CA GLY B 49 -56.61 -28.94 -29.67
C GLY B 49 -56.13 -27.92 -30.70
N PRO B 50 -56.90 -27.71 -31.80
CA PRO B 50 -56.56 -26.73 -32.83
C PRO B 50 -56.34 -25.33 -32.20
N GLY B 51 -55.36 -24.58 -32.71
CA GLY B 51 -54.96 -23.26 -32.17
C GLY B 51 -53.87 -23.38 -31.10
N THR B 52 -53.55 -24.59 -30.60
CA THR B 52 -52.49 -24.76 -29.58
C THR B 52 -51.17 -24.31 -30.18
N VAL B 53 -50.38 -23.56 -29.44
CA VAL B 53 -49.04 -23.08 -29.88
C VAL B 53 -48.03 -23.66 -28.92
N LYS B 54 -46.95 -24.23 -29.49
CA LYS B 54 -45.84 -24.81 -28.71
C LYS B 54 -44.58 -24.05 -29.11
N LYS B 55 -43.77 -23.76 -28.11
CA LYS B 55 -42.44 -23.14 -28.29
C LYS B 55 -41.41 -24.28 -28.24
N VAL B 56 -40.67 -24.43 -29.33
CA VAL B 56 -39.62 -25.47 -29.47
C VAL B 56 -38.28 -24.75 -29.34
N THR B 57 -37.51 -25.04 -28.30
CA THR B 57 -36.18 -24.48 -28.10
C THR B 57 -35.13 -25.50 -28.53
N ALA B 58 -34.11 -25.07 -29.27
CA ALA B 58 -32.98 -25.94 -29.63
C ALA B 58 -31.67 -25.17 -29.54
N VAL B 59 -30.60 -25.92 -29.41
CA VAL B 59 -29.20 -25.41 -29.33
C VAL B 59 -28.47 -25.83 -30.62
N GLU B 60 -27.77 -24.86 -31.22
CA GLU B 60 -26.77 -25.07 -32.29
C GLU B 60 -25.51 -24.27 -31.95
N ASP B 61 -24.37 -24.96 -31.80
CA ASP B 61 -23.04 -24.33 -31.56
C ASP B 61 -23.08 -23.56 -30.23
N GLY B 62 -23.76 -24.11 -29.22
CA GLY B 62 -23.82 -23.50 -27.88
C GLY B 62 -24.79 -22.33 -27.81
N LYS B 63 -25.58 -22.12 -28.86
CA LYS B 63 -26.52 -20.96 -28.84
C LYS B 63 -27.97 -21.48 -28.87
N THR B 64 -28.83 -20.96 -28.00
CA THR B 64 -30.27 -21.32 -28.03
C THR B 64 -31.04 -20.39 -28.96
N SER B 65 -31.95 -20.95 -29.73
CA SER B 65 -33.09 -20.21 -30.32
C SER B 65 -34.36 -21.05 -30.22
N TYR B 66 -35.46 -20.54 -30.73
CA TYR B 66 -36.76 -21.25 -30.70
C TYR B 66 -37.57 -20.95 -31.96
N VAL B 67 -38.53 -21.83 -32.23
CA VAL B 67 -39.58 -21.65 -33.27
C VAL B 67 -40.93 -21.96 -32.61
N LEU B 68 -42.02 -21.55 -33.27
CA LEU B 68 -43.39 -21.81 -32.77
C LEU B 68 -44.05 -22.87 -33.66
N HIS B 69 -44.71 -23.82 -33.02
CA HIS B 69 -45.44 -24.91 -33.70
C HIS B 69 -46.93 -24.77 -33.34
N LYS B 70 -47.79 -24.65 -34.35
CA LYS B 70 -49.21 -24.30 -34.11
C LYS B 70 -50.10 -25.37 -34.74
N ILE B 71 -50.99 -25.97 -33.94
CA ILE B 71 -51.88 -27.06 -34.41
C ILE B 71 -52.98 -26.43 -35.25
N ASP B 72 -53.04 -26.78 -36.53
CA ASP B 72 -54.15 -26.36 -37.46
C ASP B 72 -55.30 -27.36 -37.34
N ALA B 73 -55.05 -28.66 -37.20
CA ALA B 73 -56.12 -29.68 -37.00
C ALA B 73 -55.52 -30.94 -36.40
N ILE B 74 -56.29 -31.66 -35.63
CA ILE B 74 -55.86 -32.89 -34.93
C ILE B 74 -57.11 -33.75 -34.73
N ASP B 75 -57.05 -35.02 -35.16
CA ASP B 75 -58.18 -35.97 -34.99
C ASP B 75 -57.60 -37.37 -34.83
N GLU B 76 -57.60 -37.88 -33.60
CA GLU B 76 -57.13 -39.22 -33.21
C GLU B 76 -57.79 -40.30 -34.07
N ALA B 77 -59.09 -40.21 -34.33
CA ALA B 77 -59.90 -41.30 -34.95
C ALA B 77 -59.39 -41.56 -36.38
N THR B 78 -58.98 -40.51 -37.09
CA THR B 78 -58.53 -40.58 -38.52
C THR B 78 -57.02 -40.38 -38.62
N TYR B 79 -56.30 -40.36 -37.49
CA TYR B 79 -54.82 -40.22 -37.43
C TYR B 79 -54.36 -38.99 -38.21
N THR B 80 -55.09 -37.88 -38.05
CA THR B 80 -54.88 -36.62 -38.79
C THR B 80 -54.16 -35.62 -37.88
N TYR B 81 -53.07 -35.04 -38.35
CA TYR B 81 -52.34 -33.99 -37.61
C TYR B 81 -51.80 -32.96 -38.60
N ASP B 82 -52.35 -31.76 -38.57
CA ASP B 82 -51.96 -30.63 -39.42
C ASP B 82 -51.39 -29.54 -38.49
N TYR B 83 -50.24 -28.97 -38.84
CA TYR B 83 -49.53 -28.02 -37.96
C TYR B 83 -48.62 -27.12 -38.82
N THR B 84 -48.31 -25.96 -38.30
CA THR B 84 -47.55 -24.89 -38.96
C THR B 84 -46.34 -24.55 -38.09
N ILE B 85 -45.13 -24.55 -38.67
CA ILE B 85 -43.92 -24.03 -38.01
C ILE B 85 -43.64 -22.63 -38.51
N SER B 86 -43.46 -21.67 -37.59
CA SER B 86 -43.16 -20.26 -37.94
C SER B 86 -42.32 -19.60 -36.86
N GLY B 87 -41.81 -18.42 -37.16
CA GLY B 87 -41.51 -17.32 -36.22
C GLY B 87 -40.39 -17.68 -35.27
N GLY B 88 -40.40 -17.02 -34.12
CA GLY B 88 -39.31 -17.11 -33.15
C GLY B 88 -38.00 -16.56 -33.69
N THR B 89 -36.88 -17.04 -33.16
CA THR B 89 -35.50 -16.59 -33.44
C THR B 89 -34.72 -17.66 -34.22
N GLY B 90 -35.23 -18.87 -34.33
CA GLY B 90 -34.49 -20.01 -34.86
C GLY B 90 -34.93 -20.41 -36.25
N PHE B 91 -35.94 -19.76 -36.82
CA PHE B 91 -36.60 -20.27 -38.07
C PHE B 91 -35.73 -19.95 -39.29
N GLN B 92 -35.89 -20.72 -40.34
CA GLN B 92 -35.27 -20.50 -41.67
C GLN B 92 -35.49 -19.04 -42.12
N GLU B 93 -34.42 -18.36 -42.56
CA GLU B 93 -34.48 -16.90 -42.82
C GLU B 93 -35.41 -16.58 -43.99
N ILE B 94 -35.43 -17.42 -45.01
CA ILE B 94 -36.17 -17.15 -46.29
C ILE B 94 -37.65 -17.49 -46.11
N LEU B 95 -38.06 -18.10 -44.99
CA LEU B 95 -39.44 -18.66 -44.82
C LEU B 95 -40.26 -17.75 -43.92
N GLU B 96 -41.51 -17.53 -44.31
CA GLU B 96 -42.55 -16.96 -43.42
C GLU B 96 -43.07 -18.08 -42.53
N LYS B 97 -43.33 -19.26 -43.10
CA LYS B 97 -43.87 -20.43 -42.37
C LYS B 97 -43.81 -21.67 -43.25
N VAL B 98 -43.91 -22.85 -42.62
CA VAL B 98 -44.09 -24.13 -43.34
C VAL B 98 -45.26 -24.86 -42.70
N SER B 99 -46.27 -25.15 -43.52
CA SER B 99 -47.50 -25.82 -43.05
C SER B 99 -47.50 -27.29 -43.49
N PHE B 100 -47.80 -28.19 -42.56
CA PHE B 100 -47.78 -29.66 -42.72
C PHE B 100 -49.20 -30.19 -42.55
N LYS B 101 -49.60 -31.08 -43.44
CA LYS B 101 -50.83 -31.90 -43.30
C LYS B 101 -50.40 -33.36 -43.30
N THR B 102 -50.64 -34.09 -42.22
CA THR B 102 -50.18 -35.49 -42.06
C THR B 102 -51.39 -36.38 -41.82
N LYS B 103 -51.37 -37.58 -42.36
CA LYS B 103 -52.45 -38.58 -42.16
C LYS B 103 -51.81 -39.97 -42.20
N LEU B 104 -52.11 -40.80 -41.23
CA LEU B 104 -51.75 -42.23 -41.22
C LEU B 104 -52.95 -43.05 -41.70
N GLU B 105 -52.70 -44.18 -42.35
CA GLU B 105 -53.73 -45.21 -42.56
C GLU B 105 -53.09 -46.58 -42.40
N ALA B 106 -53.88 -47.58 -42.08
CA ALA B 106 -53.44 -48.99 -41.96
C ALA B 106 -52.86 -49.42 -43.29
N ALA B 107 -51.70 -50.09 -43.28
CA ALA B 107 -51.17 -50.81 -44.47
C ALA B 107 -50.31 -51.99 -43.98
N ASP B 108 -50.73 -53.20 -44.32
CA ASP B 108 -49.95 -54.47 -44.11
C ASP B 108 -49.56 -54.64 -42.64
N GLY B 109 -50.48 -54.37 -41.71
CA GLY B 109 -50.22 -54.49 -40.25
C GLY B 109 -49.52 -53.26 -39.71
N GLY B 110 -49.05 -52.37 -40.57
CA GLY B 110 -48.35 -51.13 -40.21
C GLY B 110 -49.14 -49.91 -40.65
N SER B 111 -48.45 -48.85 -41.01
CA SER B 111 -49.02 -47.52 -41.36
C SER B 111 -48.48 -47.05 -42.71
N LYS B 112 -49.34 -46.45 -43.50
CA LYS B 112 -48.90 -45.58 -44.61
C LYS B 112 -49.01 -44.14 -44.12
N ILE B 113 -47.99 -43.34 -44.35
CA ILE B 113 -47.90 -41.94 -43.87
C ILE B 113 -48.06 -41.04 -45.10
N LYS B 114 -49.13 -40.27 -45.16
CA LYS B 114 -49.37 -39.32 -46.26
C LYS B 114 -49.13 -37.91 -45.74
N VAL B 115 -48.24 -37.20 -46.41
CA VAL B 115 -47.88 -35.81 -46.02
C VAL B 115 -48.06 -34.86 -47.21
N SER B 116 -48.57 -33.68 -46.91
CA SER B 116 -48.63 -32.50 -47.80
C SER B 116 -47.96 -31.32 -47.07
N VAL B 117 -46.92 -30.75 -47.66
CA VAL B 117 -46.10 -29.66 -47.07
C VAL B 117 -46.17 -28.44 -47.96
N THR B 118 -46.53 -27.30 -47.39
CA THR B 118 -46.49 -25.99 -48.09
C THR B 118 -45.47 -25.10 -47.43
N PHE B 119 -44.41 -24.77 -48.18
CA PHE B 119 -43.44 -23.72 -47.77
C PHE B 119 -43.97 -22.36 -48.22
N HIS B 120 -44.07 -21.43 -47.27
CA HIS B 120 -44.34 -20.02 -47.61
C HIS B 120 -43.03 -19.22 -47.51
N THR B 121 -42.52 -18.74 -48.64
CA THR B 121 -41.25 -17.96 -48.66
C THR B 121 -41.58 -16.48 -48.55
N LYS B 122 -40.63 -15.68 -48.05
CA LYS B 122 -40.78 -14.20 -48.00
C LYS B 122 -40.85 -13.66 -49.44
N GLY B 123 -41.67 -12.63 -49.66
CA GLY B 123 -41.91 -12.03 -50.99
C GLY B 123 -42.24 -13.10 -52.00
N ASP B 124 -41.47 -13.15 -53.08
CA ASP B 124 -41.74 -14.08 -54.20
C ASP B 124 -40.57 -15.06 -54.34
N ALA B 125 -39.83 -15.27 -53.24
CA ALA B 125 -38.59 -16.05 -53.33
C ALA B 125 -38.91 -17.48 -53.76
N PRO B 126 -38.13 -18.08 -54.68
CA PRO B 126 -38.14 -19.52 -54.88
C PRO B 126 -37.56 -20.27 -53.68
N LEU B 127 -37.99 -21.51 -53.48
CA LEU B 127 -37.55 -22.28 -52.30
C LEU B 127 -36.17 -22.87 -52.60
N PRO B 128 -35.12 -22.50 -51.85
CA PRO B 128 -33.80 -23.09 -52.05
C PRO B 128 -33.84 -24.60 -51.75
N ASP B 129 -33.14 -25.38 -52.58
CA ASP B 129 -33.01 -26.86 -52.37
C ASP B 129 -32.52 -27.11 -50.94
N GLU B 130 -31.63 -26.26 -50.40
CA GLU B 130 -30.99 -26.44 -49.07
C GLU B 130 -32.04 -26.31 -47.99
N VAL B 131 -33.01 -25.41 -48.19
CA VAL B 131 -34.08 -25.15 -47.19
C VAL B 131 -35.05 -26.33 -47.20
N HIS B 132 -35.46 -26.76 -48.39
CA HIS B 132 -36.36 -27.93 -48.52
C HIS B 132 -35.69 -29.16 -47.89
N GLN B 133 -34.40 -29.35 -48.17
CA GLN B 133 -33.66 -30.52 -47.62
C GLN B 133 -33.65 -30.42 -46.09
N ASP B 134 -33.34 -29.25 -45.55
CA ASP B 134 -33.16 -29.09 -44.07
C ASP B 134 -34.51 -29.32 -43.37
N VAL B 135 -35.60 -28.75 -43.86
CA VAL B 135 -36.92 -28.94 -43.20
C VAL B 135 -37.34 -30.41 -43.32
N LYS B 136 -37.08 -31.05 -44.47
CA LYS B 136 -37.43 -32.47 -44.70
C LYS B 136 -36.61 -33.37 -43.77
N GLN B 137 -35.31 -33.19 -43.71
CA GLN B 137 -34.44 -34.01 -42.84
C GLN B 137 -34.89 -33.89 -41.38
N LYS B 138 -35.18 -32.70 -40.90
CA LYS B 138 -35.60 -32.47 -39.49
C LYS B 138 -36.98 -33.11 -39.24
N SER B 139 -37.91 -32.99 -40.20
CA SER B 139 -39.28 -33.54 -40.08
C SER B 139 -39.15 -35.07 -40.01
N GLN B 140 -38.31 -35.61 -40.89
CA GLN B 140 -38.11 -37.09 -40.99
C GLN B 140 -37.42 -37.53 -39.70
N GLY B 141 -36.40 -36.80 -39.28
CA GLY B 141 -35.59 -37.12 -38.09
C GLY B 141 -36.43 -37.28 -36.87
N ILE B 142 -37.28 -36.33 -36.57
CA ILE B 142 -38.16 -36.38 -35.36
C ILE B 142 -39.08 -37.57 -35.45
N PHE B 143 -39.81 -37.68 -36.57
CA PHE B 143 -40.80 -38.75 -36.78
C PHE B 143 -40.10 -40.11 -36.62
N LYS B 144 -38.96 -40.30 -37.31
CA LYS B 144 -38.27 -41.60 -37.37
C LYS B 144 -37.52 -41.90 -36.04
N ALA B 145 -37.08 -40.89 -35.28
CA ALA B 145 -36.53 -41.12 -33.91
C ALA B 145 -37.64 -41.69 -33.02
N ILE B 146 -38.85 -41.14 -33.08
CA ILE B 146 -39.97 -41.61 -32.23
C ILE B 146 -40.34 -43.04 -32.66
N GLU B 147 -40.48 -43.28 -33.98
CA GLU B 147 -40.84 -44.60 -34.52
C GLU B 147 -39.85 -45.65 -34.02
N GLY B 148 -38.56 -45.36 -34.06
CA GLY B 148 -37.51 -46.25 -33.53
C GLY B 148 -37.66 -46.49 -32.06
N TYR B 149 -37.94 -45.46 -31.29
CA TYR B 149 -38.26 -45.54 -29.84
C TYR B 149 -39.41 -46.53 -29.64
N VAL B 150 -40.51 -46.38 -30.42
CA VAL B 150 -41.73 -47.23 -30.30
C VAL B 150 -41.32 -48.70 -30.59
N LEU B 151 -40.46 -48.93 -31.57
CA LEU B 151 -40.04 -50.30 -31.94
C LEU B 151 -39.18 -50.90 -30.84
N SER B 152 -38.45 -50.13 -30.09
CA SER B 152 -37.43 -50.67 -29.14
C SER B 152 -38.02 -50.82 -27.74
N ASN B 153 -39.17 -50.20 -27.46
CA ASN B 153 -39.81 -50.31 -26.14
C ASN B 153 -40.49 -51.70 -25.99
N GLY C 2 -28.93 -10.12 -57.53
CA GLY C 2 -29.43 -8.98 -58.34
C GLY C 2 -28.71 -7.71 -57.94
N VAL C 3 -28.59 -6.79 -58.89
CA VAL C 3 -27.84 -5.51 -58.72
C VAL C 3 -28.85 -4.38 -58.86
N HIS C 4 -28.96 -3.54 -57.86
CA HIS C 4 -29.93 -2.42 -57.78
C HIS C 4 -29.20 -1.14 -57.46
N THR C 5 -29.19 -0.23 -58.45
CA THR C 5 -28.39 1.00 -58.41
C THR C 5 -29.30 2.19 -58.19
N PHE C 6 -28.83 3.11 -57.33
CA PHE C 6 -29.48 4.42 -57.08
C PHE C 6 -28.40 5.49 -57.17
N GLU C 7 -28.79 6.67 -57.62
CA GLU C 7 -27.92 7.88 -57.68
C GLU C 7 -28.68 8.99 -56.99
N GLU C 8 -28.03 9.69 -56.06
CA GLU C 8 -28.72 10.71 -55.24
C GLU C 8 -27.72 11.85 -55.00
N GLU C 9 -28.26 13.05 -54.83
CA GLU C 9 -27.51 14.28 -54.47
C GLU C 9 -28.19 14.91 -53.27
N SER C 10 -27.40 15.48 -52.38
CA SER C 10 -27.87 16.31 -51.24
C SER C 10 -26.84 17.40 -51.03
N THR C 11 -27.14 18.38 -50.19
CA THR C 11 -26.20 19.48 -49.91
C THR C 11 -25.97 19.52 -48.41
N SER C 12 -24.84 20.10 -48.03
CA SER C 12 -24.45 20.39 -46.64
C SER C 12 -23.97 21.84 -46.61
N PRO C 13 -24.22 22.57 -45.52
CA PRO C 13 -23.57 23.87 -45.31
C PRO C 13 -22.08 23.74 -44.94
N VAL C 14 -21.60 22.54 -44.70
CA VAL C 14 -20.17 22.31 -44.33
C VAL C 14 -19.36 22.22 -45.62
N PRO C 15 -18.29 23.02 -45.76
CA PRO C 15 -17.40 22.92 -46.92
C PRO C 15 -16.72 21.56 -47.03
N PRO C 16 -16.33 21.13 -48.25
CA PRO C 16 -15.95 19.74 -48.48
C PRO C 16 -14.73 19.23 -47.71
N ALA C 17 -13.68 20.03 -47.50
CA ALA C 17 -12.47 19.57 -46.79
C ALA C 17 -12.85 19.20 -45.33
N LYS C 18 -13.56 20.09 -44.66
CA LYS C 18 -14.02 19.86 -43.25
C LYS C 18 -14.97 18.67 -43.23
N LEU C 19 -15.87 18.54 -44.21
CA LEU C 19 -16.89 17.48 -44.21
C LEU C 19 -16.20 16.15 -44.48
N PHE C 20 -15.26 16.14 -45.43
CA PHE C 20 -14.48 14.93 -45.78
C PHE C 20 -13.66 14.48 -44.57
N LYS C 21 -12.95 15.40 -43.93
CA LYS C 21 -12.12 15.06 -42.74
C LYS C 21 -12.99 14.38 -41.67
N ALA C 22 -14.16 14.95 -41.36
CA ALA C 22 -15.03 14.41 -40.29
C ALA C 22 -15.61 13.05 -40.67
N THR C 23 -16.10 12.87 -41.89
CA THR C 23 -16.89 11.68 -42.28
C THR C 23 -15.95 10.54 -42.68
N VAL C 24 -14.82 10.84 -43.29
CA VAL C 24 -13.94 9.80 -43.90
C VAL C 24 -12.71 9.60 -43.00
N VAL C 25 -11.95 10.62 -42.69
CA VAL C 25 -10.72 10.48 -41.84
C VAL C 25 -11.08 10.22 -40.37
N ASP C 26 -12.07 10.92 -39.79
CA ASP C 26 -12.38 10.82 -38.33
C ASP C 26 -13.65 9.97 -38.11
N GLY C 27 -14.21 9.39 -39.19
CA GLY C 27 -15.50 8.66 -39.10
C GLY C 27 -15.49 7.51 -38.09
N ASP C 28 -14.38 6.77 -38.06
CA ASP C 28 -14.18 5.57 -37.21
C ASP C 28 -14.26 5.96 -35.73
N GLU C 29 -13.70 7.09 -35.35
CA GLU C 29 -13.71 7.63 -33.96
C GLU C 29 -15.11 8.20 -33.63
N LEU C 30 -15.73 8.97 -34.54
CA LEU C 30 -16.99 9.71 -34.23
C LEU C 30 -18.19 8.78 -34.20
N THR C 31 -18.24 7.79 -35.10
CA THR C 31 -19.48 7.03 -35.32
C THR C 31 -19.94 6.35 -34.03
N PRO C 32 -19.08 5.57 -33.35
CA PRO C 32 -19.50 4.87 -32.12
C PRO C 32 -19.86 5.84 -30.98
N LYS C 33 -19.25 7.02 -30.94
CA LYS C 33 -19.56 8.06 -29.96
C LYS C 33 -20.98 8.63 -30.21
N LEU C 34 -21.35 8.88 -31.45
CA LEU C 34 -22.62 9.54 -31.78
C LEU C 34 -23.75 8.53 -31.96
N ILE C 35 -23.47 7.35 -32.49
CA ILE C 35 -24.57 6.39 -32.73
C ILE C 35 -24.62 5.32 -31.63
N PRO C 36 -25.70 5.27 -30.84
CA PRO C 36 -25.80 4.35 -29.72
C PRO C 36 -25.69 2.87 -30.08
N ALA C 37 -26.30 2.46 -31.19
CA ALA C 37 -26.28 1.04 -31.62
C ALA C 37 -24.86 0.58 -32.00
N ILE C 38 -23.98 1.47 -32.42
CA ILE C 38 -22.62 1.06 -32.88
C ILE C 38 -21.66 1.08 -31.70
N GLN C 39 -21.09 -0.09 -31.39
CA GLN C 39 -20.20 -0.28 -30.22
C GLN C 39 -18.75 0.01 -30.60
N SER C 40 -18.33 -0.41 -31.80
CA SER C 40 -16.91 -0.30 -32.20
C SER C 40 -16.75 -0.45 -33.71
N ILE C 41 -15.66 0.14 -34.17
CA ILE C 41 -15.10 0.08 -35.55
C ILE C 41 -13.63 -0.25 -35.36
N GLU C 42 -13.25 -1.48 -35.67
CA GLU C 42 -11.86 -1.99 -35.52
C GLU C 42 -11.30 -2.22 -36.93
N ILE C 43 -10.15 -1.62 -37.22
CA ILE C 43 -9.39 -1.89 -38.46
C ILE C 43 -8.85 -3.31 -38.35
N VAL C 44 -9.18 -4.19 -39.29
CA VAL C 44 -8.70 -5.60 -39.34
C VAL C 44 -7.50 -5.67 -40.29
N GLU C 45 -7.44 -4.80 -41.30
CA GLU C 45 -6.27 -4.75 -42.21
C GLU C 45 -6.12 -3.37 -42.83
N GLY C 46 -4.87 -2.95 -43.02
CA GLY C 46 -4.52 -1.71 -43.74
C GLY C 46 -4.48 -0.55 -42.79
N ASN C 47 -4.27 0.67 -43.32
CA ASN C 47 -4.07 1.87 -42.47
C ASN C 47 -4.85 3.08 -43.03
N GLY C 48 -5.87 2.87 -43.86
CA GLY C 48 -6.80 3.93 -44.31
C GLY C 48 -6.75 4.12 -45.81
N GLY C 49 -5.84 3.43 -46.51
CA GLY C 49 -5.84 3.46 -48.00
C GLY C 49 -6.78 2.39 -48.56
N PRO C 50 -6.88 2.29 -49.91
CA PRO C 50 -7.66 1.25 -50.58
C PRO C 50 -7.32 -0.15 -50.07
N GLY C 51 -8.32 -1.03 -49.89
CA GLY C 51 -8.15 -2.38 -49.32
C GLY C 51 -8.24 -2.42 -47.80
N THR C 52 -8.26 -1.28 -47.11
CA THR C 52 -8.45 -1.24 -45.63
C THR C 52 -9.80 -1.89 -45.28
N VAL C 53 -9.83 -2.78 -44.31
CA VAL C 53 -11.07 -3.49 -43.89
C VAL C 53 -11.34 -3.14 -42.44
N LYS C 54 -12.60 -2.82 -42.11
CA LYS C 54 -13.05 -2.49 -40.76
C LYS C 54 -14.16 -3.46 -40.39
N LYS C 55 -14.16 -3.89 -39.13
CA LYS C 55 -15.27 -4.63 -38.53
C LYS C 55 -16.12 -3.65 -37.72
N VAL C 56 -17.38 -3.48 -38.10
CA VAL C 56 -18.33 -2.58 -37.39
C VAL C 56 -19.29 -3.45 -36.57
N THR C 57 -19.24 -3.35 -35.26
CA THR C 57 -20.10 -4.12 -34.34
C THR C 57 -21.23 -3.25 -33.83
N ALA C 58 -22.46 -3.76 -33.80
CA ALA C 58 -23.61 -3.00 -33.29
C ALA C 58 -24.57 -3.91 -32.57
N VAL C 59 -25.36 -3.30 -31.73
CA VAL C 59 -26.34 -4.06 -30.91
C VAL C 59 -27.72 -3.58 -31.30
N GLU C 60 -28.61 -4.52 -31.52
CA GLU C 60 -30.04 -4.25 -31.79
C GLU C 60 -30.80 -5.23 -30.93
N ASP C 61 -31.81 -4.74 -30.20
CA ASP C 61 -32.66 -5.62 -29.36
C ASP C 61 -31.79 -6.43 -28.40
N GLY C 62 -30.78 -5.79 -27.76
CA GLY C 62 -29.84 -6.51 -26.89
C GLY C 62 -29.24 -7.71 -27.58
N LYS C 63 -28.80 -7.59 -28.84
CA LYS C 63 -28.23 -8.69 -29.65
C LYS C 63 -27.11 -8.09 -30.50
N THR C 64 -25.96 -8.72 -30.46
CA THR C 64 -24.74 -8.17 -31.10
C THR C 64 -24.55 -8.81 -32.47
N SER C 65 -24.31 -8.03 -33.53
CA SER C 65 -23.82 -8.52 -34.84
C SER C 65 -22.83 -7.54 -35.41
N TYR C 66 -22.23 -7.86 -36.54
CA TYR C 66 -21.21 -6.99 -37.18
C TYR C 66 -21.35 -7.08 -38.69
N VAL C 67 -20.78 -6.07 -39.36
CA VAL C 67 -20.60 -6.02 -40.83
C VAL C 67 -19.14 -5.64 -41.07
N LEU C 68 -18.72 -5.87 -42.31
CA LEU C 68 -17.34 -5.55 -42.76
C LEU C 68 -17.42 -4.36 -43.72
N HIS C 69 -16.52 -3.40 -43.53
CA HIS C 69 -16.46 -2.19 -44.38
C HIS C 69 -15.08 -2.19 -45.06
N LYS C 70 -15.06 -2.17 -46.39
CA LYS C 70 -13.77 -2.17 -47.13
C LYS C 70 -13.69 -0.92 -47.99
N ILE C 71 -12.56 -0.22 -47.91
CA ILE C 71 -12.30 0.98 -48.73
C ILE C 71 -11.95 0.53 -50.14
N ASP C 72 -12.76 0.88 -51.13
CA ASP C 72 -12.49 0.59 -52.57
C ASP C 72 -11.64 1.73 -53.15
N ALA C 73 -11.88 2.99 -52.78
CA ALA C 73 -11.04 4.11 -53.25
C ALA C 73 -11.17 5.28 -52.30
N ILE C 74 -10.08 6.03 -52.17
CA ILE C 74 -10.05 7.26 -51.36
C ILE C 74 -9.11 8.25 -52.03
N ASP C 75 -9.60 9.47 -52.27
CA ASP C 75 -8.79 10.53 -52.92
C ASP C 75 -9.15 11.87 -52.27
N GLU C 76 -8.29 12.35 -51.39
CA GLU C 76 -8.43 13.61 -50.62
C GLU C 76 -8.61 14.78 -51.60
N ALA C 77 -7.90 14.81 -52.75
CA ALA C 77 -7.86 15.97 -53.65
C ALA C 77 -9.26 16.26 -54.22
N THR C 78 -10.02 15.19 -54.50
CA THR C 78 -11.39 15.27 -55.10
C THR C 78 -12.47 14.88 -54.07
N TYR C 79 -12.13 14.73 -52.79
CA TYR C 79 -13.11 14.37 -51.69
C TYR C 79 -13.92 13.13 -52.07
N THR C 80 -13.21 12.12 -52.61
CA THR C 80 -13.79 10.85 -53.13
C THR C 80 -13.60 9.76 -52.08
N TYR C 81 -14.68 9.06 -51.74
CA TYR C 81 -14.62 7.93 -50.80
C TYR C 81 -15.60 6.86 -51.29
N ASP C 82 -15.04 5.75 -51.74
CA ASP C 82 -15.80 4.58 -52.24
C ASP C 82 -15.54 3.42 -51.31
N TYR C 83 -16.57 2.73 -50.88
CA TYR C 83 -16.47 1.67 -49.85
C TYR C 83 -17.62 0.70 -50.05
N THR C 84 -17.40 -0.52 -49.58
CA THR C 84 -18.35 -1.64 -49.70
C THR C 84 -18.63 -2.12 -48.28
N ILE C 85 -19.92 -2.16 -47.92
CA ILE C 85 -20.35 -2.85 -46.67
C ILE C 85 -20.79 -4.26 -47.03
N SER C 86 -20.18 -5.24 -46.37
CA SER C 86 -20.30 -6.68 -46.69
C SER C 86 -20.81 -7.42 -45.45
N GLY C 87 -21.71 -8.38 -45.63
CA GLY C 87 -22.86 -8.60 -44.74
C GLY C 87 -22.44 -8.91 -43.31
N GLY C 88 -21.40 -9.72 -43.14
CA GLY C 88 -21.06 -10.28 -41.82
C GLY C 88 -22.23 -11.04 -41.22
N THR C 89 -22.58 -10.76 -39.97
CA THR C 89 -23.79 -11.33 -39.32
C THR C 89 -24.89 -10.26 -39.18
N GLY C 90 -24.64 -9.06 -39.73
CA GLY C 90 -25.46 -7.86 -39.48
C GLY C 90 -26.55 -7.66 -40.52
N PHE C 91 -26.23 -7.90 -41.80
CA PHE C 91 -27.19 -7.61 -42.89
C PHE C 91 -28.40 -8.55 -42.76
N GLN C 92 -29.58 -8.06 -43.16
CA GLN C 92 -30.67 -8.96 -43.65
C GLN C 92 -30.10 -9.97 -44.66
N GLU C 93 -30.45 -11.25 -44.46
CA GLU C 93 -29.99 -12.37 -45.33
C GLU C 93 -30.10 -12.06 -46.84
N ILE C 94 -31.19 -11.44 -47.31
CA ILE C 94 -31.35 -11.12 -48.76
C ILE C 94 -30.23 -10.22 -49.36
N LEU C 95 -29.48 -9.47 -48.54
CA LEU C 95 -28.47 -8.47 -49.07
C LEU C 95 -27.07 -9.05 -48.90
N GLU C 96 -26.30 -9.23 -49.95
CA GLU C 96 -24.94 -9.79 -49.75
C GLU C 96 -23.99 -8.63 -49.44
N LYS C 97 -24.16 -7.52 -50.16
CA LYS C 97 -23.26 -6.35 -50.00
C LYS C 97 -23.91 -5.11 -50.61
N VAL C 98 -23.45 -3.97 -50.14
CA VAL C 98 -23.87 -2.64 -50.69
C VAL C 98 -22.57 -1.88 -50.94
N SER C 99 -22.41 -1.42 -52.18
CA SER C 99 -21.23 -0.63 -52.58
C SER C 99 -21.66 0.86 -52.73
N PHE C 100 -20.88 1.74 -52.13
CA PHE C 100 -21.10 3.19 -52.09
C PHE C 100 -19.94 3.85 -52.86
N LYS C 101 -20.30 4.81 -53.71
CA LYS C 101 -19.36 5.76 -54.32
C LYS C 101 -19.80 7.15 -53.90
N THR C 102 -18.98 7.88 -53.14
CA THR C 102 -19.35 9.19 -52.61
C THR C 102 -18.35 10.21 -53.12
N LYS C 103 -18.80 11.42 -53.41
CA LYS C 103 -17.94 12.54 -53.85
C LYS C 103 -18.57 13.82 -53.28
N LEU C 104 -17.75 14.66 -52.64
CA LEU C 104 -18.14 16.03 -52.26
C LEU C 104 -17.62 17.01 -53.29
N GLU C 105 -18.34 18.10 -53.54
CA GLU C 105 -17.80 19.23 -54.31
C GLU C 105 -18.31 20.51 -53.68
N ALA C 106 -17.53 21.58 -53.85
CA ALA C 106 -17.87 22.90 -53.26
C ALA C 106 -19.16 23.37 -53.88
N ALA C 107 -20.10 23.87 -53.07
CA ALA C 107 -21.36 24.48 -53.60
C ALA C 107 -21.84 25.47 -52.56
N ASP C 108 -21.89 26.76 -52.94
CA ASP C 108 -22.57 27.86 -52.18
C ASP C 108 -22.00 27.93 -50.74
N GLY C 109 -20.69 27.83 -50.57
CA GLY C 109 -20.06 27.92 -49.24
C GLY C 109 -20.03 26.55 -48.57
N GLY C 110 -20.83 25.59 -49.04
CA GLY C 110 -20.92 24.25 -48.44
C GLY C 110 -20.48 23.19 -49.42
N SER C 111 -21.13 22.04 -49.37
CA SER C 111 -20.80 20.83 -50.16
C SER C 111 -22.06 20.36 -50.90
N LYS C 112 -21.86 19.89 -52.13
CA LYS C 112 -22.82 18.99 -52.78
C LYS C 112 -22.30 17.57 -52.59
N ILE C 113 -23.17 16.65 -52.18
CA ILE C 113 -22.80 15.25 -51.91
C ILE C 113 -23.40 14.41 -53.03
N LYS C 114 -22.54 13.80 -53.85
CA LYS C 114 -22.97 12.95 -54.98
C LYS C 114 -22.72 11.51 -54.59
N VAL C 115 -23.75 10.70 -54.60
CA VAL C 115 -23.68 9.29 -54.16
C VAL C 115 -24.23 8.38 -55.27
N SER C 116 -23.55 7.28 -55.48
CA SER C 116 -23.98 6.11 -56.25
C SER C 116 -23.96 4.88 -55.34
N VAL C 117 -25.13 4.25 -55.15
CA VAL C 117 -25.30 3.09 -54.25
C VAL C 117 -25.77 1.89 -55.04
N THR C 118 -25.04 0.80 -54.94
CA THR C 118 -25.40 -0.48 -55.59
C THR C 118 -25.67 -1.52 -54.50
N PHE C 119 -26.92 -1.96 -54.39
CA PHE C 119 -27.35 -3.11 -53.57
C PHE C 119 -27.18 -4.41 -54.37
N HIS C 120 -26.46 -5.37 -53.80
CA HIS C 120 -26.30 -6.74 -54.37
C HIS C 120 -27.13 -7.71 -53.51
N THR C 121 -28.23 -8.16 -54.09
CA THR C 121 -29.16 -9.10 -53.41
C THR C 121 -28.69 -10.52 -53.76
N LYS C 122 -29.09 -11.52 -52.96
CA LYS C 122 -28.86 -12.95 -53.25
C LYS C 122 -29.58 -13.32 -54.57
N GLY C 123 -28.98 -14.18 -55.37
CA GLY C 123 -29.54 -14.76 -56.60
C GLY C 123 -30.12 -13.69 -57.50
N ASP C 124 -31.41 -13.76 -57.84
CA ASP C 124 -32.12 -12.79 -58.71
C ASP C 124 -33.12 -11.97 -57.91
N ALA C 125 -32.90 -11.82 -56.61
CA ALA C 125 -33.90 -11.22 -55.70
C ALA C 125 -34.07 -9.75 -56.05
N PRO C 126 -35.30 -9.23 -56.04
CA PRO C 126 -35.53 -7.79 -56.04
C PRO C 126 -35.04 -7.22 -54.70
N LEU C 127 -34.87 -5.91 -54.68
CA LEU C 127 -34.52 -5.15 -53.45
C LEU C 127 -35.84 -4.80 -52.78
N PRO C 128 -36.20 -5.39 -51.61
CA PRO C 128 -37.44 -4.99 -50.95
C PRO C 128 -37.34 -3.54 -50.50
N ASP C 129 -38.45 -2.82 -50.55
CA ASP C 129 -38.55 -1.39 -50.15
C ASP C 129 -38.00 -1.22 -48.73
N GLU C 130 -38.25 -2.18 -47.84
CA GLU C 130 -37.90 -2.08 -46.40
C GLU C 130 -36.38 -2.11 -46.26
N VAL C 131 -35.69 -2.87 -47.09
CA VAL C 131 -34.20 -3.00 -47.03
C VAL C 131 -33.57 -1.73 -47.59
N HIS C 132 -34.08 -1.26 -48.72
CA HIS C 132 -33.61 0.02 -49.31
C HIS C 132 -33.75 1.13 -48.26
N GLN C 133 -34.92 1.22 -47.63
CA GLN C 133 -35.29 2.24 -46.65
C GLN C 133 -34.34 2.16 -45.46
N ASP C 134 -34.09 0.95 -44.96
CA ASP C 134 -33.27 0.77 -43.74
C ASP C 134 -31.81 1.15 -44.05
N VAL C 135 -31.24 0.70 -45.16
CA VAL C 135 -29.82 1.05 -45.50
C VAL C 135 -29.72 2.57 -45.72
N LYS C 136 -30.70 3.18 -46.39
CA LYS C 136 -30.69 4.64 -46.66
C LYS C 136 -30.81 5.43 -45.34
N GLN C 137 -31.75 5.10 -44.49
CA GLN C 137 -31.91 5.79 -43.20
C GLN C 137 -30.63 5.70 -42.36
N LYS C 138 -30.00 4.54 -42.29
CA LYS C 138 -28.75 4.34 -41.49
C LYS C 138 -27.61 5.12 -42.12
N SER C 139 -27.50 5.12 -43.46
CA SER C 139 -26.41 5.83 -44.18
C SER C 139 -26.58 7.31 -43.89
N GLN C 140 -27.81 7.80 -43.97
CA GLN C 140 -28.13 9.23 -43.78
C GLN C 140 -27.86 9.57 -42.30
N GLY C 141 -28.31 8.71 -41.41
CA GLY C 141 -28.20 8.89 -39.95
C GLY C 141 -26.76 9.11 -39.53
N ILE C 142 -25.86 8.24 -39.95
CA ILE C 142 -24.42 8.35 -39.59
C ILE C 142 -23.84 9.64 -40.15
N PHE C 143 -24.03 9.85 -41.45
CA PHE C 143 -23.47 11.04 -42.16
C PHE C 143 -23.99 12.30 -41.49
N LYS C 144 -25.29 12.38 -41.25
CA LYS C 144 -25.95 13.61 -40.72
C LYS C 144 -25.66 13.79 -39.21
N ALA C 145 -25.42 12.73 -38.44
CA ALA C 145 -24.94 12.86 -37.03
C ALA C 145 -23.56 13.52 -37.06
N ILE C 146 -22.65 13.07 -37.93
CA ILE C 146 -21.29 13.64 -38.00
C ILE C 146 -21.36 15.11 -38.46
N GLU C 147 -22.14 15.40 -39.49
CA GLU C 147 -22.31 16.77 -40.04
C GLU C 147 -22.76 17.71 -38.92
N GLY C 148 -23.74 17.29 -38.11
CA GLY C 148 -24.20 18.07 -36.98
C GLY C 148 -23.13 18.26 -35.95
N TYR C 149 -22.37 17.23 -35.65
CA TYR C 149 -21.18 17.28 -34.76
C TYR C 149 -20.22 18.36 -35.27
N VAL C 150 -19.91 18.36 -36.57
CA VAL C 150 -18.96 19.33 -37.20
C VAL C 150 -19.55 20.75 -37.03
N LEU C 151 -20.85 20.93 -37.21
CA LEU C 151 -21.48 22.25 -37.08
C LEU C 151 -21.41 22.75 -35.64
N SER C 152 -21.43 21.88 -34.65
CA SER C 152 -21.52 22.30 -33.24
C SER C 152 -20.13 22.48 -32.60
N ASN C 153 -19.09 21.92 -33.22
CA ASN C 153 -17.70 22.01 -32.72
C ASN C 153 -16.91 22.97 -33.58
N GLY D 2 -10.26 -10.89 -64.54
CA GLY D 2 -10.41 -11.96 -65.60
C GLY D 2 -10.74 -13.29 -64.91
N VAL D 3 -11.40 -14.17 -65.63
CA VAL D 3 -11.87 -15.48 -65.16
C VAL D 3 -11.15 -16.57 -65.96
N HIS D 4 -10.47 -17.48 -65.23
CA HIS D 4 -9.75 -18.64 -65.82
C HIS D 4 -10.20 -19.94 -65.16
N THR D 5 -10.85 -20.82 -65.94
CA THR D 5 -11.50 -22.05 -65.43
C THR D 5 -10.66 -23.28 -65.84
N PHE D 6 -10.51 -24.21 -64.90
CA PHE D 6 -9.85 -25.52 -65.14
C PHE D 6 -10.70 -26.62 -64.55
N GLU D 7 -10.74 -27.76 -65.21
CA GLU D 7 -11.52 -28.96 -64.80
C GLU D 7 -10.55 -30.13 -64.82
N GLU D 8 -10.55 -30.92 -63.76
CA GLU D 8 -9.58 -32.03 -63.63
C GLU D 8 -10.26 -33.17 -62.87
N GLU D 9 -9.81 -34.39 -63.15
CA GLU D 9 -10.22 -35.61 -62.45
C GLU D 9 -8.97 -36.38 -62.04
N SER D 10 -9.01 -36.99 -60.88
CA SER D 10 -7.94 -37.87 -60.36
C SER D 10 -8.62 -38.98 -59.55
N THR D 11 -7.88 -40.01 -59.16
CA THR D 11 -8.49 -41.13 -58.41
C THR D 11 -7.70 -41.28 -57.10
N SER D 12 -8.35 -41.90 -56.13
CA SER D 12 -7.77 -42.32 -54.84
C SER D 12 -8.22 -43.76 -54.61
N PRO D 13 -7.39 -44.60 -53.96
CA PRO D 13 -7.84 -45.90 -53.47
C PRO D 13 -8.76 -45.80 -52.26
N VAL D 14 -8.89 -44.62 -51.67
CA VAL D 14 -9.74 -44.43 -50.46
C VAL D 14 -11.18 -44.23 -50.92
N PRO D 15 -12.13 -45.01 -50.37
CA PRO D 15 -13.54 -44.84 -50.68
C PRO D 15 -14.06 -43.46 -50.24
N PRO D 16 -15.12 -42.94 -50.90
CA PRO D 16 -15.49 -41.54 -50.77
C PRO D 16 -15.89 -41.06 -49.37
N ALA D 17 -16.62 -41.86 -48.59
CA ALA D 17 -17.10 -41.36 -47.28
C ALA D 17 -15.86 -41.14 -46.37
N LYS D 18 -14.94 -42.10 -46.32
CA LYS D 18 -13.68 -41.98 -45.53
C LYS D 18 -12.85 -40.80 -46.07
N LEU D 19 -12.77 -40.64 -47.39
CA LEU D 19 -11.91 -39.60 -48.00
C LEU D 19 -12.54 -38.23 -47.72
N PHE D 20 -13.86 -38.15 -47.84
CA PHE D 20 -14.61 -36.90 -47.56
C PHE D 20 -14.44 -36.51 -46.08
N LYS D 21 -14.62 -37.46 -45.19
CA LYS D 21 -14.49 -37.20 -43.73
C LYS D 21 -13.09 -36.61 -43.43
N ALA D 22 -12.04 -37.22 -43.96
CA ALA D 22 -10.65 -36.79 -43.67
C ALA D 22 -10.38 -35.40 -44.27
N THR D 23 -10.76 -35.16 -45.53
CA THR D 23 -10.32 -33.98 -46.29
C THR D 23 -11.20 -32.77 -45.97
N VAL D 24 -12.50 -32.99 -45.73
CA VAL D 24 -13.47 -31.88 -45.59
C VAL D 24 -13.83 -31.72 -44.12
N VAL D 25 -14.31 -32.75 -43.43
CA VAL D 25 -14.78 -32.63 -42.02
C VAL D 25 -13.59 -32.49 -41.07
N ASP D 26 -12.50 -33.25 -41.23
CA ASP D 26 -11.32 -33.25 -40.32
C ASP D 26 -10.19 -32.43 -40.90
N GLY D 27 -10.37 -31.83 -42.07
CA GLY D 27 -9.32 -31.07 -42.79
C GLY D 27 -8.70 -29.96 -41.94
N ASP D 28 -9.52 -29.22 -41.20
CA ASP D 28 -9.10 -28.05 -40.38
C ASP D 28 -8.11 -28.51 -39.28
N GLU D 29 -8.37 -29.66 -38.66
CA GLU D 29 -7.51 -30.26 -37.61
C GLU D 29 -6.26 -30.89 -38.24
N LEU D 30 -6.37 -31.62 -39.37
CA LEU D 30 -5.22 -32.40 -39.90
C LEU D 30 -4.24 -31.51 -40.63
N THR D 31 -4.72 -30.48 -41.34
CA THR D 31 -3.85 -29.72 -42.28
C THR D 31 -2.67 -29.13 -41.54
N PRO D 32 -2.83 -28.39 -40.42
CA PRO D 32 -1.70 -27.81 -39.71
C PRO D 32 -0.71 -28.86 -39.17
N LYS D 33 -1.20 -30.02 -38.80
CA LYS D 33 -0.34 -31.14 -38.34
C LYS D 33 0.52 -31.68 -39.50
N LEU D 34 -0.03 -31.75 -40.72
CA LEU D 34 0.61 -32.46 -41.85
C LEU D 34 1.45 -31.50 -42.69
N ILE D 35 1.05 -30.24 -42.81
CA ILE D 35 1.78 -29.29 -43.69
C ILE D 35 2.63 -28.37 -42.82
N PRO D 36 3.98 -28.46 -42.89
CA PRO D 36 4.87 -27.64 -42.07
C PRO D 36 4.55 -26.14 -42.09
N ALA D 37 4.28 -25.54 -43.26
CA ALA D 37 4.12 -24.05 -43.35
C ALA D 37 2.82 -23.58 -42.66
N ILE D 38 1.78 -24.42 -42.56
CA ILE D 38 0.45 -23.99 -42.03
C ILE D 38 0.43 -24.12 -40.50
N GLN D 39 0.23 -22.99 -39.81
CA GLN D 39 0.29 -22.91 -38.33
C GLN D 39 -1.09 -23.19 -37.74
N SER D 40 -2.16 -22.71 -38.37
CA SER D 40 -3.53 -22.91 -37.83
C SER D 40 -4.60 -22.62 -38.90
N ILE D 41 -5.77 -23.20 -38.64
CA ILE D 41 -7.04 -22.95 -39.35
C ILE D 41 -8.08 -22.71 -38.26
N GLU D 42 -8.50 -21.43 -38.11
CA GLU D 42 -9.51 -21.01 -37.12
C GLU D 42 -10.80 -20.67 -37.86
N ILE D 43 -11.91 -21.24 -37.43
CA ILE D 43 -13.27 -20.81 -37.85
C ILE D 43 -13.50 -19.41 -37.24
N VAL D 44 -13.74 -18.40 -38.07
CA VAL D 44 -14.03 -17.02 -37.56
C VAL D 44 -15.54 -16.79 -37.56
N GLU D 45 -16.30 -17.51 -38.37
CA GLU D 45 -17.78 -17.43 -38.39
C GLU D 45 -18.40 -18.71 -38.89
N GLY D 46 -19.54 -19.08 -38.31
CA GLY D 46 -20.35 -20.24 -38.69
C GLY D 46 -19.85 -21.47 -37.98
N ASN D 47 -20.37 -22.65 -38.35
CA ASN D 47 -20.12 -23.92 -37.60
C ASN D 47 -19.80 -25.08 -38.56
N GLY D 48 -19.44 -24.81 -39.83
CA GLY D 48 -19.04 -25.85 -40.80
C GLY D 48 -20.02 -25.96 -41.96
N GLY D 49 -21.16 -25.28 -41.90
CA GLY D 49 -22.13 -25.20 -43.00
C GLY D 49 -21.77 -24.08 -43.98
N PRO D 50 -22.55 -23.90 -45.07
CA PRO D 50 -22.35 -22.82 -46.04
C PRO D 50 -22.27 -21.46 -45.36
N GLY D 51 -21.36 -20.58 -45.81
CA GLY D 51 -21.12 -19.25 -45.21
C GLY D 51 -20.09 -19.29 -44.06
N THR D 52 -19.65 -20.47 -43.62
CA THR D 52 -18.54 -20.59 -42.64
C THR D 52 -17.28 -19.95 -43.24
N VAL D 53 -16.59 -19.14 -42.44
CA VAL D 53 -15.34 -18.47 -42.87
C VAL D 53 -14.21 -18.97 -41.97
N LYS D 54 -13.08 -19.31 -42.56
CA LYS D 54 -11.91 -19.85 -41.85
C LYS D 54 -10.72 -18.95 -42.18
N LYS D 55 -9.89 -18.68 -41.19
CA LYS D 55 -8.63 -17.98 -41.37
C LYS D 55 -7.52 -19.03 -41.38
N VAL D 56 -6.76 -19.10 -42.46
CA VAL D 56 -5.62 -20.05 -42.59
C VAL D 56 -4.33 -19.25 -42.48
N THR D 57 -3.55 -19.50 -41.42
CA THR D 57 -2.28 -18.78 -41.16
C THR D 57 -1.11 -19.66 -41.53
N ALA D 58 -0.11 -19.14 -42.23
CA ALA D 58 1.08 -19.92 -42.63
C ALA D 58 2.33 -19.05 -42.59
N VAL D 59 3.48 -19.68 -42.51
CA VAL D 59 4.81 -19.01 -42.41
C VAL D 59 5.58 -19.35 -43.69
N GLU D 60 6.20 -18.34 -44.31
CA GLU D 60 7.26 -18.47 -45.33
C GLU D 60 8.44 -17.57 -44.96
N ASP D 61 9.61 -18.16 -44.76
CA ASP D 61 10.90 -17.42 -44.54
C ASP D 61 10.77 -16.61 -43.23
N GLY D 62 10.16 -17.18 -42.20
CA GLY D 62 9.92 -16.55 -40.88
C GLY D 62 8.80 -15.50 -40.88
N LYS D 63 8.17 -15.18 -42.03
CA LYS D 63 7.07 -14.18 -42.12
C LYS D 63 5.71 -14.90 -42.06
N THR D 64 4.84 -14.47 -41.15
CA THR D 64 3.47 -15.00 -40.98
C THR D 64 2.51 -14.20 -41.87
N SER D 65 1.64 -14.88 -42.59
CA SER D 65 0.49 -14.24 -43.28
C SER D 65 -0.70 -15.20 -43.27
N TYR D 66 -1.86 -14.76 -43.74
CA TYR D 66 -3.09 -15.58 -43.74
C TYR D 66 -3.91 -15.35 -45.01
N VAL D 67 -4.81 -16.30 -45.28
CA VAL D 67 -5.87 -16.15 -46.32
C VAL D 67 -7.19 -16.57 -45.69
N LEU D 68 -8.30 -16.19 -46.34
CA LEU D 68 -9.64 -16.53 -45.83
C LEU D 68 -10.27 -17.61 -46.71
N HIS D 69 -10.86 -18.63 -46.08
CA HIS D 69 -11.66 -19.67 -46.75
C HIS D 69 -13.14 -19.44 -46.43
N LYS D 70 -13.99 -19.43 -47.45
CA LYS D 70 -15.45 -19.43 -47.25
C LYS D 70 -16.06 -20.70 -47.88
N ILE D 71 -16.88 -21.42 -47.11
CA ILE D 71 -17.64 -22.59 -47.65
C ILE D 71 -18.82 -22.06 -48.45
N ASP D 72 -18.86 -22.36 -49.75
CA ASP D 72 -19.99 -22.03 -50.65
C ASP D 72 -21.04 -23.15 -50.57
N ALA D 73 -20.63 -24.43 -50.49
CA ALA D 73 -21.60 -25.56 -50.36
C ALA D 73 -20.88 -26.77 -49.78
N ILE D 74 -21.59 -27.59 -49.03
CA ILE D 74 -21.04 -28.80 -48.38
C ILE D 74 -22.20 -29.79 -48.23
N ASP D 75 -22.02 -31.02 -48.69
CA ASP D 75 -23.07 -32.06 -48.59
C ASP D 75 -22.37 -33.42 -48.44
N GLU D 76 -22.39 -33.98 -47.22
CA GLU D 76 -21.77 -35.28 -46.88
C GLU D 76 -22.33 -36.39 -47.80
N ALA D 77 -23.63 -36.39 -48.10
CA ALA D 77 -24.32 -37.52 -48.78
C ALA D 77 -23.75 -37.69 -50.19
N THR D 78 -23.41 -36.58 -50.86
CA THR D 78 -22.93 -36.55 -52.28
C THR D 78 -21.43 -36.20 -52.32
N TYR D 79 -20.75 -36.16 -51.17
CA TYR D 79 -19.29 -35.90 -51.08
C TYR D 79 -18.93 -34.59 -51.80
N THR D 80 -19.76 -33.56 -51.63
CA THR D 80 -19.66 -32.26 -52.32
C THR D 80 -19.05 -31.23 -51.39
N TYR D 81 -18.01 -30.53 -51.82
CA TYR D 81 -17.41 -29.44 -51.05
C TYR D 81 -16.97 -28.33 -52.00
N ASP D 82 -17.64 -27.20 -51.94
CA ASP D 82 -17.36 -26.00 -52.76
C ASP D 82 -16.93 -24.88 -51.81
N TYR D 83 -15.83 -24.19 -52.14
CA TYR D 83 -15.24 -23.18 -51.23
C TYR D 83 -14.46 -22.18 -52.06
N THR D 84 -14.28 -20.99 -51.50
CA THR D 84 -13.60 -19.86 -52.15
C THR D 84 -12.43 -19.44 -51.24
N ILE D 85 -11.23 -19.32 -51.80
CA ILE D 85 -10.08 -18.74 -51.08
C ILE D 85 -9.88 -17.30 -51.57
N SER D 86 -9.85 -16.36 -50.64
CA SER D 86 -9.61 -14.94 -50.98
C SER D 86 -8.80 -14.23 -49.91
N GLY D 87 -8.35 -13.03 -50.26
CA GLY D 87 -8.06 -11.92 -49.36
C GLY D 87 -6.95 -12.24 -48.38
N GLY D 88 -6.99 -11.58 -47.23
CA GLY D 88 -5.90 -11.63 -46.24
C GLY D 88 -4.64 -11.00 -46.81
N THR D 89 -3.52 -11.38 -46.21
CA THR D 89 -2.16 -10.81 -46.43
C THR D 89 -1.27 -11.81 -47.19
N GLY D 90 -1.69 -13.07 -47.31
CA GLY D 90 -0.85 -14.16 -47.82
C GLY D 90 -1.26 -14.54 -49.23
N PHE D 91 -2.31 -13.91 -49.76
CA PHE D 91 -2.89 -14.33 -51.06
C PHE D 91 -2.03 -13.84 -52.22
N GLN D 92 -2.14 -14.50 -53.38
CA GLN D 92 -1.39 -14.08 -54.60
C GLN D 92 -1.83 -12.66 -54.98
N GLU D 93 -0.85 -11.81 -55.33
CA GLU D 93 -1.10 -10.37 -55.59
C GLU D 93 -2.04 -10.20 -56.80
N ILE D 94 -1.92 -11.03 -57.83
CA ILE D 94 -2.68 -10.84 -59.10
C ILE D 94 -4.09 -11.47 -58.99
N LEU D 95 -4.40 -12.16 -57.89
CA LEU D 95 -5.69 -12.87 -57.73
C LEU D 95 -6.63 -12.08 -56.81
N GLU D 96 -7.88 -11.95 -57.21
CA GLU D 96 -8.98 -11.48 -56.33
C GLU D 96 -9.44 -12.67 -55.49
N LYS D 97 -9.61 -13.84 -56.11
CA LYS D 97 -10.10 -15.06 -55.39
C LYS D 97 -9.96 -16.29 -56.30
N VAL D 98 -9.99 -17.47 -55.68
N VAL D 98 -9.99 -17.47 -55.68
CA VAL D 98 -10.06 -18.75 -56.41
CA VAL D 98 -10.07 -18.75 -56.41
C VAL D 98 -11.22 -19.55 -55.82
C VAL D 98 -11.23 -19.54 -55.82
N SER D 99 -12.16 -19.93 -56.69
CA SER D 99 -13.35 -20.70 -56.26
C SER D 99 -13.16 -22.17 -56.73
N PHE D 100 -13.39 -23.10 -55.80
CA PHE D 100 -13.23 -24.55 -56.01
C PHE D 100 -14.60 -25.21 -55.87
N LYS D 101 -14.90 -26.12 -56.79
CA LYS D 101 -16.05 -27.05 -56.68
C LYS D 101 -15.48 -28.46 -56.72
N THR D 102 -15.64 -29.22 -55.64
CA THR D 102 -15.03 -30.57 -55.52
C THR D 102 -16.17 -31.56 -55.32
N LYS D 103 -16.03 -32.75 -55.90
CA LYS D 103 -17.02 -33.85 -55.74
C LYS D 103 -16.26 -35.16 -55.80
N LEU D 104 -16.51 -36.05 -54.87
CA LEU D 104 -16.04 -37.45 -54.91
C LEU D 104 -17.17 -38.33 -55.45
N GLU D 105 -16.80 -39.37 -56.18
CA GLU D 105 -17.74 -40.48 -56.47
C GLU D 105 -17.01 -41.81 -56.32
N ALA D 106 -17.77 -42.86 -56.01
CA ALA D 106 -17.23 -44.24 -55.93
C ALA D 106 -16.59 -44.60 -57.26
N ALA D 107 -15.39 -45.19 -57.24
CA ALA D 107 -14.79 -45.79 -58.46
C ALA D 107 -13.86 -46.93 -57.98
N ASP D 108 -14.21 -48.17 -58.34
CA ASP D 108 -13.34 -49.37 -58.22
C ASP D 108 -12.85 -49.54 -56.77
N GLY D 109 -13.75 -49.39 -55.80
CA GLY D 109 -13.41 -49.56 -54.38
C GLY D 109 -12.82 -48.28 -53.79
N GLY D 110 -12.45 -47.31 -54.63
CA GLY D 110 -11.90 -46.02 -54.20
C GLY D 110 -12.79 -44.87 -54.61
N SER D 111 -12.19 -43.73 -54.92
CA SER D 111 -12.88 -42.46 -55.24
C SER D 111 -12.36 -41.91 -56.55
N LYS D 112 -13.26 -41.35 -57.33
CA LYS D 112 -12.90 -40.42 -58.41
C LYS D 112 -13.11 -39.00 -57.85
N ILE D 113 -12.15 -38.13 -58.03
CA ILE D 113 -12.18 -36.74 -57.52
C ILE D 113 -12.40 -35.82 -58.72
N LYS D 114 -13.55 -35.13 -58.75
CA LYS D 114 -13.90 -34.21 -59.85
C LYS D 114 -13.77 -32.80 -59.31
N VAL D 115 -12.94 -31.99 -59.95
CA VAL D 115 -12.70 -30.60 -59.51
C VAL D 115 -12.95 -29.63 -60.66
N SER D 116 -13.56 -28.50 -60.31
CA SER D 116 -13.68 -27.31 -61.18
C SER D 116 -13.12 -26.11 -60.39
N VAL D 117 -12.10 -25.44 -60.95
CA VAL D 117 -11.39 -24.31 -60.31
C VAL D 117 -11.55 -23.09 -61.19
N THR D 118 -12.03 -21.99 -60.60
CA THR D 118 -12.09 -20.69 -61.28
C THR D 118 -11.16 -19.71 -60.57
N PHE D 119 -10.11 -19.28 -61.29
CA PHE D 119 -9.23 -18.16 -60.86
C PHE D 119 -9.86 -16.84 -61.32
N HIS D 120 -10.00 -15.90 -60.38
CA HIS D 120 -10.42 -14.50 -60.68
C HIS D 120 -9.19 -13.61 -60.51
N THR D 121 -8.66 -13.13 -61.63
CA THR D 121 -7.47 -12.23 -61.62
C THR D 121 -7.97 -10.79 -61.48
N LYS D 122 -7.14 -9.90 -60.97
CA LYS D 122 -7.40 -8.43 -60.92
C LYS D 122 -7.49 -7.91 -62.34
N GLY D 123 -8.40 -6.95 -62.56
CA GLY D 123 -8.68 -6.32 -63.86
C GLY D 123 -8.87 -7.39 -64.92
N ASP D 124 -8.11 -7.28 -66.00
CA ASP D 124 -8.19 -8.17 -67.19
C ASP D 124 -6.91 -9.00 -67.28
N ALA D 125 -6.23 -9.23 -66.15
CA ALA D 125 -4.95 -9.93 -66.15
C ALA D 125 -5.14 -11.36 -66.62
N PRO D 126 -4.23 -11.89 -67.47
CA PRO D 126 -4.16 -13.33 -67.69
C PRO D 126 -3.65 -14.00 -66.42
N LEU D 127 -3.89 -15.30 -66.32
CA LEU D 127 -3.40 -16.14 -65.22
C LEU D 127 -1.99 -16.56 -65.55
N PRO D 128 -0.93 -16.09 -64.83
CA PRO D 128 0.41 -16.57 -65.11
C PRO D 128 0.50 -18.07 -64.79
N ASP D 129 1.27 -18.82 -65.60
CA ASP D 129 1.52 -20.27 -65.39
C ASP D 129 2.00 -20.51 -63.95
N GLU D 130 2.82 -19.62 -63.39
CA GLU D 130 3.46 -19.79 -62.06
C GLU D 130 2.38 -19.73 -60.98
N VAL D 131 1.35 -18.90 -61.16
CA VAL D 131 0.25 -18.76 -60.16
C VAL D 131 -0.66 -19.98 -60.23
N HIS D 132 -1.06 -20.40 -61.43
CA HIS D 132 -1.83 -21.65 -61.66
C HIS D 132 -1.09 -22.81 -60.96
N GLN D 133 0.20 -22.94 -61.22
CA GLN D 133 1.06 -24.03 -60.73
C GLN D 133 1.10 -23.99 -59.22
N ASP D 134 1.27 -22.81 -58.62
CA ASP D 134 1.42 -22.68 -57.15
C ASP D 134 0.08 -23.04 -56.48
N VAL D 135 -1.06 -22.54 -56.97
CA VAL D 135 -2.36 -22.85 -56.34
C VAL D 135 -2.65 -24.35 -56.51
N LYS D 136 -2.33 -24.93 -57.66
CA LYS D 136 -2.55 -26.36 -57.94
C LYS D 136 -1.68 -27.22 -57.02
N GLN D 137 -0.39 -26.95 -56.95
CA GLN D 137 0.53 -27.71 -56.08
C GLN D 137 0.04 -27.67 -54.63
N LYS D 138 -0.37 -26.52 -54.11
CA LYS D 138 -0.83 -26.38 -52.70
C LYS D 138 -2.14 -27.14 -52.50
N SER D 139 -3.06 -27.06 -53.47
CA SER D 139 -4.38 -27.73 -53.39
C SER D 139 -4.13 -29.24 -53.36
N GLN D 140 -3.25 -29.69 -54.24
CA GLN D 140 -2.94 -31.14 -54.39
C GLN D 140 -2.20 -31.56 -53.13
N GLY D 141 -1.26 -30.78 -52.69
CA GLY D 141 -0.40 -31.05 -51.51
C GLY D 141 -1.21 -31.30 -50.29
N ILE D 142 -2.17 -30.44 -49.97
CA ILE D 142 -3.01 -30.61 -48.76
C ILE D 142 -3.82 -31.88 -48.89
N PHE D 143 -4.54 -32.03 -50.03
CA PHE D 143 -5.43 -33.17 -50.27
C PHE D 143 -4.62 -34.46 -50.17
N LYS D 144 -3.47 -34.52 -50.84
CA LYS D 144 -2.63 -35.73 -50.94
C LYS D 144 -1.85 -36.01 -49.62
N ALA D 145 -1.52 -35.00 -48.82
CA ALA D 145 -0.97 -35.21 -47.46
C ALA D 145 -2.03 -35.91 -46.60
N ILE D 146 -3.29 -35.46 -46.66
CA ILE D 146 -4.36 -36.07 -45.83
C ILE D 146 -4.60 -37.50 -46.32
N GLU D 147 -4.72 -37.72 -47.63
CA GLU D 147 -4.95 -39.03 -48.23
C GLU D 147 -3.86 -40.01 -47.77
N GLY D 148 -2.61 -39.61 -47.79
CA GLY D 148 -1.50 -40.42 -47.29
C GLY D 148 -1.63 -40.73 -45.81
N TYR D 149 -2.00 -39.75 -45.02
CA TYR D 149 -2.30 -39.91 -43.57
C TYR D 149 -3.38 -40.99 -43.41
N VAL D 150 -4.48 -40.92 -44.18
CA VAL D 150 -5.61 -41.88 -44.10
C VAL D 150 -5.08 -43.28 -44.45
N LEU D 151 -4.20 -43.40 -45.44
CA LEU D 151 -3.67 -44.72 -45.84
C LEU D 151 -2.77 -45.29 -44.72
N SER D 152 -2.15 -44.44 -43.91
CA SER D 152 -0.99 -44.88 -43.08
C SER D 152 -1.42 -45.20 -41.64
N ASN D 153 -2.53 -44.60 -41.21
CA ASN D 153 -3.16 -44.78 -39.88
C ASN D 153 -3.84 -46.15 -39.83
N GLY E 2 6.03 -4.96 -70.89
CA GLY E 2 5.59 -3.81 -71.75
C GLY E 2 6.33 -2.57 -71.36
N VAL E 3 6.55 -1.69 -72.32
CA VAL E 3 7.36 -0.44 -72.15
C VAL E 3 6.42 0.75 -72.37
N HIS E 4 6.34 1.62 -71.38
CA HIS E 4 5.45 2.81 -71.39
C HIS E 4 6.28 4.03 -71.06
N THR E 5 6.41 4.92 -72.04
CA THR E 5 7.25 6.14 -71.96
C THR E 5 6.39 7.37 -71.79
N PHE E 6 6.85 8.27 -70.93
CA PHE E 6 6.25 9.62 -70.71
C PHE E 6 7.38 10.64 -70.73
N GLU E 7 7.08 11.84 -71.22
CA GLU E 7 7.99 13.01 -71.21
C GLU E 7 7.25 14.15 -70.54
N GLU E 8 7.91 14.83 -69.62
CA GLU E 8 7.28 15.88 -68.78
C GLU E 8 8.31 16.95 -68.48
N GLU E 9 7.83 18.17 -68.25
CA GLU E 9 8.65 19.36 -67.92
C GLU E 9 8.00 20.03 -66.72
N SER E 10 8.80 20.58 -65.83
CA SER E 10 8.38 21.46 -64.71
C SER E 10 9.48 22.49 -64.49
N THR E 11 9.25 23.50 -63.67
CA THR E 11 10.20 24.63 -63.52
C THR E 11 10.48 24.80 -62.04
N SER E 12 11.63 25.36 -61.72
CA SER E 12 12.08 25.69 -60.36
C SER E 12 12.66 27.09 -60.44
N PRO E 13 12.53 27.92 -59.37
CA PRO E 13 13.28 29.16 -59.26
C PRO E 13 14.77 28.95 -58.97
N VAL E 14 15.16 27.73 -58.63
CA VAL E 14 16.58 27.44 -58.28
C VAL E 14 17.34 27.20 -59.57
N PRO E 15 18.47 27.91 -59.80
CA PRO E 15 19.32 27.66 -60.96
C PRO E 15 19.91 26.24 -60.95
N PRO E 16 20.25 25.69 -62.14
CA PRO E 16 20.53 24.28 -62.30
C PRO E 16 21.71 23.71 -61.47
N ALA E 17 22.80 24.43 -61.31
CA ALA E 17 23.97 23.88 -60.54
C ALA E 17 23.57 23.62 -59.07
N LYS E 18 22.94 24.61 -58.46
CA LYS E 18 22.45 24.51 -57.05
C LYS E 18 21.38 23.40 -56.97
N LEU E 19 20.50 23.31 -57.95
CA LEU E 19 19.37 22.37 -57.89
C LEU E 19 19.92 20.95 -58.09
N PHE E 20 20.87 20.81 -59.04
CA PHE E 20 21.52 19.51 -59.32
C PHE E 20 22.30 19.05 -58.09
N LYS E 21 23.08 19.93 -57.48
CA LYS E 21 23.88 19.59 -56.28
C LYS E 21 22.96 19.04 -55.19
N ALA E 22 21.83 19.70 -54.91
CA ALA E 22 20.93 19.30 -53.82
C ALA E 22 20.24 17.95 -54.15
N THR E 23 19.72 17.79 -55.37
CA THR E 23 18.83 16.66 -55.71
C THR E 23 19.65 15.41 -56.07
N VAL E 24 20.81 15.57 -56.69
CA VAL E 24 21.58 14.41 -57.23
C VAL E 24 22.80 14.17 -56.33
N VAL E 25 23.66 15.15 -56.08
CA VAL E 25 24.89 14.93 -55.28
C VAL E 25 24.57 14.74 -53.79
N ASP E 26 23.68 15.56 -53.20
CA ASP E 26 23.35 15.52 -51.75
C ASP E 26 22.02 14.79 -51.54
N GLY E 27 21.39 14.25 -52.56
CA GLY E 27 20.10 13.56 -52.49
C GLY E 27 20.13 12.38 -51.54
N ASP E 28 21.21 11.60 -51.49
CA ASP E 28 21.29 10.40 -50.61
C ASP E 28 21.25 10.83 -49.14
N GLU E 29 21.86 11.95 -48.77
CA GLU E 29 21.84 12.53 -47.40
C GLU E 29 20.47 13.19 -47.11
N LEU E 30 19.91 13.96 -48.05
CA LEU E 30 18.72 14.82 -47.76
C LEU E 30 17.45 13.98 -47.75
N THR E 31 17.33 12.99 -48.64
CA THR E 31 16.04 12.31 -48.86
C THR E 31 15.58 11.64 -47.56
N PRO E 32 16.40 10.84 -46.86
CA PRO E 32 15.95 10.17 -45.64
C PRO E 32 15.61 11.16 -44.50
N LYS E 33 16.29 12.31 -44.51
CA LYS E 33 16.07 13.43 -43.54
C LYS E 33 14.67 14.03 -43.75
N LEU E 34 14.24 14.17 -45.00
CA LEU E 34 13.04 14.95 -45.37
C LEU E 34 11.84 14.02 -45.47
N ILE E 35 11.99 12.80 -45.95
CA ILE E 35 10.84 11.92 -46.20
C ILE E 35 10.74 10.88 -45.09
N PRO E 36 9.68 10.92 -44.24
CA PRO E 36 9.56 9.99 -43.12
C PRO E 36 9.67 8.52 -43.52
N ALA E 37 9.05 8.08 -44.61
CA ALA E 37 8.99 6.68 -45.06
C ALA E 37 10.38 6.14 -45.45
N ILE E 38 11.32 6.97 -45.92
CA ILE E 38 12.66 6.46 -46.35
C ILE E 38 13.62 6.47 -45.17
N GLN E 39 14.11 5.28 -44.80
CA GLN E 39 14.95 5.08 -43.59
C GLN E 39 16.42 5.24 -43.95
N SER E 40 16.83 4.77 -45.12
CA SER E 40 18.27 4.80 -45.52
C SER E 40 18.42 4.59 -47.01
N ILE E 41 19.53 5.11 -47.52
CA ILE E 41 19.99 4.96 -48.92
C ILE E 41 21.46 4.54 -48.84
N GLU E 42 21.73 3.26 -49.05
CA GLU E 42 23.11 2.74 -48.84
C GLU E 42 23.70 2.40 -50.20
N ILE E 43 24.92 2.89 -50.47
CA ILE E 43 25.71 2.47 -51.66
C ILE E 43 26.11 1.01 -51.47
N VAL E 44 25.66 0.12 -52.35
CA VAL E 44 26.02 -1.32 -52.24
C VAL E 44 27.11 -1.63 -53.25
N GLU E 45 27.24 -0.83 -54.31
CA GLU E 45 28.24 -1.04 -55.41
C GLU E 45 28.61 0.34 -55.98
N GLY E 46 29.89 0.54 -56.31
CA GLY E 46 30.38 1.76 -56.99
C GLY E 46 30.61 2.90 -56.06
N ASN E 47 30.88 4.10 -56.58
CA ASN E 47 31.21 5.28 -55.73
C ASN E 47 30.51 6.55 -56.24
N GLY E 48 29.43 6.43 -57.01
CA GLY E 48 28.58 7.58 -57.43
C GLY E 48 28.60 7.79 -58.93
N GLY E 49 29.45 7.06 -59.66
CA GLY E 49 29.46 7.07 -61.14
C GLY E 49 28.45 6.08 -61.71
N PRO E 50 28.36 5.97 -63.06
CA PRO E 50 27.47 5.01 -63.72
C PRO E 50 27.71 3.59 -63.23
N GLY E 51 26.65 2.80 -63.03
CA GLY E 51 26.75 1.41 -62.48
C GLY E 51 26.68 1.38 -60.95
N THR E 52 26.73 2.52 -60.27
CA THR E 52 26.51 2.60 -58.80
C THR E 52 25.12 2.06 -58.48
N VAL E 53 25.01 1.21 -57.46
CA VAL E 53 23.71 0.69 -56.99
C VAL E 53 23.53 1.15 -55.56
N LYS E 54 22.33 1.66 -55.28
CA LYS E 54 21.93 2.11 -53.92
C LYS E 54 20.74 1.25 -53.51
N LYS E 55 20.77 0.84 -52.27
CA LYS E 55 19.63 0.14 -51.63
C LYS E 55 18.83 1.18 -50.84
N VAL E 56 17.58 1.38 -51.23
CA VAL E 56 16.67 2.36 -50.60
C VAL E 56 15.69 1.56 -49.76
N THR E 57 15.77 1.73 -48.43
CA THR E 57 14.87 1.03 -47.51
C THR E 57 13.78 2.00 -47.06
N ALA E 58 12.52 1.57 -47.15
CA ALA E 58 11.39 2.43 -46.77
C ALA E 58 10.37 1.64 -45.98
N VAL E 59 9.57 2.35 -45.21
CA VAL E 59 8.49 1.70 -44.45
C VAL E 59 7.19 2.26 -44.97
N GLU E 60 6.35 1.39 -45.49
CA GLU E 60 5.02 1.72 -46.02
C GLU E 60 4.10 0.78 -45.25
N ASP E 61 3.08 1.30 -44.58
CA ASP E 61 2.14 0.51 -43.73
C ASP E 61 2.93 -0.27 -42.67
N GLY E 62 3.99 0.26 -42.05
CA GLY E 62 4.73 -0.55 -41.05
C GLY E 62 5.73 -1.56 -41.64
N LYS E 63 5.34 -2.30 -42.67
CA LYS E 63 6.15 -3.29 -43.40
C LYS E 63 7.40 -2.60 -43.94
N THR E 64 8.52 -3.25 -43.82
CA THR E 64 9.73 -2.64 -44.34
C THR E 64 10.14 -3.42 -45.57
N SER E 65 10.47 -2.68 -46.60
CA SER E 65 10.99 -3.28 -47.85
C SER E 65 12.03 -2.33 -48.42
N TYR E 66 12.67 -2.76 -49.49
CA TYR E 66 13.69 -1.95 -50.19
C TYR E 66 13.49 -2.12 -51.70
N VAL E 67 14.07 -1.15 -52.42
CA VAL E 67 14.25 -1.20 -53.88
C VAL E 67 15.71 -0.85 -54.14
N LEU E 68 16.14 -1.14 -55.36
CA LEU E 68 17.50 -0.82 -55.84
C LEU E 68 17.40 0.37 -56.79
N HIS E 69 18.31 1.32 -56.59
CA HIS E 69 18.45 2.52 -57.45
C HIS E 69 19.79 2.39 -58.16
N LYS E 70 19.77 2.36 -59.49
CA LYS E 70 21.02 2.14 -60.27
C LYS E 70 21.28 3.35 -61.17
N ILE E 71 22.48 3.92 -61.08
CA ILE E 71 22.83 5.10 -61.92
C ILE E 71 23.13 4.58 -63.32
N ASP E 72 22.35 4.99 -64.31
CA ASP E 72 22.61 4.68 -65.75
C ASP E 72 23.56 5.74 -66.33
N ALA E 73 23.42 7.02 -65.96
CA ALA E 73 24.36 8.07 -66.41
C ALA E 73 24.27 9.26 -65.46
N ILE E 74 25.39 9.93 -65.26
CA ILE E 74 25.45 11.14 -64.38
C ILE E 74 26.51 12.04 -64.99
N ASP E 75 26.16 13.29 -65.23
CA ASP E 75 27.14 14.28 -65.72
C ASP E 75 26.80 15.62 -65.09
N GLU E 76 27.62 16.01 -64.11
CA GLU E 76 27.45 17.28 -63.36
C GLU E 76 27.45 18.48 -64.32
N ALA E 77 28.30 18.46 -65.35
CA ALA E 77 28.54 19.61 -66.24
C ALA E 77 27.26 19.98 -66.98
N THR E 78 26.43 19.00 -67.37
CA THR E 78 25.20 19.17 -68.18
C THR E 78 23.95 18.88 -67.31
N TYR E 79 24.11 18.73 -66.00
CA TYR E 79 22.99 18.55 -65.05
C TYR E 79 22.14 17.34 -65.46
N THR E 80 22.80 16.26 -65.88
CA THR E 80 22.16 15.03 -66.42
C THR E 80 22.20 13.96 -65.33
N TYR E 81 21.08 13.35 -65.02
CA TYR E 81 21.01 12.22 -64.06
C TYR E 81 19.99 11.20 -64.54
N ASP E 82 20.47 10.04 -64.96
CA ASP E 82 19.63 8.93 -65.46
C ASP E 82 19.80 7.77 -64.51
N TYR E 83 18.70 7.17 -64.07
CA TYR E 83 18.73 6.12 -63.04
C TYR E 83 17.51 5.23 -63.20
N THR E 84 17.63 4.00 -62.70
CA THR E 84 16.61 2.94 -62.81
C THR E 84 16.25 2.48 -61.40
N ILE E 85 14.97 2.40 -61.09
CA ILE E 85 14.52 1.78 -59.81
C ILE E 85 13.93 0.41 -60.13
N SER E 86 14.36 -0.62 -59.41
CA SER E 86 13.97 -2.01 -59.71
C SER E 86 13.99 -2.84 -58.44
N GLY E 87 13.33 -4.00 -58.48
CA GLY E 87 13.85 -5.19 -57.79
C GLY E 87 13.61 -5.10 -56.30
N GLY E 88 14.36 -5.87 -55.53
CA GLY E 88 14.15 -5.95 -54.07
C GLY E 88 12.75 -6.46 -53.74
N THR E 89 12.13 -5.92 -52.69
CA THR E 89 10.88 -6.50 -52.14
C THR E 89 9.82 -5.40 -52.06
N GLY E 90 10.24 -4.14 -52.11
CA GLY E 90 9.29 -3.01 -51.97
C GLY E 90 8.84 -2.43 -53.29
N PHE E 91 9.28 -3.00 -54.41
CA PHE E 91 8.95 -2.41 -55.72
C PHE E 91 7.69 -3.07 -56.30
N GLN E 92 6.86 -2.28 -56.97
CA GLN E 92 5.41 -2.52 -57.20
C GLN E 92 5.20 -3.80 -58.01
N GLU E 93 4.14 -4.55 -57.67
CA GLU E 93 3.76 -5.86 -58.27
C GLU E 93 3.93 -5.84 -59.80
N ILE E 94 3.25 -4.91 -60.48
CA ILE E 94 3.06 -5.07 -61.96
C ILE E 94 4.33 -4.61 -62.70
N LEU E 95 5.31 -4.01 -62.00
CA LEU E 95 6.50 -3.38 -62.62
C LEU E 95 7.73 -4.27 -62.46
N GLU E 96 8.48 -4.43 -63.54
CA GLU E 96 9.87 -4.96 -63.51
C GLU E 96 10.80 -3.82 -63.04
N LYS E 97 10.64 -2.62 -63.62
CA LYS E 97 11.53 -1.46 -63.33
C LYS E 97 10.94 -0.16 -63.87
N VAL E 98 11.44 0.96 -63.38
CA VAL E 98 11.15 2.30 -63.96
C VAL E 98 12.48 2.99 -64.18
N SER E 99 12.72 3.41 -65.41
CA SER E 99 13.94 4.14 -65.81
C SER E 99 13.60 5.63 -65.97
N PHE E 100 14.41 6.49 -65.39
CA PHE E 100 14.31 7.96 -65.40
C PHE E 100 15.51 8.53 -66.14
N LYS E 101 15.25 9.48 -67.02
CA LYS E 101 16.28 10.34 -67.65
C LYS E 101 15.93 11.77 -67.29
N THR E 102 16.77 12.45 -66.53
CA THR E 102 16.48 13.80 -66.00
C THR E 102 17.56 14.74 -66.54
N LYS E 103 17.17 15.97 -66.86
CA LYS E 103 18.10 17.01 -67.31
C LYS E 103 17.57 18.36 -66.84
N LEU E 104 18.43 19.18 -66.21
CA LEU E 104 18.08 20.58 -65.89
C LEU E 104 18.66 21.48 -66.95
N GLU E 105 17.96 22.58 -67.25
CA GLU E 105 18.54 23.66 -68.07
C GLU E 105 18.03 24.98 -67.51
N ALA E 106 18.76 26.05 -67.78
CA ALA E 106 18.42 27.42 -67.40
C ALA E 106 17.01 27.77 -67.92
N ALA E 107 16.17 28.36 -67.07
CA ALA E 107 14.94 29.05 -67.50
C ALA E 107 14.53 30.11 -66.47
N ASP E 108 14.38 31.38 -66.89
CA ASP E 108 13.85 32.48 -66.06
C ASP E 108 14.66 32.63 -64.77
N GLY E 109 15.99 32.51 -64.82
CA GLY E 109 16.85 32.64 -63.62
C GLY E 109 16.93 31.34 -62.84
N GLY E 110 16.07 30.37 -63.19
CA GLY E 110 15.86 29.12 -62.49
C GLY E 110 16.20 27.97 -63.40
N SER E 111 15.48 26.85 -63.23
CA SER E 111 15.67 25.60 -63.97
C SER E 111 14.38 25.19 -64.65
N LYS E 112 14.52 24.66 -65.86
CA LYS E 112 13.50 23.78 -66.46
C LYS E 112 13.97 22.36 -66.18
N ILE E 113 13.09 21.50 -65.70
CA ILE E 113 13.39 20.10 -65.36
C ILE E 113 12.74 19.25 -66.44
N LYS E 114 13.56 18.57 -67.26
CA LYS E 114 13.08 17.78 -68.40
C LYS E 114 13.27 16.32 -68.02
N VAL E 115 12.19 15.58 -68.03
CA VAL E 115 12.18 14.17 -67.58
C VAL E 115 11.60 13.28 -68.70
N SER E 116 12.24 12.16 -68.91
CA SER E 116 11.74 11.01 -69.71
C SER E 116 11.71 9.77 -68.82
N VAL E 117 10.52 9.20 -68.64
CA VAL E 117 10.24 8.09 -67.68
C VAL E 117 9.71 6.90 -68.47
N THR E 118 10.37 5.77 -68.31
CA THR E 118 10.00 4.50 -68.97
C THR E 118 9.60 3.49 -67.89
N PHE E 119 8.33 3.14 -67.83
CA PHE E 119 7.77 2.05 -67.02
C PHE E 119 7.91 0.73 -67.79
N HIS E 120 8.53 -0.27 -67.17
CA HIS E 120 8.63 -1.67 -67.70
C HIS E 120 7.69 -2.53 -66.88
N THR E 121 6.58 -2.94 -67.48
CA THR E 121 5.57 -3.79 -66.82
C THR E 121 5.93 -5.25 -67.09
N LYS E 122 5.44 -6.16 -66.24
CA LYS E 122 5.53 -7.63 -66.47
C LYS E 122 4.79 -8.00 -67.76
N GLY E 123 5.33 -8.97 -68.49
CA GLY E 123 4.80 -9.49 -69.77
C GLY E 123 4.46 -8.34 -70.70
N ASP E 124 3.22 -8.26 -71.18
CA ASP E 124 2.74 -7.20 -72.11
C ASP E 124 1.72 -6.32 -71.37
N ALA E 125 1.78 -6.26 -70.05
CA ALA E 125 0.75 -5.57 -69.22
C ALA E 125 0.71 -4.08 -69.58
N PRO E 126 -0.48 -3.48 -69.70
CA PRO E 126 -0.62 -2.03 -69.73
C PRO E 126 -0.22 -1.45 -68.36
N LEU E 127 0.12 -0.16 -68.36
CA LEU E 127 0.46 0.56 -67.12
C LEU E 127 -0.83 1.06 -66.49
N PRO E 128 -1.27 0.54 -65.33
CA PRO E 128 -2.45 1.09 -64.67
C PRO E 128 -2.19 2.55 -64.23
N ASP E 129 -3.22 3.36 -64.32
CA ASP E 129 -3.25 4.80 -63.95
C ASP E 129 -2.75 4.93 -62.49
N GLU E 130 -3.12 3.99 -61.60
CA GLU E 130 -2.80 4.07 -60.15
C GLU E 130 -1.28 3.95 -59.96
N VAL E 131 -0.61 3.13 -60.77
CA VAL E 131 0.84 2.88 -60.66
C VAL E 131 1.60 4.11 -61.21
N HIS E 132 1.14 4.65 -62.33
CA HIS E 132 1.76 5.88 -62.90
C HIS E 132 1.64 7.02 -61.89
N GLN E 133 0.47 7.15 -61.28
CA GLN E 133 0.16 8.20 -60.29
C GLN E 133 1.08 8.04 -59.08
N ASP E 134 1.23 6.82 -58.58
CA ASP E 134 2.01 6.58 -57.35
C ASP E 134 3.51 6.86 -57.62
N VAL E 135 4.06 6.38 -58.72
CA VAL E 135 5.50 6.63 -59.04
C VAL E 135 5.73 8.14 -59.24
N LYS E 136 4.81 8.81 -59.92
CA LYS E 136 4.91 10.26 -60.19
C LYS E 136 4.83 11.05 -58.87
N GLN E 137 3.86 10.80 -58.05
CA GLN E 137 3.69 11.50 -56.75
C GLN E 137 4.96 11.36 -55.89
N LYS E 138 5.53 10.14 -55.81
CA LYS E 138 6.74 9.90 -55.00
C LYS E 138 7.95 10.62 -55.61
N SER E 139 8.07 10.60 -56.93
CA SER E 139 9.20 11.26 -57.64
C SER E 139 9.11 12.76 -57.40
N GLN E 140 7.91 13.29 -57.49
CA GLN E 140 7.65 14.74 -57.32
C GLN E 140 7.93 15.09 -55.85
N GLY E 141 7.41 14.27 -54.96
CA GLY E 141 7.52 14.48 -53.50
C GLY E 141 8.97 14.64 -53.06
N ILE E 142 9.82 13.72 -53.46
CA ILE E 142 11.27 13.76 -53.08
C ILE E 142 11.90 15.03 -53.65
N PHE E 143 11.75 15.23 -54.95
CA PHE E 143 12.38 16.35 -55.68
C PHE E 143 11.92 17.66 -55.03
N LYS E 144 10.62 17.82 -54.81
CA LYS E 144 10.04 19.09 -54.32
C LYS E 144 10.32 19.28 -52.79
N ALA E 145 10.48 18.22 -52.01
CA ALA E 145 10.94 18.34 -50.60
C ALA E 145 12.35 18.93 -50.61
N ILE E 146 13.25 18.42 -51.46
CA ILE E 146 14.65 18.90 -51.49
C ILE E 146 14.66 20.36 -51.96
N GLU E 147 13.94 20.68 -53.03
CA GLU E 147 13.87 22.05 -53.60
C GLU E 147 13.44 23.04 -52.52
N GLY E 148 12.41 22.70 -51.74
CA GLY E 148 11.96 23.54 -50.64
C GLY E 148 13.01 23.69 -49.58
N TYR E 149 13.67 22.59 -49.23
CA TYR E 149 14.82 22.60 -48.28
C TYR E 149 15.86 23.62 -48.76
N VAL E 150 16.23 23.55 -50.05
CA VAL E 150 17.29 24.41 -50.64
C VAL E 150 16.83 25.87 -50.52
N LEU E 151 15.59 26.14 -50.90
CA LEU E 151 15.00 27.49 -50.83
C LEU E 151 15.08 28.04 -49.39
N SER E 152 14.91 27.19 -48.39
CA SER E 152 14.78 27.67 -46.99
C SER E 152 16.13 27.70 -46.27
N ASN E 153 17.18 27.17 -46.90
CA ASN E 153 18.53 27.25 -46.32
C ASN E 153 19.42 28.06 -47.27
N GLY F 2 -20.23 38.66 5.51
CA GLY F 2 -19.83 37.50 6.32
C GLY F 2 -19.11 36.49 5.45
N VAL F 3 -18.18 35.74 6.06
CA VAL F 3 -17.31 34.77 5.33
C VAL F 3 -17.65 33.38 5.87
N HIS F 4 -18.02 32.47 4.99
CA HIS F 4 -18.42 31.08 5.33
C HIS F 4 -17.60 30.13 4.44
N THR F 5 -16.72 29.34 5.07
CA THR F 5 -15.79 28.44 4.38
C THR F 5 -16.24 26.99 4.56
N PHE F 6 -16.14 26.24 3.47
CA PHE F 6 -16.37 24.76 3.48
C PHE F 6 -15.18 24.12 2.76
N GLU F 7 -14.72 23.01 3.30
CA GLU F 7 -13.62 22.18 2.73
C GLU F 7 -14.17 20.78 2.58
N GLU F 8 -14.05 20.23 1.39
CA GLU F 8 -14.68 18.95 1.04
C GLU F 8 -13.75 18.16 0.13
N GLU F 9 -13.88 16.86 0.19
CA GLU F 9 -13.13 15.93 -0.64
C GLU F 9 -14.12 14.89 -1.15
N SER F 10 -13.96 14.54 -2.41
CA SER F 10 -14.74 13.48 -3.07
C SER F 10 -13.81 12.72 -4.01
N THR F 11 -14.24 11.56 -4.46
CA THR F 11 -13.40 10.77 -5.37
C THR F 11 -14.12 10.59 -6.71
N SER F 12 -13.34 10.30 -7.73
CA SER F 12 -13.82 10.03 -9.10
C SER F 12 -13.03 8.85 -9.63
N PRO F 13 -13.64 7.95 -10.43
CA PRO F 13 -12.89 6.90 -11.06
C PRO F 13 -12.01 7.45 -12.20
N VAL F 14 -12.28 8.68 -12.67
CA VAL F 14 -11.54 9.30 -13.80
C VAL F 14 -10.17 9.81 -13.34
N PRO F 15 -9.09 9.46 -14.06
CA PRO F 15 -7.76 9.93 -13.76
C PRO F 15 -7.68 11.46 -13.87
N PRO F 16 -6.83 12.09 -13.05
CA PRO F 16 -6.79 13.53 -12.91
C PRO F 16 -6.54 14.35 -14.17
N ALA F 17 -5.65 13.90 -15.03
CA ALA F 17 -5.39 14.64 -16.27
C ALA F 17 -6.60 14.61 -17.19
N LYS F 18 -7.23 13.46 -17.36
CA LYS F 18 -8.45 13.35 -18.20
C LYS F 18 -9.57 14.18 -17.56
N LEU F 19 -9.66 14.16 -16.23
CA LEU F 19 -10.76 14.83 -15.50
C LEU F 19 -10.53 16.34 -15.57
N PHE F 20 -9.29 16.76 -15.40
CA PHE F 20 -8.89 18.18 -15.48
C PHE F 20 -9.16 18.72 -16.88
N LYS F 21 -8.74 17.99 -17.90
CA LYS F 21 -8.93 18.43 -19.30
C LYS F 21 -10.42 18.67 -19.56
N ALA F 22 -11.29 17.75 -19.15
CA ALA F 22 -12.73 17.86 -19.43
C ALA F 22 -13.36 19.00 -18.64
N THR F 23 -13.06 19.14 -17.34
CA THR F 23 -13.79 20.05 -16.45
C THR F 23 -13.27 21.47 -16.57
N VAL F 24 -11.96 21.64 -16.79
CA VAL F 24 -11.33 22.99 -16.75
C VAL F 24 -10.99 23.45 -18.16
N VAL F 25 -10.26 22.68 -18.95
CA VAL F 25 -9.80 23.11 -20.30
C VAL F 25 -10.97 23.10 -21.29
N ASP F 26 -11.84 22.07 -21.29
CA ASP F 26 -12.97 21.93 -22.24
C ASP F 26 -14.28 22.34 -21.60
N GLY F 27 -14.26 22.77 -20.34
CA GLY F 27 -15.47 23.11 -19.56
C GLY F 27 -16.33 24.15 -20.20
N ASP F 28 -15.76 25.18 -20.83
CA ASP F 28 -16.55 26.30 -21.43
C ASP F 28 -17.40 25.75 -22.61
N GLU F 29 -16.86 24.83 -23.40
CA GLU F 29 -17.55 24.18 -24.54
C GLU F 29 -18.56 23.14 -24.01
N LEU F 30 -18.20 22.30 -23.02
CA LEU F 30 -19.08 21.16 -22.62
C LEU F 30 -20.23 21.63 -21.75
N THR F 31 -20.04 22.64 -20.91
CA THR F 31 -21.05 22.97 -19.88
C THR F 31 -22.37 23.33 -20.52
N PRO F 32 -22.44 24.25 -21.50
CA PRO F 32 -23.72 24.56 -22.16
C PRO F 32 -24.39 23.37 -22.87
N LYS F 33 -23.60 22.47 -23.39
CA LYS F 33 -24.10 21.21 -24.02
C LYS F 33 -24.74 20.30 -22.98
N LEU F 34 -24.17 20.22 -21.77
CA LEU F 34 -24.57 19.23 -20.75
C LEU F 34 -25.66 19.78 -19.83
N ILE F 35 -25.64 21.07 -19.53
CA ILE F 35 -26.57 21.64 -18.54
C ILE F 35 -27.70 22.38 -19.28
N PRO F 36 -28.96 21.91 -19.20
CA PRO F 36 -30.08 22.55 -19.89
C PRO F 36 -30.18 24.07 -19.68
N ALA F 37 -30.03 24.57 -18.45
CA ALA F 37 -30.29 26.01 -18.18
C ALA F 37 -29.19 26.89 -18.81
N ILE F 38 -27.96 26.40 -19.00
CA ILE F 38 -26.81 27.25 -19.42
C ILE F 38 -26.77 27.34 -20.95
N GLN F 39 -26.90 28.56 -21.49
CA GLN F 39 -26.96 28.82 -22.92
C GLN F 39 -25.56 29.04 -23.48
N SER F 40 -24.68 29.71 -22.76
CA SER F 40 -23.31 30.01 -23.25
C SER F 40 -22.39 30.41 -22.09
N ILE F 41 -21.10 30.26 -22.33
CA ILE F 41 -19.94 30.73 -21.55
C ILE F 41 -19.02 31.40 -22.56
N GLU F 42 -18.97 32.73 -22.47
CA GLU F 42 -18.15 33.58 -23.38
C GLU F 42 -17.01 34.19 -22.56
N ILE F 43 -15.78 34.05 -23.05
CA ILE F 43 -14.62 34.79 -22.52
C ILE F 43 -14.82 36.26 -22.89
N VAL F 44 -14.87 37.15 -21.90
CA VAL F 44 -15.03 38.61 -22.12
C VAL F 44 -13.65 39.26 -22.12
N GLU F 45 -12.69 38.69 -21.36
CA GLU F 45 -11.31 39.19 -21.39
C GLU F 45 -10.33 38.10 -20.96
N GLY F 46 -9.14 38.13 -21.53
CA GLY F 46 -8.04 37.21 -21.29
C GLY F 46 -8.16 36.05 -22.24
N ASN F 47 -7.31 35.02 -22.06
CA ASN F 47 -7.20 33.90 -23.03
C ASN F 47 -7.15 32.55 -22.30
N GLY F 48 -7.63 32.48 -21.04
CA GLY F 48 -7.71 31.21 -20.28
C GLY F 48 -6.75 31.14 -19.10
N GLY F 49 -5.85 32.11 -18.98
CA GLY F 49 -4.93 32.26 -17.86
C GLY F 49 -5.59 33.00 -16.68
N PRO F 50 -4.86 33.18 -15.55
CA PRO F 50 -5.33 33.98 -14.42
C PRO F 50 -5.78 35.38 -14.86
N GLY F 51 -6.89 35.89 -14.30
CA GLY F 51 -7.48 37.19 -14.67
C GLY F 51 -8.49 37.07 -15.81
N THR F 52 -8.60 35.92 -16.49
CA THR F 52 -9.63 35.70 -17.54
C THR F 52 -11.01 35.86 -16.89
N VAL F 53 -11.90 36.59 -17.56
CA VAL F 53 -13.31 36.77 -17.09
C VAL F 53 -14.23 36.13 -18.12
N LYS F 54 -15.20 35.37 -17.61
CA LYS F 54 -16.19 34.66 -18.46
C LYS F 54 -17.58 35.14 -18.05
N LYS F 55 -18.44 35.30 -19.04
CA LYS F 55 -19.86 35.60 -18.81
C LYS F 55 -20.64 34.31 -19.01
N VAL F 56 -21.33 33.86 -17.97
CA VAL F 56 -22.16 32.61 -18.03
C VAL F 56 -23.62 33.02 -18.11
N THR F 57 -24.29 32.73 -19.23
CA THR F 57 -25.70 33.09 -19.44
C THR F 57 -26.58 31.86 -19.24
N ALA F 58 -27.68 31.99 -18.52
CA ALA F 58 -28.60 30.86 -18.28
C ALA F 58 -30.04 31.36 -18.28
N VAL F 59 -30.97 30.44 -18.51
CA VAL F 59 -32.42 30.70 -18.57
C VAL F 59 -33.07 29.97 -17.39
N GLU F 60 -33.99 30.72 -16.72
CA GLU F 60 -34.95 30.15 -15.75
C GLU F 60 -36.34 30.72 -16.02
N ASP F 61 -37.25 29.81 -16.29
CA ASP F 61 -38.69 30.16 -16.47
C ASP F 61 -38.81 31.17 -17.62
N GLY F 62 -38.06 30.95 -18.71
CA GLY F 62 -38.03 31.82 -19.91
C GLY F 62 -37.26 33.12 -19.73
N LYS F 63 -36.73 33.44 -18.53
CA LYS F 63 -35.95 34.69 -18.26
C LYS F 63 -34.45 34.39 -18.36
N THR F 64 -33.76 35.18 -19.19
CA THR F 64 -32.28 35.12 -19.31
C THR F 64 -31.64 36.00 -18.23
N SER F 65 -30.57 35.51 -17.59
CA SER F 65 -29.63 36.33 -16.75
C SER F 65 -28.24 35.74 -16.89
N TYR F 66 -27.24 36.40 -16.32
CA TYR F 66 -25.83 35.95 -16.39
C TYR F 66 -25.11 36.22 -15.07
N VAL F 67 -24.06 35.43 -14.82
CA VAL F 67 -23.11 35.73 -13.71
C VAL F 67 -21.70 35.83 -14.29
N LEU F 68 -20.78 36.39 -13.52
CA LEU F 68 -19.42 36.62 -14.03
C LEU F 68 -18.47 35.63 -13.35
N HIS F 69 -17.53 35.13 -14.12
CA HIS F 69 -16.56 34.07 -13.73
C HIS F 69 -15.16 34.66 -13.88
N LYS F 70 -14.33 34.63 -12.84
CA LYS F 70 -12.93 35.10 -12.98
C LYS F 70 -11.97 34.00 -12.51
N ILE F 71 -11.00 33.67 -13.37
CA ILE F 71 -9.96 32.66 -13.03
C ILE F 71 -8.95 33.32 -12.10
N ASP F 72 -8.82 32.82 -10.88
CA ASP F 72 -7.80 33.27 -9.89
C ASP F 72 -6.50 32.50 -10.12
N ALA F 73 -6.54 31.20 -10.44
CA ALA F 73 -5.31 30.42 -10.77
C ALA F 73 -5.67 29.17 -11.57
N ILE F 74 -4.77 28.75 -12.44
CA ILE F 74 -4.97 27.56 -13.31
C ILE F 74 -3.60 26.95 -13.61
N ASP F 75 -3.43 25.65 -13.36
CA ASP F 75 -2.15 24.96 -13.64
C ASP F 75 -2.46 23.49 -13.96
N GLU F 76 -2.34 23.14 -15.25
CA GLU F 76 -2.52 21.79 -15.82
C GLU F 76 -1.69 20.76 -15.05
N ALA F 77 -0.42 21.05 -14.75
CA ALA F 77 0.55 20.06 -14.24
C ALA F 77 0.11 19.57 -12.86
N THR F 78 -0.50 20.45 -12.04
CA THR F 78 -0.91 20.14 -10.64
C THR F 78 -2.45 20.05 -10.54
N TYR F 79 -3.16 20.06 -11.69
CA TYR F 79 -4.62 19.89 -11.74
C TYR F 79 -5.31 20.93 -10.83
N THR F 80 -4.81 22.18 -10.86
CA THR F 80 -5.27 23.28 -9.98
C THR F 80 -6.17 24.21 -10.77
N TYR F 81 -7.37 24.49 -10.26
CA TYR F 81 -8.26 25.50 -10.86
C TYR F 81 -8.98 26.27 -9.76
N ASP F 82 -8.65 27.55 -9.62
CA ASP F 82 -9.26 28.46 -8.62
C ASP F 82 -9.98 29.56 -9.37
N TYR F 83 -11.21 29.88 -8.96
CA TYR F 83 -12.07 30.83 -9.70
C TYR F 83 -13.11 31.42 -8.74
N THR F 84 -13.60 32.60 -9.08
CA THR F 84 -14.55 33.37 -8.25
C THR F 84 -15.79 33.65 -9.09
N ILE F 85 -16.98 33.34 -8.57
CA ILE F 85 -18.25 33.71 -9.23
C ILE F 85 -18.82 34.94 -8.52
N SER F 86 -19.12 35.99 -9.30
CA SER F 86 -19.76 37.21 -8.76
C SER F 86 -20.70 37.86 -9.76
N GLY F 87 -21.42 38.87 -9.31
CA GLY F 87 -21.98 39.97 -10.12
C GLY F 87 -22.95 39.50 -11.19
N GLY F 88 -23.06 40.28 -12.26
CA GLY F 88 -24.08 40.11 -13.29
C GLY F 88 -25.48 40.32 -12.72
N THR F 89 -26.48 39.75 -13.40
CA THR F 89 -27.93 39.91 -13.14
C THR F 89 -28.53 38.65 -12.53
N GLY F 90 -27.83 37.52 -12.56
CA GLY F 90 -28.35 36.21 -12.16
C GLY F 90 -27.81 35.79 -10.79
N PHE F 91 -26.97 36.57 -10.11
CA PHE F 91 -26.23 36.08 -8.90
C PHE F 91 -27.17 36.05 -7.69
N GLN F 92 -26.89 35.16 -6.73
CA GLN F 92 -27.66 35.05 -5.48
C GLN F 92 -27.71 36.43 -4.79
N GLU F 93 -28.88 36.85 -4.31
CA GLU F 93 -29.12 38.24 -3.83
C GLU F 93 -28.25 38.48 -2.55
N ILE F 94 -28.11 37.49 -1.67
CA ILE F 94 -27.49 37.65 -0.34
C ILE F 94 -25.96 37.58 -0.48
N LEU F 95 -25.42 37.24 -1.65
CA LEU F 95 -23.97 36.94 -1.86
C LEU F 95 -23.29 38.12 -2.55
N GLU F 96 -22.12 38.47 -2.07
CA GLU F 96 -21.17 39.38 -2.76
C GLU F 96 -20.42 38.53 -3.78
N LYS F 97 -19.95 37.34 -3.39
CA LYS F 97 -19.17 36.46 -4.30
C LYS F 97 -18.99 35.08 -3.64
N VAL F 98 -18.65 34.09 -4.47
CA VAL F 98 -18.23 32.76 -3.96
C VAL F 98 -16.90 32.43 -4.63
N SER F 99 -15.90 32.14 -3.83
CA SER F 99 -14.55 31.82 -4.35
C SER F 99 -14.28 30.31 -4.17
N PHE F 100 -13.79 29.67 -5.22
CA PHE F 100 -13.55 28.20 -5.28
C PHE F 100 -12.04 27.99 -5.46
N LYS F 101 -11.49 27.06 -4.69
CA LYS F 101 -10.13 26.52 -4.93
C LYS F 101 -10.30 25.01 -5.13
N THR F 102 -9.94 24.50 -6.31
CA THR F 102 -10.12 23.08 -6.64
C THR F 102 -8.73 22.51 -6.96
N LYS F 103 -8.50 21.27 -6.55
CA LYS F 103 -7.27 20.53 -6.86
C LYS F 103 -7.63 19.07 -7.02
N LEU F 104 -7.17 18.43 -8.08
CA LEU F 104 -7.25 16.95 -8.26
C LEU F 104 -5.91 16.35 -7.83
N GLU F 105 -5.94 15.15 -7.30
CA GLU F 105 -4.74 14.31 -7.15
C GLU F 105 -5.11 12.87 -7.50
N ALA F 106 -4.13 12.08 -7.88
CA ALA F 106 -4.27 10.63 -8.15
C ALA F 106 -4.81 9.96 -6.89
N ALA F 107 -5.80 9.08 -7.03
CA ALA F 107 -6.18 8.11 -5.97
C ALA F 107 -6.74 6.85 -6.66
N ASP F 108 -6.14 5.69 -6.39
CA ASP F 108 -6.65 4.36 -6.83
C ASP F 108 -7.05 4.31 -8.30
N GLY F 109 -6.20 4.79 -9.20
CA GLY F 109 -6.51 4.79 -10.64
C GLY F 109 -7.40 5.94 -11.06
N GLY F 110 -7.99 6.63 -10.08
CA GLY F 110 -8.90 7.75 -10.33
C GLY F 110 -8.36 9.03 -9.73
N SER F 111 -9.24 9.89 -9.26
CA SER F 111 -8.92 11.25 -8.74
C SER F 111 -9.53 11.41 -7.35
N LYS F 112 -8.80 12.10 -6.49
CA LYS F 112 -9.38 12.75 -5.32
C LYS F 112 -9.59 14.22 -5.68
N ILE F 113 -10.75 14.76 -5.38
CA ILE F 113 -11.12 16.17 -5.68
C ILE F 113 -11.13 16.92 -4.35
N LYS F 114 -10.21 17.86 -4.19
CA LYS F 114 -10.09 18.67 -2.95
C LYS F 114 -10.61 20.06 -3.27
N VAL F 115 -11.62 20.49 -2.53
CA VAL F 115 -12.25 21.80 -2.75
C VAL F 115 -12.24 22.61 -1.45
N SER F 116 -11.97 23.90 -1.61
CA SER F 116 -12.21 24.94 -0.59
C SER F 116 -13.14 26.01 -1.20
N VAL F 117 -14.32 26.20 -0.59
CA VAL F 117 -15.34 27.15 -1.07
C VAL F 117 -15.57 28.21 0.01
N THR F 118 -15.42 29.47 -0.35
CA THR F 118 -15.68 30.60 0.56
C THR F 118 -16.87 31.40 0.00
N PHE F 119 -17.99 31.38 0.72
CA PHE F 119 -19.15 32.26 0.49
C PHE F 119 -18.91 33.60 1.21
N HIS F 120 -19.04 34.71 0.48
CA HIS F 120 -19.04 36.09 1.04
C HIS F 120 -20.47 36.61 0.98
N THR F 121 -21.13 36.72 2.12
CA THR F 121 -22.50 37.25 2.22
C THR F 121 -22.42 38.78 2.40
N LYS F 122 -23.47 39.49 2.01
CA LYS F 122 -23.62 40.95 2.25
C LYS F 122 -23.68 41.19 3.77
N GLY F 123 -23.08 42.30 4.20
CA GLY F 123 -23.00 42.70 5.60
C GLY F 123 -22.49 41.56 6.45
N ASP F 124 -23.23 41.24 7.51
CA ASP F 124 -22.86 40.18 8.50
C ASP F 124 -23.84 39.03 8.38
N ALA F 125 -24.44 38.83 7.19
CA ALA F 125 -25.51 37.84 7.01
C ALA F 125 -24.91 36.44 7.22
N PRO F 126 -25.63 35.54 7.92
CA PRO F 126 -25.34 34.11 7.87
C PRO F 126 -25.66 33.61 6.44
N LEU F 127 -25.09 32.46 6.11
CA LEU F 127 -25.32 31.79 4.81
C LEU F 127 -26.59 30.95 4.97
N PRO F 128 -27.72 31.31 4.30
CA PRO F 128 -28.93 30.51 4.44
C PRO F 128 -28.68 29.12 3.83
N ASP F 129 -29.27 28.09 4.41
CA ASP F 129 -29.14 26.68 3.96
C ASP F 129 -29.48 26.58 2.46
N GLU F 130 -30.50 27.33 2.03
CA GLU F 130 -31.03 27.26 0.64
C GLU F 130 -29.95 27.75 -0.31
N VAL F 131 -29.28 28.85 0.02
CA VAL F 131 -28.19 29.40 -0.83
C VAL F 131 -27.01 28.41 -0.88
N HIS F 132 -26.63 27.85 0.26
CA HIS F 132 -25.51 26.87 0.31
C HIS F 132 -25.88 25.67 -0.54
N GLN F 133 -27.13 25.21 -0.42
CA GLN F 133 -27.67 24.04 -1.16
C GLN F 133 -27.63 24.34 -2.67
N ASP F 134 -28.01 25.55 -3.05
CA ASP F 134 -28.13 25.93 -4.48
C ASP F 134 -26.74 25.96 -5.11
N VAL F 135 -25.79 26.66 -4.50
CA VAL F 135 -24.43 26.80 -5.06
C VAL F 135 -23.76 25.43 -5.11
N LYS F 136 -23.95 24.60 -4.10
CA LYS F 136 -23.36 23.24 -4.02
C LYS F 136 -23.94 22.36 -5.11
N GLN F 137 -25.24 22.30 -5.24
CA GLN F 137 -25.91 21.48 -6.28
C GLN F 137 -25.42 21.89 -7.66
N LYS F 138 -25.33 23.18 -7.97
CA LYS F 138 -24.89 23.66 -9.31
C LYS F 138 -23.42 23.32 -9.54
N SER F 139 -22.58 23.48 -8.51
CA SER F 139 -21.12 23.21 -8.61
C SER F 139 -20.95 21.73 -8.89
N GLN F 140 -21.69 20.92 -8.14
CA GLN F 140 -21.60 19.44 -8.23
C GLN F 140 -22.16 19.03 -9.57
N GLY F 141 -23.28 19.61 -9.95
CA GLY F 141 -24.01 19.28 -11.20
C GLY F 141 -23.14 19.46 -12.38
N ILE F 142 -22.47 20.59 -12.53
CA ILE F 142 -21.58 20.85 -13.71
C ILE F 142 -20.47 19.82 -13.73
N PHE F 143 -19.75 19.70 -12.60
CA PHE F 143 -18.58 18.82 -12.48
C PHE F 143 -19.02 17.38 -12.81
N LYS F 144 -20.11 16.91 -12.21
CA LYS F 144 -20.58 15.51 -12.33
C LYS F 144 -21.24 15.26 -13.71
N ALA F 145 -21.83 16.25 -14.36
CA ALA F 145 -22.33 16.11 -15.76
C ALA F 145 -21.10 15.86 -16.67
N ILE F 146 -20.02 16.63 -16.48
CA ILE F 146 -18.80 16.46 -17.33
C ILE F 146 -18.18 15.08 -17.05
N GLU F 147 -18.03 14.70 -15.81
CA GLU F 147 -17.47 13.39 -15.37
C GLU F 147 -18.23 12.25 -16.06
N GLY F 148 -19.55 12.31 -16.07
CA GLY F 148 -20.39 11.32 -16.75
C GLY F 148 -20.12 11.29 -18.27
N TYR F 149 -20.02 12.47 -18.86
CA TYR F 149 -19.64 12.64 -20.27
C TYR F 149 -18.29 11.95 -20.54
N VAL F 150 -17.30 12.19 -19.70
CA VAL F 150 -15.92 11.63 -19.82
C VAL F 150 -16.02 10.09 -19.73
N LEU F 151 -16.83 9.59 -18.80
CA LEU F 151 -17.00 8.13 -18.63
C LEU F 151 -17.61 7.53 -19.90
N SER F 152 -18.55 8.24 -20.51
CA SER F 152 -19.30 7.76 -21.70
C SER F 152 -18.43 7.74 -22.97
N ASN F 153 -17.32 8.48 -22.98
CA ASN F 153 -16.58 8.75 -24.24
C ASN F 153 -15.17 8.14 -24.17
N GLY G 2 25.37 -10.78 -13.34
CA GLY G 2 25.39 -9.79 -12.25
C GLY G 2 24.33 -8.73 -12.44
N VAL G 3 23.90 -8.10 -11.34
CA VAL G 3 22.84 -7.05 -11.34
C VAL G 3 23.46 -5.72 -10.88
N HIS G 4 23.37 -4.70 -11.74
CA HIS G 4 23.95 -3.37 -11.45
C HIS G 4 22.87 -2.31 -11.66
N THR G 5 22.56 -1.55 -10.61
CA THR G 5 21.37 -0.66 -10.58
C THR G 5 21.81 0.79 -10.48
N PHE G 6 21.11 1.66 -11.21
CA PHE G 6 21.30 3.14 -11.14
C PHE G 6 19.94 3.80 -11.01
N GLU G 7 19.95 5.03 -10.49
CA GLU G 7 18.77 5.91 -10.37
C GLU G 7 19.17 7.25 -10.95
N GLU G 8 18.32 7.87 -11.74
CA GLU G 8 18.60 9.18 -12.37
C GLU G 8 17.29 9.96 -12.47
N GLU G 9 17.38 11.27 -12.48
CA GLU G 9 16.27 12.22 -12.70
C GLU G 9 16.69 13.20 -13.78
N SER G 10 15.73 13.64 -14.57
CA SER G 10 15.85 14.75 -15.53
C SER G 10 14.52 15.49 -15.55
N THR G 11 14.45 16.66 -16.16
CA THR G 11 13.20 17.46 -16.17
C THR G 11 12.87 17.77 -17.64
N SER G 12 11.61 18.05 -17.89
CA SER G 12 11.05 18.50 -19.18
C SER G 12 10.11 19.64 -18.89
N PRO G 13 9.97 20.63 -19.81
CA PRO G 13 8.92 21.63 -19.71
C PRO G 13 7.54 21.08 -20.07
N VAL G 14 7.48 19.85 -20.60
CA VAL G 14 6.19 19.26 -21.02
C VAL G 14 5.55 18.61 -19.80
N PRO G 15 4.28 18.96 -19.50
CA PRO G 15 3.56 18.33 -18.40
C PRO G 15 3.38 16.83 -18.59
N PRO G 16 3.22 16.05 -17.51
CA PRO G 16 3.31 14.59 -17.59
C PRO G 16 2.30 13.89 -18.50
N ALA G 17 1.04 14.31 -18.57
CA ALA G 17 0.07 13.57 -19.43
C ALA G 17 0.48 13.66 -20.90
N LYS G 18 0.79 14.87 -21.35
CA LYS G 18 1.27 15.11 -22.75
C LYS G 18 2.58 14.38 -23.00
N LEU G 19 3.49 14.38 -22.02
CA LEU G 19 4.84 13.79 -22.21
C LEU G 19 4.69 12.28 -22.23
N PHE G 20 3.85 11.74 -21.35
CA PHE G 20 3.58 10.28 -21.31
C PHE G 20 2.95 9.83 -22.62
N LYS G 21 1.93 10.55 -23.08
CA LYS G 21 1.23 10.20 -24.36
C LYS G 21 2.25 10.13 -25.50
N ALA G 22 3.12 11.13 -25.64
CA ALA G 22 4.08 11.18 -26.77
C ALA G 22 5.13 10.06 -26.65
N THR G 23 5.71 9.84 -25.47
CA THR G 23 6.88 8.96 -25.30
C THR G 23 6.47 7.50 -25.18
N VAL G 24 5.34 7.22 -24.55
CA VAL G 24 4.92 5.83 -24.23
C VAL G 24 3.81 5.39 -25.19
N VAL G 25 2.72 6.12 -25.30
CA VAL G 25 1.57 5.71 -26.18
C VAL G 25 1.91 5.90 -27.66
N ASP G 26 2.52 7.01 -28.07
CA ASP G 26 2.82 7.32 -29.51
C ASP G 26 4.28 7.02 -29.85
N GLY G 27 5.06 6.52 -28.88
CA GLY G 27 6.50 6.29 -29.05
C GLY G 27 6.84 5.35 -30.20
N ASP G 28 6.06 4.31 -30.40
CA ASP G 28 6.28 3.27 -31.45
C ASP G 28 6.21 3.90 -32.85
N GLU G 29 5.26 4.82 -33.06
CA GLU G 29 5.07 5.57 -34.33
C GLU G 29 6.17 6.62 -34.49
N LEU G 30 6.51 7.38 -33.45
CA LEU G 30 7.43 8.55 -33.59
C LEU G 30 8.89 8.09 -33.72
N THR G 31 9.29 7.03 -33.00
CA THR G 31 10.72 6.72 -32.82
C THR G 31 11.38 6.45 -34.17
N PRO G 32 10.83 5.59 -35.06
CA PRO G 32 11.48 5.33 -36.33
C PRO G 32 11.57 6.55 -37.26
N LYS G 33 10.61 7.47 -37.15
CA LYS G 33 10.64 8.74 -37.91
C LYS G 33 11.77 9.64 -37.40
N LEU G 34 12.03 9.68 -36.10
CA LEU G 34 12.90 10.70 -35.47
C LEU G 34 14.34 10.18 -35.35
N ILE G 35 14.52 8.89 -35.07
CA ILE G 35 15.88 8.35 -34.88
C ILE G 35 16.31 7.64 -36.16
N PRO G 36 17.36 8.12 -36.86
CA PRO G 36 17.73 7.59 -38.17
C PRO G 36 18.07 6.10 -38.11
N ALA G 37 18.76 5.65 -37.05
CA ALA G 37 19.22 4.25 -36.93
C ALA G 37 18.05 3.26 -36.77
N ILE G 38 16.91 3.69 -36.21
CA ILE G 38 15.76 2.78 -35.95
C ILE G 38 14.85 2.72 -37.16
N GLN G 39 14.69 1.54 -37.75
CA GLN G 39 13.94 1.31 -39.00
C GLN G 39 12.48 1.00 -38.67
N SER G 40 12.18 0.25 -37.62
CA SER G 40 10.79 -0.15 -37.29
C SER G 40 10.66 -0.69 -35.86
N ILE G 41 9.44 -0.60 -35.35
CA ILE G 41 8.98 -1.13 -34.05
C ILE G 41 7.68 -1.88 -34.37
N GLU G 42 7.73 -3.20 -34.34
CA GLU G 42 6.54 -4.08 -34.62
C GLU G 42 6.14 -4.77 -33.33
N ILE G 43 4.85 -4.70 -32.97
CA ILE G 43 4.30 -5.51 -31.86
C ILE G 43 4.28 -6.97 -32.31
N VAL G 44 4.95 -7.87 -31.60
CA VAL G 44 5.00 -9.32 -31.96
C VAL G 44 4.06 -10.08 -31.05
N GLU G 45 3.69 -9.52 -29.88
CA GLU G 45 2.80 -10.18 -28.88
C GLU G 45 2.07 -9.06 -28.12
N GLY G 46 0.78 -9.27 -27.83
CA GLY G 46 0.01 -8.39 -26.94
C GLY G 46 -0.54 -7.19 -27.68
N ASN G 47 -1.13 -6.25 -26.96
CA ASN G 47 -1.89 -5.12 -27.56
C ASN G 47 -1.57 -3.80 -26.84
N GLY G 48 -0.44 -3.70 -26.11
CA GLY G 48 0.02 -2.45 -25.50
C GLY G 48 0.05 -2.50 -23.99
N GLY G 49 -0.54 -3.53 -23.39
CA GLY G 49 -0.57 -3.79 -21.95
C GLY G 49 0.70 -4.52 -21.51
N PRO G 50 0.82 -4.85 -20.19
CA PRO G 50 1.94 -5.64 -19.67
C PRO G 50 2.06 -6.97 -20.43
N GLY G 51 3.29 -7.43 -20.70
CA GLY G 51 3.56 -8.65 -21.49
C GLY G 51 3.68 -8.36 -22.98
N THR G 52 3.32 -7.17 -23.46
CA THR G 52 3.49 -6.78 -24.88
C THR G 52 4.98 -6.84 -25.23
N VAL G 53 5.30 -7.46 -26.36
CA VAL G 53 6.69 -7.57 -26.86
C VAL G 53 6.74 -6.85 -28.19
N LYS G 54 7.74 -5.98 -28.35
CA LYS G 54 7.97 -5.21 -29.58
C LYS G 54 9.36 -5.53 -30.10
N LYS G 55 9.46 -5.81 -31.38
CA LYS G 55 10.74 -6.06 -32.08
C LYS G 55 11.21 -4.73 -32.66
N VAL G 56 12.37 -4.25 -32.19
CA VAL G 56 12.93 -2.95 -32.58
C VAL G 56 14.11 -3.27 -33.50
N THR G 57 14.01 -2.88 -34.78
CA THR G 57 15.07 -3.11 -35.77
C THR G 57 15.85 -1.84 -35.98
N ALA G 58 17.17 -1.92 -36.02
CA ALA G 58 18.02 -0.74 -36.21
C ALA G 58 19.25 -1.12 -37.02
N VAL G 59 19.93 -0.11 -37.55
CA VAL G 59 21.24 -0.23 -38.24
C VAL G 59 22.30 0.46 -37.37
N GLU G 60 23.40 -0.24 -37.09
CA GLU G 60 24.56 0.19 -36.28
C GLU G 60 25.83 -0.30 -37.00
N ASP G 61 26.69 0.64 -37.41
CA ASP G 61 27.92 0.40 -38.20
C ASP G 61 27.59 -0.35 -39.50
N GLY G 62 26.48 0.01 -40.17
CA GLY G 62 26.06 -0.64 -41.44
C GLY G 62 25.45 -2.04 -41.26
N LYS G 63 25.35 -2.58 -40.04
CA LYS G 63 24.74 -3.90 -39.75
C LYS G 63 23.28 -3.70 -39.30
N THR G 64 22.33 -4.39 -39.89
CA THR G 64 20.92 -4.43 -39.44
C THR G 64 20.72 -5.54 -38.39
N SER G 65 20.12 -5.24 -37.25
CA SER G 65 19.85 -6.20 -36.17
C SER G 65 18.58 -5.75 -35.45
N TYR G 66 18.13 -6.52 -34.47
CA TYR G 66 16.97 -6.16 -33.64
C TYR G 66 17.20 -6.52 -32.17
N VAL G 67 16.42 -5.88 -31.32
CA VAL G 67 16.28 -6.24 -29.89
C VAL G 67 14.77 -6.36 -29.62
N LEU G 68 14.46 -6.95 -28.48
CA LEU G 68 13.06 -7.07 -28.02
C LEU G 68 12.88 -6.13 -26.84
N HIS G 69 11.72 -5.50 -26.84
CA HIS G 69 11.25 -4.55 -25.81
C HIS G 69 9.97 -5.15 -25.22
N LYS G 70 10.01 -5.52 -23.94
CA LYS G 70 8.86 -6.12 -23.25
C LYS G 70 8.34 -5.13 -22.22
N ILE G 71 7.04 -4.88 -22.22
CA ILE G 71 6.37 -4.01 -21.22
C ILE G 71 6.21 -4.85 -19.95
N ASP G 72 6.85 -4.43 -18.86
CA ASP G 72 6.69 -5.05 -17.53
C ASP G 72 5.49 -4.39 -16.82
N ALA G 73 5.29 -3.08 -16.96
CA ALA G 73 4.07 -2.41 -16.40
C ALA G 73 3.84 -1.10 -17.14
N ILE G 74 2.59 -0.75 -17.29
CA ILE G 74 2.19 0.54 -17.93
C ILE G 74 0.91 1.01 -17.23
N ASP G 75 0.91 2.25 -16.76
CA ASP G 75 -0.32 2.84 -16.19
C ASP G 75 -0.34 4.32 -16.55
N GLU G 76 -1.18 4.68 -17.51
CA GLU G 76 -1.42 6.07 -17.99
C GLU G 76 -1.73 7.01 -16.83
N ALA G 77 -2.57 6.58 -15.87
CA ALA G 77 -3.11 7.46 -14.80
C ALA G 77 -1.96 7.99 -13.92
N THR G 78 -0.95 7.16 -13.67
CA THR G 78 0.21 7.49 -12.78
C THR G 78 1.49 7.71 -13.61
N TYR G 79 1.40 7.77 -14.92
CA TYR G 79 2.55 8.05 -15.83
C TYR G 79 3.68 7.05 -15.59
N THR G 80 3.33 5.79 -15.39
CA THR G 80 4.28 4.69 -15.04
C THR G 80 4.56 3.86 -16.30
N TYR G 81 5.81 3.66 -16.64
CA TYR G 81 6.20 2.80 -17.79
C TYR G 81 7.47 2.02 -17.43
N ASP G 82 7.33 0.73 -17.24
CA ASP G 82 8.44 -0.20 -16.89
C ASP G 82 8.59 -1.18 -18.03
N TYR G 83 9.80 -1.37 -18.51
CA TYR G 83 10.05 -2.18 -19.74
C TYR G 83 11.47 -2.74 -19.68
N THR G 84 11.68 -3.83 -20.37
CA THR G 84 12.95 -4.60 -20.40
C THR G 84 13.40 -4.68 -21.86
N ILE G 85 14.66 -4.33 -22.12
CA ILE G 85 15.28 -4.59 -23.45
C ILE G 85 16.14 -5.85 -23.35
N SER G 86 15.94 -6.80 -24.27
CA SER G 86 16.70 -8.06 -24.27
C SER G 86 16.86 -8.60 -25.70
N GLY G 87 17.74 -9.59 -25.86
CA GLY G 87 17.49 -10.68 -26.82
C GLY G 87 17.78 -10.23 -28.23
N GLY G 88 17.26 -10.95 -29.22
CA GLY G 88 17.47 -10.62 -30.64
C GLY G 88 18.93 -10.72 -31.03
N THR G 89 19.35 -9.91 -32.00
CA THR G 89 20.70 -10.03 -32.62
C THR G 89 21.55 -8.79 -32.32
N GLY G 90 20.90 -7.70 -31.89
CA GLY G 90 21.49 -6.35 -31.90
C GLY G 90 21.92 -5.90 -30.52
N PHE G 91 21.84 -6.81 -29.55
CA PHE G 91 21.88 -6.38 -28.13
C PHE G 91 23.32 -6.44 -27.63
N GLN G 92 23.67 -5.57 -26.68
CA GLN G 92 25.01 -5.52 -26.05
C GLN G 92 25.48 -6.93 -25.66
N GLU G 93 26.71 -7.28 -26.00
CA GLU G 93 27.27 -8.65 -25.88
C GLU G 93 27.33 -9.05 -24.40
N ILE G 94 27.72 -8.14 -23.50
CA ILE G 94 28.00 -8.52 -22.08
C ILE G 94 26.68 -8.55 -21.29
N LEU G 95 25.55 -8.15 -21.89
CA LEU G 95 24.25 -7.99 -21.19
C LEU G 95 23.32 -9.15 -21.53
N GLU G 96 22.71 -9.71 -20.50
CA GLU G 96 21.50 -10.57 -20.56
C GLU G 96 20.28 -9.71 -20.90
N LYS G 97 20.12 -8.57 -20.21
CA LYS G 97 18.97 -7.62 -20.40
C LYS G 97 19.23 -6.33 -19.61
N VAL G 98 18.46 -5.28 -19.95
CA VAL G 98 18.41 -4.03 -19.13
C VAL G 98 16.96 -3.73 -18.86
N SER G 99 16.62 -3.59 -17.58
N SER G 99 16.62 -3.59 -17.58
CA SER G 99 15.24 -3.31 -17.14
CA SER G 99 15.24 -3.31 -17.14
C SER G 99 15.15 -1.84 -16.69
C SER G 99 15.15 -1.84 -16.69
N PHE G 100 14.11 -1.16 -17.15
CA PHE G 100 13.84 0.28 -16.88
C PHE G 100 12.53 0.36 -16.09
N LYS G 101 12.53 1.16 -15.02
CA LYS G 101 11.30 1.58 -14.33
C LYS G 101 11.24 3.11 -14.41
N THR G 102 10.22 3.66 -15.10
CA THR G 102 10.14 5.10 -15.36
C THR G 102 8.86 5.63 -14.74
N LYS G 103 8.91 6.85 -14.20
CA LYS G 103 7.72 7.54 -13.68
C LYS G 103 7.87 9.04 -13.95
N LEU G 104 6.82 9.68 -14.46
CA LEU G 104 6.77 11.14 -14.57
C LEU G 104 6.00 11.71 -13.37
N GLU G 105 6.41 12.88 -12.90
CA GLU G 105 5.61 13.64 -11.92
C GLU G 105 5.70 15.13 -12.28
N ALA G 106 4.73 15.90 -11.87
CA ALA G 106 4.68 17.36 -12.05
C ALA G 106 5.96 18.01 -11.47
N ALA G 107 6.59 18.90 -12.22
CA ALA G 107 7.60 19.82 -11.68
C ALA G 107 7.70 21.10 -12.51
N ASP G 108 7.46 22.26 -11.87
CA ASP G 108 7.64 23.62 -12.49
C ASP G 108 6.82 23.74 -13.79
N GLY G 109 5.57 23.25 -13.77
CA GLY G 109 4.65 23.31 -14.93
C GLY G 109 4.92 22.16 -15.90
N GLY G 110 6.02 21.43 -15.71
CA GLY G 110 6.53 20.39 -16.59
C GLY G 110 6.55 19.07 -15.89
N SER G 111 7.55 18.23 -16.21
CA SER G 111 7.70 16.88 -15.66
C SER G 111 9.07 16.71 -15.06
N LYS G 112 9.11 15.99 -13.94
CA LYS G 112 10.36 15.34 -13.47
C LYS G 112 10.26 13.89 -13.97
N ILE G 113 11.34 13.40 -14.57
CA ILE G 113 11.41 12.02 -15.12
C ILE G 113 12.29 11.22 -14.17
N LYS G 114 11.70 10.23 -13.48
CA LYS G 114 12.43 9.47 -12.45
C LYS G 114 12.64 8.08 -13.02
N VAL G 115 13.90 7.66 -13.11
CA VAL G 115 14.22 6.36 -13.74
C VAL G 115 15.07 5.53 -12.78
N SER G 116 14.76 4.25 -12.73
N SER G 116 14.76 4.26 -12.72
CA SER G 116 15.57 3.21 -12.07
CA SER G 116 15.57 3.21 -12.07
C SER G 116 15.93 2.14 -13.13
C SER G 116 15.93 2.15 -13.14
N VAL G 117 17.23 1.93 -13.33
CA VAL G 117 17.79 1.09 -14.41
C VAL G 117 18.57 -0.06 -13.79
N THR G 118 18.24 -1.28 -14.16
CA THR G 118 18.97 -2.48 -13.72
C THR G 118 19.59 -3.16 -14.93
N PHE G 119 20.92 -3.16 -14.98
CA PHE G 119 21.72 -3.93 -15.97
C PHE G 119 21.93 -5.35 -15.43
N HIS G 120 21.58 -6.35 -16.24
CA HIS G 120 21.86 -7.79 -15.95
C HIS G 120 22.98 -8.23 -16.88
N THR G 121 24.18 -8.42 -16.33
CA THR G 121 25.35 -8.85 -17.12
C THR G 121 25.37 -10.39 -17.14
N LYS G 122 26.02 -10.97 -18.15
CA LYS G 122 26.28 -12.43 -18.22
C LYS G 122 27.17 -12.83 -17.04
N GLY G 123 26.91 -14.02 -16.50
CA GLY G 123 27.61 -14.60 -15.34
C GLY G 123 27.73 -13.59 -14.22
N ASP G 124 28.97 -13.34 -13.77
CA ASP G 124 29.27 -12.41 -12.63
C ASP G 124 30.00 -11.18 -13.18
N ALA G 125 29.81 -10.85 -14.45
CA ALA G 125 30.56 -9.76 -15.11
C ALA G 125 30.22 -8.42 -14.42
N PRO G 126 31.21 -7.55 -14.20
CA PRO G 126 30.95 -6.16 -13.88
C PRO G 126 30.35 -5.47 -15.11
N LEU G 127 29.70 -4.34 -14.88
CA LEU G 127 29.15 -3.49 -15.96
C LEU G 127 30.26 -2.57 -16.42
N PRO G 128 30.80 -2.71 -17.64
CA PRO G 128 31.77 -1.74 -18.14
C PRO G 128 31.13 -0.36 -18.27
N ASP G 129 31.92 0.68 -17.96
CA ASP G 129 31.48 2.11 -18.07
C ASP G 129 30.96 2.39 -19.48
N GLU G 130 31.56 1.78 -20.51
CA GLU G 130 31.26 2.02 -21.94
C GLU G 130 29.84 1.51 -22.23
N VAL G 131 29.46 0.41 -21.59
CA VAL G 131 28.14 -0.24 -21.79
C VAL G 131 27.08 0.64 -21.13
N HIS G 132 27.34 1.07 -19.90
CA HIS G 132 26.43 1.94 -19.13
C HIS G 132 26.23 3.25 -19.89
N GLN G 133 27.32 3.80 -20.44
CA GLN G 133 27.27 5.08 -21.20
C GLN G 133 26.46 4.88 -22.48
N ASP G 134 26.64 3.74 -23.16
CA ASP G 134 25.97 3.51 -24.46
C ASP G 134 24.45 3.39 -24.26
N VAL G 135 24.03 2.58 -23.30
CA VAL G 135 22.58 2.38 -23.00
C VAL G 135 21.96 3.70 -22.57
N LYS G 136 22.66 4.46 -21.73
CA LYS G 136 22.17 5.77 -21.25
C LYS G 136 22.01 6.75 -22.43
N GLN G 137 23.03 6.91 -23.25
CA GLN G 137 22.97 7.82 -24.41
C GLN G 137 21.78 7.47 -25.32
N LYS G 138 21.59 6.17 -25.62
CA LYS G 138 20.49 5.72 -26.50
C LYS G 138 19.14 5.98 -25.86
N SER G 139 19.01 5.72 -24.55
CA SER G 139 17.75 5.91 -23.80
C SER G 139 17.41 7.40 -23.84
N GLN G 140 18.42 8.23 -23.60
CA GLN G 140 18.26 9.70 -23.56
C GLN G 140 17.89 10.17 -24.97
N GLY G 141 18.61 9.67 -25.96
CA GLY G 141 18.44 10.05 -27.36
C GLY G 141 17.01 9.88 -27.84
N ILE G 142 16.44 8.70 -27.62
CA ILE G 142 15.06 8.41 -28.08
C ILE G 142 14.08 9.35 -27.36
N PHE G 143 14.16 9.39 -26.03
CA PHE G 143 13.24 10.17 -25.19
C PHE G 143 13.32 11.63 -25.63
N LYS G 144 14.54 12.15 -25.76
CA LYS G 144 14.74 13.61 -26.01
C LYS G 144 14.37 13.98 -27.45
N ALA G 145 14.58 13.05 -28.41
CA ALA G 145 14.16 13.31 -29.81
C ALA G 145 12.64 13.48 -29.86
N ILE G 146 11.90 12.60 -29.19
CA ILE G 146 10.41 12.68 -29.08
C ILE G 146 10.01 13.97 -28.34
N GLU G 147 10.72 14.33 -27.27
CA GLU G 147 10.35 15.55 -26.49
C GLU G 147 10.50 16.77 -27.39
N GLY G 148 11.58 16.83 -28.17
CA GLY G 148 11.80 17.91 -29.16
C GLY G 148 10.74 17.92 -30.25
N TYR G 149 10.33 16.75 -30.73
CA TYR G 149 9.24 16.69 -31.73
C TYR G 149 7.94 17.24 -31.14
N VAL G 150 7.65 16.89 -29.88
CA VAL G 150 6.41 17.32 -29.17
C VAL G 150 6.40 18.85 -29.05
N LEU G 151 7.55 19.45 -28.74
CA LEU G 151 7.64 20.93 -28.55
C LEU G 151 7.45 21.65 -29.90
N SER G 152 7.84 21.02 -31.02
CA SER G 152 7.85 21.72 -32.31
C SER G 152 6.51 21.52 -33.06
N ASN G 153 5.75 20.50 -32.69
CA ASN G 153 4.51 20.09 -33.43
C ASN G 153 3.32 20.37 -32.52
N GLY H 2 -13.32 -16.90 0.65
CA GLY H 2 -13.13 -15.87 1.72
C GLY H 2 -14.07 -14.71 1.49
N VAL H 3 -14.44 -14.05 2.57
CA VAL H 3 -15.42 -12.93 2.59
C VAL H 3 -14.68 -11.67 3.02
N HIS H 4 -14.72 -10.65 2.17
CA HIS H 4 -14.04 -9.35 2.43
C HIS H 4 -15.08 -8.23 2.27
N THR H 5 -15.33 -7.47 3.33
CA THR H 5 -16.41 -6.45 3.34
C THR H 5 -15.79 -5.06 3.42
N PHE H 6 -16.35 -4.13 2.65
CA PHE H 6 -15.98 -2.69 2.76
C PHE H 6 -17.26 -1.87 2.92
N GLU H 7 -17.09 -0.64 3.39
CA GLU H 7 -18.15 0.37 3.49
C GLU H 7 -17.61 1.66 2.88
N GLU H 8 -18.41 2.35 2.06
CA GLU H 8 -18.00 3.64 1.49
C GLU H 8 -19.26 4.52 1.36
N GLU H 9 -19.06 5.82 1.30
CA GLU H 9 -20.08 6.87 1.14
C GLU H 9 -19.61 7.84 0.07
N SER H 10 -20.55 8.38 -0.70
CA SER H 10 -20.33 9.45 -1.70
C SER H 10 -21.59 10.30 -1.74
N THR H 11 -21.54 11.44 -2.42
CA THR H 11 -22.75 12.30 -2.49
C THR H 11 -23.11 12.58 -3.95
N SER H 12 -24.37 12.90 -4.19
CA SER H 12 -24.85 13.31 -5.54
C SER H 12 -25.65 14.61 -5.40
N PRO H 13 -25.60 15.54 -6.38
CA PRO H 13 -26.53 16.65 -6.45
C PRO H 13 -27.98 16.17 -6.64
N VAL H 14 -28.16 15.08 -7.39
CA VAL H 14 -29.52 14.53 -7.66
C VAL H 14 -30.14 14.05 -6.34
N PRO H 15 -31.41 14.41 -6.03
CA PRO H 15 -32.10 13.94 -4.82
C PRO H 15 -32.55 12.47 -4.89
N PRO H 16 -32.77 11.80 -3.74
CA PRO H 16 -32.89 10.34 -3.67
C PRO H 16 -33.88 9.69 -4.63
N ALA H 17 -35.11 10.22 -4.70
CA ALA H 17 -36.18 9.59 -5.53
C ALA H 17 -35.76 9.60 -7.00
N LYS H 18 -35.34 10.74 -7.53
CA LYS H 18 -34.94 10.84 -8.96
C LYS H 18 -33.73 9.93 -9.19
N LEU H 19 -32.77 9.96 -8.29
CA LEU H 19 -31.54 9.16 -8.44
C LEU H 19 -31.87 7.68 -8.36
N PHE H 20 -32.71 7.31 -7.41
CA PHE H 20 -33.05 5.90 -7.21
C PHE H 20 -33.75 5.36 -8.44
N LYS H 21 -34.67 6.13 -8.98
CA LYS H 21 -35.41 5.67 -10.17
C LYS H 21 -34.47 5.52 -11.36
N ALA H 22 -33.56 6.46 -11.57
CA ALA H 22 -32.66 6.39 -12.73
C ALA H 22 -31.69 5.21 -12.65
N THR H 23 -31.11 4.98 -11.50
CA THR H 23 -30.02 3.97 -11.29
C THR H 23 -30.62 2.57 -11.15
N VAL H 24 -31.76 2.45 -10.51
CA VAL H 24 -32.33 1.14 -10.10
C VAL H 24 -33.47 0.76 -11.04
N VAL H 25 -34.48 1.59 -11.25
CA VAL H 25 -35.58 1.24 -12.21
C VAL H 25 -35.09 1.36 -13.66
N ASP H 26 -34.38 2.42 -14.05
CA ASP H 26 -34.09 2.72 -15.50
C ASP H 26 -32.63 2.33 -15.90
N GLY H 27 -31.90 1.76 -14.97
CA GLY H 27 -30.46 1.46 -15.12
C GLY H 27 -30.13 0.62 -16.41
N ASP H 28 -30.96 -0.42 -16.65
CA ASP H 28 -30.66 -1.47 -17.64
C ASP H 28 -30.58 -0.91 -19.06
N GLU H 29 -31.48 0.04 -19.39
CA GLU H 29 -31.59 0.76 -20.66
C GLU H 29 -30.37 1.67 -20.89
N LEU H 30 -29.97 2.45 -19.87
CA LEU H 30 -28.96 3.54 -20.03
C LEU H 30 -27.56 2.90 -20.05
N THR H 31 -27.29 1.82 -19.28
CA THR H 31 -25.93 1.39 -19.04
C THR H 31 -25.21 1.04 -20.35
N PRO H 32 -25.78 0.20 -21.25
CA PRO H 32 -25.09 -0.14 -22.48
C PRO H 32 -24.88 1.06 -23.43
N LYS H 33 -25.75 2.05 -23.38
CA LYS H 33 -25.58 3.30 -24.16
C LYS H 33 -24.40 4.14 -23.60
N LEU H 34 -24.21 4.15 -22.29
CA LEU H 34 -23.27 5.11 -21.65
C LEU H 34 -21.90 4.49 -21.44
N ILE H 35 -21.81 3.17 -21.24
CA ILE H 35 -20.49 2.54 -21.01
C ILE H 35 -20.06 1.84 -22.30
N PRO H 36 -18.97 2.30 -22.98
CA PRO H 36 -18.52 1.70 -24.22
C PRO H 36 -18.36 0.16 -24.15
N ALA H 37 -17.74 -0.38 -23.10
CA ALA H 37 -17.44 -1.81 -22.98
C ALA H 37 -18.70 -2.67 -22.84
N ILE H 38 -19.80 -2.17 -22.27
CA ILE H 38 -21.03 -3.00 -22.03
C ILE H 38 -21.92 -3.00 -23.29
N GLN H 39 -22.14 -4.18 -23.86
N GLN H 39 -22.14 -4.18 -23.86
CA GLN H 39 -22.87 -4.35 -25.13
CA GLN H 39 -22.89 -4.36 -25.13
C GLN H 39 -24.37 -4.53 -24.85
C GLN H 39 -24.37 -4.53 -24.85
N SER H 40 -24.75 -5.26 -23.80
CA SER H 40 -26.16 -5.58 -23.52
C SER H 40 -26.39 -6.09 -22.11
N ILE H 41 -27.63 -5.93 -21.66
CA ILE H 41 -28.22 -6.39 -20.38
C ILE H 41 -29.53 -7.06 -20.76
N GLU H 42 -29.60 -8.37 -20.63
CA GLU H 42 -30.80 -9.20 -20.92
C GLU H 42 -31.32 -9.77 -19.61
N ILE H 43 -32.62 -9.63 -19.35
CA ILE H 43 -33.23 -10.28 -18.15
C ILE H 43 -33.48 -11.76 -18.45
N VAL H 44 -32.70 -12.64 -17.81
CA VAL H 44 -32.90 -14.11 -17.81
C VAL H 44 -34.17 -14.53 -17.04
N GLU H 45 -34.42 -13.97 -15.86
CA GLU H 45 -35.65 -14.36 -15.11
C GLU H 45 -36.22 -13.15 -14.35
N GLY H 46 -37.54 -13.09 -14.26
CA GLY H 46 -38.20 -12.13 -13.35
C GLY H 46 -38.57 -10.85 -14.09
N ASN H 47 -39.07 -9.86 -13.38
CA ASN H 47 -39.63 -8.64 -14.04
C ASN H 47 -39.18 -7.36 -13.31
N GLY H 48 -38.10 -7.41 -12.52
CA GLY H 48 -37.52 -6.21 -11.89
C GLY H 48 -37.62 -6.23 -10.36
N GLY H 49 -38.32 -7.21 -9.81
CA GLY H 49 -38.41 -7.45 -8.35
C GLY H 49 -37.23 -8.27 -7.84
N PRO H 50 -37.16 -8.53 -6.51
CA PRO H 50 -36.17 -9.45 -5.93
C PRO H 50 -36.15 -10.80 -6.64
N GLY H 51 -34.96 -11.38 -6.87
CA GLY H 51 -34.78 -12.64 -7.62
C GLY H 51 -34.61 -12.42 -9.11
N THR H 52 -34.85 -11.22 -9.65
CA THR H 52 -34.61 -10.91 -11.08
C THR H 52 -33.12 -11.15 -11.40
N VAL H 53 -32.84 -11.85 -12.49
CA VAL H 53 -31.46 -12.18 -12.91
C VAL H 53 -31.22 -11.57 -14.28
N LYS H 54 -30.09 -10.93 -14.48
CA LYS H 54 -29.70 -10.24 -15.74
C LYS H 54 -28.36 -10.82 -16.18
N LYS H 55 -28.19 -11.01 -17.47
CA LYS H 55 -26.89 -11.32 -18.08
C LYS H 55 -26.31 -10.04 -18.68
N VAL H 56 -25.16 -9.60 -18.20
CA VAL H 56 -24.47 -8.38 -18.66
C VAL H 56 -23.29 -8.81 -19.51
N THR H 57 -23.28 -8.47 -20.79
CA THR H 57 -22.19 -8.81 -21.74
C THR H 57 -21.32 -7.60 -21.99
N ALA H 58 -20.00 -7.76 -22.01
CA ALA H 58 -19.06 -6.66 -22.29
C ALA H 58 -17.87 -7.14 -23.09
N VAL H 59 -17.17 -6.22 -23.72
CA VAL H 59 -15.97 -6.49 -24.58
C VAL H 59 -14.79 -5.78 -23.96
N GLU H 60 -13.67 -6.48 -23.78
CA GLU H 60 -12.37 -6.01 -23.23
C GLU H 60 -11.25 -6.62 -24.07
N ASP H 61 -10.44 -5.80 -24.74
CA ASP H 61 -9.27 -6.23 -25.55
C ASP H 61 -9.73 -7.16 -26.68
N GLY H 62 -10.88 -6.88 -27.32
CA GLY H 62 -11.50 -7.72 -28.36
C GLY H 62 -12.15 -9.02 -27.86
N LYS H 63 -12.11 -9.32 -26.56
CA LYS H 63 -12.69 -10.55 -25.94
C LYS H 63 -14.07 -10.24 -25.35
N THR H 64 -15.10 -10.98 -25.74
CA THR H 64 -16.47 -10.89 -25.16
C THR H 64 -16.58 -11.79 -23.94
N SER H 65 -17.10 -11.29 -22.83
CA SER H 65 -17.45 -12.10 -21.64
C SER H 65 -18.72 -11.52 -21.01
N TYR H 66 -19.25 -12.20 -20.02
CA TYR H 66 -20.50 -11.77 -19.33
C TYR H 66 -20.38 -12.08 -17.84
N VAL H 67 -21.21 -11.39 -17.07
CA VAL H 67 -21.46 -11.65 -15.64
C VAL H 67 -22.98 -11.71 -15.47
N LEU H 68 -23.38 -12.29 -14.34
CA LEU H 68 -24.80 -12.44 -13.99
C LEU H 68 -25.12 -11.43 -12.90
N HIS H 69 -26.25 -10.75 -13.04
CA HIS H 69 -26.70 -9.75 -12.05
C HIS H 69 -28.00 -10.24 -11.42
N LYS H 70 -28.07 -10.26 -10.08
CA LYS H 70 -29.30 -10.70 -9.36
C LYS H 70 -29.71 -9.64 -8.34
N ILE H 71 -30.98 -9.26 -8.38
CA ILE H 71 -31.54 -8.33 -7.36
C ILE H 71 -31.82 -9.12 -6.09
N ASP H 72 -31.16 -8.80 -4.98
CA ASP H 72 -31.39 -9.42 -3.66
C ASP H 72 -32.51 -8.69 -2.93
N ALA H 73 -32.59 -7.37 -3.02
CA ALA H 73 -33.65 -6.60 -2.30
C ALA H 73 -33.82 -5.25 -3.00
N ILE H 74 -35.02 -4.72 -2.87
CA ILE H 74 -35.39 -3.37 -3.29
C ILE H 74 -36.48 -2.86 -2.32
N ASP H 75 -36.30 -1.66 -1.80
CA ASP H 75 -37.30 -0.99 -0.95
C ASP H 75 -37.33 0.50 -1.33
N GLU H 76 -38.37 0.89 -2.07
CA GLU H 76 -38.60 2.27 -2.56
C GLU H 76 -38.62 3.24 -1.39
N ALA H 77 -39.22 2.90 -0.24
CA ALA H 77 -39.45 3.83 0.87
C ALA H 77 -38.11 4.35 1.43
N THR H 78 -37.11 3.48 1.48
CA THR H 78 -35.76 3.78 2.04
C THR H 78 -34.70 3.88 0.93
N TYR H 79 -35.09 3.86 -0.35
CA TYR H 79 -34.13 3.96 -1.51
C TYR H 79 -33.01 2.91 -1.37
N THR H 80 -33.42 1.69 -1.02
CA THR H 80 -32.55 0.52 -0.76
C THR H 80 -32.53 -0.38 -2.01
N TYR H 81 -31.33 -0.73 -2.47
CA TYR H 81 -31.13 -1.62 -3.62
C TYR H 81 -29.92 -2.49 -3.30
N ASP H 82 -30.19 -3.80 -3.12
CA ASP H 82 -29.16 -4.82 -2.86
C ASP H 82 -29.11 -5.76 -4.05
N TYR H 83 -27.90 -6.06 -4.53
CA TYR H 83 -27.74 -6.89 -5.75
C TYR H 83 -26.39 -7.59 -5.69
N THR H 84 -26.28 -8.71 -6.39
CA THR H 84 -25.09 -9.59 -6.38
C THR H 84 -24.65 -9.73 -7.83
N ILE H 85 -23.36 -9.51 -8.10
CA ILE H 85 -22.74 -9.85 -9.40
C ILE H 85 -21.99 -11.18 -9.23
N SER H 86 -22.33 -12.17 -9.99
CA SER H 86 -21.75 -13.53 -9.96
C SER H 86 -21.01 -13.64 -11.27
N GLY H 87 -19.85 -14.28 -11.17
CA GLY H 87 -18.71 -14.12 -12.07
C GLY H 87 -18.96 -14.36 -13.52
N GLY H 88 -19.79 -15.33 -13.91
CA GLY H 88 -19.94 -15.67 -15.34
C GLY H 88 -18.65 -16.14 -15.99
N THR H 89 -18.23 -15.56 -17.13
CA THR H 89 -16.89 -15.70 -17.72
C THR H 89 -16.08 -14.41 -17.58
N GLY H 90 -16.70 -13.37 -17.02
CA GLY H 90 -16.16 -12.00 -16.95
C GLY H 90 -15.12 -11.83 -15.85
N PHE H 91 -15.38 -12.34 -14.65
CA PHE H 91 -14.59 -12.05 -13.42
C PHE H 91 -13.19 -12.68 -13.51
N GLN H 92 -12.21 -12.04 -12.88
CA GLN H 92 -11.00 -12.71 -12.32
C GLN H 92 -11.33 -14.06 -11.70
N GLU H 93 -10.58 -15.11 -12.09
CA GLU H 93 -10.69 -16.45 -11.49
C GLU H 93 -10.71 -16.43 -9.94
N ILE H 94 -9.90 -15.60 -9.28
CA ILE H 94 -9.92 -15.48 -7.79
C ILE H 94 -11.25 -14.99 -7.17
N LEU H 95 -12.15 -14.34 -7.91
CA LEU H 95 -13.38 -13.69 -7.34
C LEU H 95 -14.60 -14.53 -7.73
N GLU H 96 -15.40 -15.07 -6.83
CA GLU H 96 -16.57 -15.89 -7.21
C GLU H 96 -17.73 -14.93 -7.45
N LYS H 97 -17.91 -13.93 -6.57
CA LYS H 97 -19.06 -13.02 -6.60
C LYS H 97 -18.84 -11.80 -5.73
N VAL H 98 -19.56 -10.74 -5.99
CA VAL H 98 -19.53 -9.49 -5.20
C VAL H 98 -20.99 -9.12 -4.88
N SER H 99 -21.29 -8.94 -3.62
CA SER H 99 -22.63 -8.50 -3.15
C SER H 99 -22.59 -7.03 -2.72
N PHE H 100 -23.55 -6.26 -3.20
CA PHE H 100 -23.67 -4.80 -2.93
C PHE H 100 -24.96 -4.56 -2.15
N LYS H 101 -24.85 -3.77 -1.10
CA LYS H 101 -26.02 -3.23 -0.35
C LYS H 101 -25.92 -1.71 -0.46
N THR H 102 -26.90 -1.08 -1.12
CA THR H 102 -26.86 0.37 -1.40
C THR H 102 -28.06 1.02 -0.74
N LYS H 103 -27.89 2.24 -0.24
CA LYS H 103 -28.97 3.05 0.33
C LYS H 103 -28.68 4.52 -0.01
N LEU H 104 -29.69 5.23 -0.49
CA LEU H 104 -29.64 6.70 -0.66
C LEU H 104 -30.33 7.36 0.53
N GLU H 105 -29.87 8.53 0.94
CA GLU H 105 -30.63 9.38 1.88
C GLU H 105 -30.44 10.84 1.44
N ALA H 106 -31.42 11.66 1.78
CA ALA H 106 -31.42 13.10 1.46
C ALA H 106 -30.18 13.74 2.11
N ALA H 107 -29.44 14.57 1.38
CA ALA H 107 -28.34 15.38 1.93
C ALA H 107 -28.17 16.63 1.07
N ASP H 108 -28.37 17.82 1.66
CA ASP H 108 -28.03 19.14 1.04
C ASP H 108 -28.74 19.29 -0.33
N GLY H 109 -30.00 18.89 -0.44
CA GLY H 109 -30.77 19.01 -1.71
C GLY H 109 -30.51 17.82 -2.61
N GLY H 110 -29.46 17.01 -2.32
CA GLY H 110 -29.08 15.86 -3.12
C GLY H 110 -29.21 14.57 -2.32
N SER H 111 -28.31 13.64 -2.58
CA SER H 111 -28.29 12.28 -1.99
C SER H 111 -26.93 12.01 -1.35
N LYS H 112 -26.95 11.32 -0.23
CA LYS H 112 -25.77 10.60 0.28
C LYS H 112 -25.97 9.14 -0.14
N ILE H 113 -24.93 8.52 -0.71
CA ILE H 113 -24.98 7.13 -1.22
C ILE H 113 -24.15 6.28 -0.25
N LYS H 114 -24.78 5.37 0.45
CA LYS H 114 -24.12 4.52 1.48
C LYS H 114 -24.06 3.12 0.91
N VAL H 115 -22.87 2.58 0.80
CA VAL H 115 -22.65 1.24 0.17
C VAL H 115 -21.87 0.34 1.13
N SER H 116 -22.30 -0.90 1.19
CA SER H 116 -21.61 -2.03 1.83
C SER H 116 -21.37 -3.12 0.79
N VAL H 117 -20.10 -3.48 0.58
CA VAL H 117 -19.64 -4.37 -0.50
C VAL H 117 -18.95 -5.58 0.11
N THR H 118 -19.42 -6.77 -0.26
CA THR H 118 -18.80 -8.04 0.15
C THR H 118 -18.24 -8.76 -1.08
N PHE H 119 -16.92 -8.88 -1.13
CA PHE H 119 -16.17 -9.72 -2.09
C PHE H 119 -16.10 -11.15 -1.55
N HIS H 120 -16.50 -12.12 -2.37
CA HIS H 120 -16.37 -13.58 -2.10
C HIS H 120 -15.27 -14.12 -3.00
N THR H 121 -14.13 -14.45 -2.39
CA THR H 121 -12.96 -14.99 -3.13
C THR H 121 -13.09 -16.52 -3.14
N LYS H 122 -12.38 -17.18 -4.07
CA LYS H 122 -12.19 -18.65 -4.09
C LYS H 122 -11.52 -19.13 -2.80
N GLY H 123 -11.96 -20.28 -2.28
CA GLY H 123 -11.39 -20.93 -1.09
C GLY H 123 -11.15 -19.93 0.02
N ASP H 124 -9.91 -19.78 0.49
CA ASP H 124 -9.53 -18.87 1.60
C ASP H 124 -8.67 -17.72 1.05
N ALA H 125 -8.81 -17.40 -0.24
CA ALA H 125 -7.95 -16.41 -0.90
C ALA H 125 -8.18 -15.03 -0.26
N PRO H 126 -7.09 -14.27 -0.02
CA PRO H 126 -7.23 -12.84 0.26
C PRO H 126 -7.74 -12.12 -0.98
N LEU H 127 -8.27 -10.93 -0.77
CA LEU H 127 -8.70 -10.05 -1.88
C LEU H 127 -7.50 -9.24 -2.29
N PRO H 128 -6.91 -9.43 -3.49
CA PRO H 128 -5.82 -8.57 -3.94
C PRO H 128 -6.32 -7.12 -4.06
N ASP H 129 -5.46 -6.18 -3.71
CA ASP H 129 -5.81 -4.75 -3.77
C ASP H 129 -6.27 -4.39 -5.20
N GLU H 130 -5.64 -5.01 -6.19
CA GLU H 130 -5.91 -4.77 -7.63
C GLU H 130 -7.36 -5.16 -7.95
N VAL H 131 -7.83 -6.29 -7.44
CA VAL H 131 -9.23 -6.72 -7.68
C VAL H 131 -10.20 -5.76 -7.01
N HIS H 132 -9.91 -5.36 -5.78
CA HIS H 132 -10.79 -4.44 -5.03
C HIS H 132 -10.87 -3.12 -5.80
N GLN H 133 -9.73 -2.64 -6.27
CA GLN H 133 -9.61 -1.36 -6.99
C GLN H 133 -10.35 -1.42 -8.33
N ASP H 134 -10.20 -2.52 -9.07
CA ASP H 134 -10.88 -2.67 -10.38
C ASP H 134 -12.39 -2.71 -10.19
N VAL H 135 -12.90 -3.46 -9.22
CA VAL H 135 -14.37 -3.59 -8.94
C VAL H 135 -14.92 -2.24 -8.49
N LYS H 136 -14.19 -1.55 -7.63
CA LYS H 136 -14.64 -0.21 -7.15
C LYS H 136 -14.72 0.81 -8.30
N GLN H 137 -13.69 0.86 -9.15
CA GLN H 137 -13.62 1.79 -10.29
C GLN H 137 -14.81 1.57 -11.23
N LYS H 138 -15.09 0.32 -11.56
CA LYS H 138 -16.18 -0.06 -12.50
C LYS H 138 -17.54 0.24 -11.86
N SER H 139 -17.71 0.00 -10.56
CA SER H 139 -18.97 0.26 -9.83
C SER H 139 -19.21 1.78 -9.89
N GLN H 140 -18.15 2.55 -9.64
CA GLN H 140 -18.23 4.02 -9.62
C GLN H 140 -18.55 4.50 -11.05
N GLY H 141 -17.84 3.94 -12.01
CA GLY H 141 -17.96 4.29 -13.44
C GLY H 141 -19.41 4.20 -13.93
N ILE H 142 -20.05 3.07 -13.69
CA ILE H 142 -21.43 2.84 -14.13
C ILE H 142 -22.38 3.83 -13.46
N PHE H 143 -22.30 3.91 -12.11
CA PHE H 143 -23.19 4.76 -11.30
C PHE H 143 -23.01 6.20 -11.78
N LYS H 144 -21.77 6.67 -11.90
CA LYS H 144 -21.47 8.09 -12.20
C LYS H 144 -21.74 8.41 -13.69
N ALA H 145 -21.65 7.45 -14.63
CA ALA H 145 -22.07 7.67 -16.03
C ALA H 145 -23.57 7.94 -16.04
N ILE H 146 -24.37 7.15 -15.31
CA ILE H 146 -25.84 7.35 -15.28
C ILE H 146 -26.16 8.70 -14.66
N GLU H 147 -25.54 9.02 -13.50
CA GLU H 147 -25.81 10.27 -12.78
C GLU H 147 -25.55 11.48 -13.69
N GLY H 148 -24.44 11.46 -14.44
CA GLY H 148 -24.14 12.52 -15.38
C GLY H 148 -25.19 12.62 -16.49
N TYR H 149 -25.59 11.47 -17.01
CA TYR H 149 -26.67 11.38 -18.01
C TYR H 149 -27.95 12.01 -17.49
N VAL H 150 -28.34 11.70 -16.23
CA VAL H 150 -29.58 12.22 -15.59
C VAL H 150 -29.44 13.75 -15.48
N LEU H 151 -28.26 14.27 -15.13
CA LEU H 151 -28.08 15.73 -14.98
C LEU H 151 -28.20 16.42 -16.34
N SER H 152 -27.84 15.78 -17.43
CA SER H 152 -27.78 16.47 -18.74
C SER H 152 -29.13 16.36 -19.49
N ASN H 153 -29.96 15.39 -19.13
CA ASN H 153 -31.22 15.07 -19.88
C ASN H 153 -32.38 15.40 -18.96
N GLY I 2 31.35 40.58 57.49
CA GLY I 2 31.84 39.44 58.27
C GLY I 2 32.59 38.47 57.42
N VAL I 3 33.58 37.78 57.99
CA VAL I 3 34.47 36.83 57.27
C VAL I 3 34.23 35.43 57.84
N HIS I 4 33.89 34.48 56.97
CA HIS I 4 33.57 33.09 57.32
C HIS I 4 34.42 32.16 56.44
N THR I 5 35.34 31.42 57.08
CA THR I 5 36.33 30.57 56.36
C THR I 5 35.98 29.10 56.54
N PHE I 6 36.11 28.33 55.47
CA PHE I 6 35.94 26.85 55.46
C PHE I 6 37.10 26.24 54.70
N GLU I 7 37.55 25.07 55.14
CA GLU I 7 38.66 24.29 54.54
C GLU I 7 38.14 22.89 54.30
N GLU I 8 38.41 22.35 53.12
CA GLU I 8 37.90 21.03 52.71
C GLU I 8 38.95 20.34 51.84
N GLU I 9 38.91 19.02 51.85
CA GLU I 9 39.72 18.14 50.99
C GLU I 9 38.79 17.10 50.39
N SER I 10 39.07 16.72 49.16
CA SER I 10 38.39 15.61 48.45
C SER I 10 39.41 15.01 47.49
N THR I 11 39.09 13.88 46.88
CA THR I 11 40.00 13.19 45.96
C THR I 11 39.29 13.02 44.62
N SER I 12 40.08 12.86 43.57
CA SER I 12 39.63 12.57 42.19
C SER I 12 40.52 11.44 41.69
N PRO I 13 40.00 10.51 40.87
CA PRO I 13 40.83 9.57 40.15
C PRO I 13 41.60 10.21 38.98
N VAL I 14 41.31 11.45 38.65
CA VAL I 14 42.00 12.16 37.55
C VAL I 14 43.30 12.74 38.08
N PRO I 15 44.44 12.47 37.43
CA PRO I 15 45.72 13.06 37.82
C PRO I 15 45.72 14.58 37.68
N PRO I 16 46.56 15.29 38.47
CA PRO I 16 46.42 16.73 38.63
C PRO I 16 46.59 17.58 37.37
N ALA I 17 47.53 17.26 36.49
CA ALA I 17 47.78 18.11 35.30
C ALA I 17 46.53 18.04 34.40
N LYS I 18 45.99 16.87 34.16
CA LYS I 18 44.75 16.69 33.34
C LYS I 18 43.59 17.40 34.03
N LEU I 19 43.48 17.29 35.35
CA LEU I 19 42.31 17.84 36.10
C LEU I 19 42.45 19.37 36.11
N PHE I 20 43.66 19.87 36.31
CA PHE I 20 43.94 21.32 36.30
C PHE I 20 43.66 21.90 34.89
N LYS I 21 44.14 21.25 33.87
CA LYS I 21 43.92 21.70 32.46
C LYS I 21 42.43 21.82 32.19
N ALA I 22 41.63 20.83 32.53
CA ALA I 22 40.18 20.83 32.25
C ALA I 22 39.45 21.90 33.07
N THR I 23 39.74 22.03 34.37
CA THR I 23 38.94 22.86 35.28
C THR I 23 39.37 24.33 35.18
N VAL I 24 40.66 24.60 35.00
CA VAL I 24 41.21 25.98 35.08
C VAL I 24 41.52 26.50 33.68
N VAL I 25 42.31 25.81 32.88
CA VAL I 25 42.73 26.30 31.53
C VAL I 25 41.56 26.22 30.54
N ASP I 26 40.79 25.13 30.51
CA ASP I 26 39.69 24.90 29.52
C ASP I 26 38.34 25.18 30.15
N GLY I 27 38.30 25.60 31.43
CA GLY I 27 37.06 25.83 32.18
C GLY I 27 36.11 26.77 31.51
N ASP I 28 36.60 27.86 30.90
CA ASP I 28 35.73 28.91 30.29
C ASP I 28 34.97 28.31 29.09
N GLU I 29 35.60 27.42 28.35
CA GLU I 29 34.97 26.72 27.19
C GLU I 29 34.02 25.63 27.69
N LEU I 30 34.46 24.81 28.65
CA LEU I 30 33.70 23.58 29.03
C LEU I 30 32.49 23.93 29.88
N THR I 31 32.59 24.93 30.77
CA THR I 31 31.54 25.13 31.79
C THR I 31 30.20 25.41 31.14
N PRO I 32 30.09 26.34 30.18
CA PRO I 32 28.82 26.59 29.49
C PRO I 32 28.23 25.39 28.73
N LYS I 33 29.09 24.54 28.21
CA LYS I 33 28.68 23.27 27.54
C LYS I 33 28.09 22.30 28.55
N LEU I 34 28.64 22.21 29.76
CA LEU I 34 28.30 21.17 30.73
C LEU I 34 27.17 21.63 31.65
N ILE I 35 27.10 22.90 32.01
CA ILE I 35 26.09 23.37 32.99
C ILE I 35 24.95 24.04 32.23
N PRO I 36 23.72 23.50 32.24
CA PRO I 36 22.59 24.08 31.51
C PRO I 36 22.38 25.58 31.77
N ALA I 37 22.44 26.04 33.03
CA ALA I 37 22.13 27.45 33.38
C ALA I 37 23.17 28.43 32.81
N ILE I 38 24.43 28.03 32.65
CA ILE I 38 25.54 28.98 32.26
C ILE I 38 25.62 29.11 30.73
N GLN I 39 25.42 30.33 30.25
CA GLN I 39 25.34 30.66 28.80
C GLN I 39 26.75 31.00 28.28
N SER I 40 27.57 31.69 29.05
CA SER I 40 28.92 32.13 28.59
C SER I 40 29.80 32.57 29.77
N ILE I 41 31.11 32.48 29.53
CA ILE I 41 32.21 32.99 30.38
C ILE I 41 33.13 33.81 29.46
N GLU I 42 33.09 35.13 29.56
CA GLU I 42 33.82 36.09 28.70
C GLU I 42 34.86 36.82 29.54
N ILE I 43 36.10 36.89 29.08
CA ILE I 43 37.16 37.71 29.73
C ILE I 43 36.82 39.18 29.45
N VAL I 44 36.66 39.99 30.50
CA VAL I 44 36.35 41.44 30.34
C VAL I 44 37.61 42.26 30.59
N GLU I 45 38.59 41.70 31.29
CA GLU I 45 39.89 42.38 31.64
C GLU I 45 40.98 41.30 31.74
N GLY I 46 42.17 41.58 31.23
CA GLY I 46 43.38 40.73 31.39
C GLY I 46 43.41 39.63 30.36
N ASN I 47 44.32 38.67 30.49
CA ASN I 47 44.58 37.64 29.45
C ASN I 47 44.78 36.25 30.08
N GLY I 48 44.35 36.02 31.32
CA GLY I 48 44.35 34.69 31.97
C GLY I 48 45.26 34.63 33.19
N GLY I 49 46.05 35.67 33.42
CA GLY I 49 46.92 35.80 34.60
C GLY I 49 46.18 36.44 35.76
N PRO I 50 46.85 36.64 36.92
CA PRO I 50 46.29 37.36 38.07
C PRO I 50 45.70 38.73 37.65
N GLY I 51 44.54 39.12 38.22
CA GLY I 51 43.83 40.35 37.88
C GLY I 51 42.84 40.17 36.72
N THR I 52 42.86 39.04 36.01
CA THR I 52 41.88 38.74 34.94
C THR I 52 40.48 38.73 35.54
N VAL I 53 39.52 39.36 34.90
CA VAL I 53 38.09 39.37 35.32
C VAL I 53 37.30 38.70 34.20
N LYS I 54 36.43 37.78 34.59
CA LYS I 54 35.53 37.06 33.67
C LYS I 54 34.09 37.36 34.09
N LYS I 55 33.25 37.56 33.09
CA LYS I 55 31.80 37.71 33.28
C LYS I 55 31.16 36.36 33.02
N VAL I 56 30.46 35.84 34.02
CA VAL I 56 29.74 34.53 33.92
C VAL I 56 28.26 34.88 33.83
N THR I 57 27.64 34.58 32.66
CA THR I 57 26.23 34.86 32.44
C THR I 57 25.44 33.57 32.58
N ALA I 58 24.31 33.59 33.26
CA ALA I 58 23.46 32.41 33.44
C ALA I 58 21.98 32.80 33.38
N VAL I 59 21.13 31.82 33.13
CA VAL I 59 19.66 31.95 33.11
C VAL I 59 19.08 31.14 34.27
N GLU I 60 18.16 31.74 35.04
CA GLU I 60 17.28 31.09 36.04
C GLU I 60 15.85 31.58 35.86
N ASP I 61 14.92 30.66 35.59
CA ASP I 61 13.45 30.95 35.46
C ASP I 61 13.25 31.93 34.30
N GLY I 62 13.99 31.77 33.19
CA GLY I 62 13.94 32.64 32.00
C GLY I 62 14.62 34.01 32.17
N LYS I 63 15.16 34.34 33.35
CA LYS I 63 15.84 35.64 33.63
C LYS I 63 17.36 35.47 33.48
N THR I 64 18.00 36.33 32.70
CA THR I 64 19.45 36.40 32.52
C THR I 64 20.08 37.30 33.59
N SER I 65 21.15 36.84 34.24
CA SER I 65 21.99 37.67 35.13
C SER I 65 23.45 37.22 34.98
N TYR I 66 24.36 37.92 35.64
CA TYR I 66 25.81 37.58 35.59
C TYR I 66 26.46 37.85 36.94
N VAL I 67 27.63 37.24 37.12
CA VAL I 67 28.57 37.55 38.25
C VAL I 67 29.96 37.74 37.65
N LEU I 68 30.89 38.30 38.43
CA LEU I 68 32.29 38.48 37.98
C LEU I 68 33.15 37.46 38.71
N HIS I 69 34.10 36.88 37.99
CA HIS I 69 35.11 35.94 38.51
C HIS I 69 36.48 36.60 38.32
N LYS I 70 37.21 36.81 39.43
CA LYS I 70 38.53 37.49 39.33
C LYS I 70 39.63 36.50 39.74
N ILE I 71 40.68 36.39 38.92
CA ILE I 71 41.82 35.48 39.24
C ILE I 71 42.70 36.22 40.23
N ASP I 72 42.84 35.67 41.44
CA ASP I 72 43.75 36.19 42.48
C ASP I 72 45.14 35.56 42.28
N ALA I 73 45.23 34.28 41.91
CA ALA I 73 46.53 33.63 41.62
C ALA I 73 46.32 32.39 40.76
N ILE I 74 47.29 32.08 39.91
CA ILE I 74 47.21 30.91 39.01
C ILE I 74 48.64 30.44 38.77
N ASP I 75 48.91 29.16 38.99
CA ASP I 75 50.25 28.57 38.74
C ASP I 75 50.06 27.11 38.31
N GLU I 76 50.21 26.86 37.02
CA GLU I 76 50.09 25.53 36.38
C GLU I 76 51.02 24.52 37.08
N ALA I 77 52.24 24.89 37.43
CA ALA I 77 53.29 23.96 37.92
C ALA I 77 52.85 23.32 39.24
N THR I 78 52.16 24.08 40.10
CA THR I 78 51.72 23.65 41.46
C THR I 78 50.21 23.43 41.49
N TYR I 79 49.54 23.47 40.34
CA TYR I 79 48.07 23.22 40.21
C TYR I 79 47.30 24.13 41.17
N THR I 80 47.71 25.42 41.23
CA THR I 80 47.16 26.43 42.15
C THR I 80 46.22 27.34 41.36
N TYR I 81 44.99 27.51 41.84
CA TYR I 81 44.02 28.43 41.24
C TYR I 81 43.20 29.09 42.34
N ASP I 82 43.44 30.39 42.53
CA ASP I 82 42.76 31.22 43.55
C ASP I 82 41.94 32.27 42.78
N TYR I 83 40.68 32.45 43.15
CA TYR I 83 39.75 33.32 42.42
C TYR I 83 38.65 33.78 43.36
N THR I 84 38.04 34.91 43.02
CA THR I 84 37.00 35.60 43.80
C THR I 84 35.75 35.72 42.94
N ILE I 85 34.60 35.34 43.49
CA ILE I 85 33.28 35.62 42.85
C ILE I 85 32.64 36.84 43.54
N SER I 86 32.24 37.84 42.75
CA SER I 86 31.66 39.10 43.30
C SER I 86 30.72 39.74 42.28
N GLY I 87 29.84 40.63 42.74
CA GLY I 87 29.32 41.74 41.92
C GLY I 87 28.29 41.28 40.90
N GLY I 88 27.92 42.17 39.98
CA GLY I 88 26.96 41.79 38.92
C GLY I 88 25.53 41.71 39.44
N THR I 89 24.65 41.09 38.65
CA THR I 89 23.19 41.09 38.91
C THR I 89 22.74 39.76 39.55
N GLY I 90 23.59 38.73 39.51
CA GLY I 90 23.16 37.37 39.91
C GLY I 90 23.78 36.93 41.23
N PHE I 91 24.52 37.81 41.91
CA PHE I 91 25.28 37.39 43.11
C PHE I 91 24.35 37.28 44.33
N GLN I 92 24.72 36.43 45.29
CA GLN I 92 24.01 36.28 46.58
C GLN I 92 23.88 37.66 47.26
N GLU I 93 22.68 37.99 47.74
CA GLU I 93 22.33 39.34 48.26
C GLU I 93 23.18 39.66 49.53
N ILE I 94 23.41 38.69 50.39
CA ILE I 94 24.04 38.91 51.74
C ILE I 94 25.56 38.99 51.58
N LEU I 95 26.11 38.68 50.40
CA LEU I 95 27.58 38.54 50.19
C LEU I 95 28.13 39.78 49.48
N GLU I 96 29.28 40.22 49.97
CA GLU I 96 30.15 41.19 49.24
C GLU I 96 30.95 40.39 48.23
N LYS I 97 31.50 39.22 48.61
CA LYS I 97 32.30 38.37 47.72
C LYS I 97 32.54 37.01 48.38
N VAL I 98 32.93 36.03 47.57
CA VAL I 98 33.48 34.73 48.09
C VAL I 98 34.80 34.48 47.40
N SER I 99 35.84 34.26 48.18
CA SER I 99 37.20 34.00 47.67
C SER I 99 37.54 32.52 47.87
N PHE I 100 38.08 31.91 46.83
CA PHE I 100 38.45 30.48 46.74
C PHE I 100 39.97 30.39 46.56
N LYS I 101 40.58 29.51 47.33
CA LYS I 101 41.98 29.05 47.12
C LYS I 101 41.93 27.55 46.85
N THR I 102 42.34 27.11 45.68
CA THR I 102 42.30 25.68 45.29
C THR I 102 43.72 25.23 44.98
N LYS I 103 44.04 23.99 45.34
CA LYS I 103 45.34 23.37 45.05
C LYS I 103 45.11 21.89 44.83
N LEU I 104 45.62 21.34 43.75
CA LEU I 104 45.66 19.88 43.49
C LEU I 104 47.05 19.37 43.90
N GLU I 105 47.13 18.12 44.36
CA GLU I 105 48.39 17.38 44.44
C GLU I 105 48.12 15.94 44.02
N ALA I 106 49.19 15.26 43.58
CA ALA I 106 49.12 13.84 43.21
C ALA I 106 48.71 13.04 44.43
N ALA I 107 47.76 12.10 44.29
CA ALA I 107 47.48 11.07 45.30
C ALA I 107 46.97 9.81 44.59
N ASP I 108 47.64 8.69 44.81
CA ASP I 108 47.18 7.36 44.31
C ASP I 108 46.79 7.37 42.83
N GLY I 109 47.60 8.01 41.99
CA GLY I 109 47.39 8.08 40.53
C GLY I 109 46.40 9.13 40.12
N GLY I 110 45.71 9.73 41.09
CA GLY I 110 44.69 10.77 40.89
C GLY I 110 45.13 12.02 41.59
N SER I 111 44.18 12.73 42.14
CA SER I 111 44.45 14.03 42.79
C SER I 111 43.79 14.15 44.17
N LYS I 112 44.45 14.91 45.00
CA LYS I 112 43.91 15.37 46.28
C LYS I 112 43.58 16.84 45.99
N ILE I 113 42.35 17.24 46.26
CA ILE I 113 41.90 18.63 46.00
C ILE I 113 41.85 19.34 47.35
N LYS I 114 42.58 20.43 47.47
CA LYS I 114 42.60 21.17 48.74
C LYS I 114 41.95 22.53 48.48
N VAL I 115 40.94 22.86 49.27
CA VAL I 115 40.20 24.13 49.09
C VAL I 115 40.13 24.90 50.42
N SER I 116 40.30 26.20 50.31
CA SER I 116 40.00 27.21 51.35
C SER I 116 39.01 28.24 50.77
N VAL I 117 37.85 28.39 51.38
CA VAL I 117 36.75 29.29 50.92
C VAL I 117 36.49 30.34 52.00
N THR I 118 36.55 31.59 51.65
CA THR I 118 36.24 32.73 52.55
C THR I 118 35.02 33.47 52.01
N PHE I 119 33.92 33.40 52.75
CA PHE I 119 32.69 34.20 52.52
C PHE I 119 32.84 35.56 53.23
N HIS I 120 32.65 36.65 52.49
CA HIS I 120 32.59 38.03 53.03
C HIS I 120 31.14 38.48 52.98
N THR I 121 30.50 38.55 54.15
CA THR I 121 29.09 38.99 54.26
C THR I 121 29.07 40.51 54.40
N LYS I 122 27.95 41.13 54.03
CA LYS I 122 27.69 42.56 54.33
C LYS I 122 27.65 42.78 55.83
N GLY I 123 28.17 43.94 56.25
CA GLY I 123 28.26 44.36 57.66
C GLY I 123 28.88 43.26 58.49
N ASP I 124 28.20 42.86 59.55
CA ASP I 124 28.64 41.81 60.51
C ASP I 124 27.69 40.61 60.39
N ALA I 125 27.05 40.43 59.23
CA ALA I 125 26.06 39.36 59.04
C ALA I 125 26.73 37.99 59.22
N PRO I 126 26.07 37.05 59.91
CA PRO I 126 26.47 35.65 59.89
C PRO I 126 26.19 35.11 58.47
N LEU I 127 26.85 34.01 58.11
CA LEU I 127 26.64 33.32 56.85
C LEU I 127 25.46 32.37 57.02
N PRO I 128 24.31 32.60 56.36
CA PRO I 128 23.19 31.66 56.47
C PRO I 128 23.60 30.32 55.86
N ASP I 129 23.11 29.22 56.46
CA ASP I 129 23.37 27.84 55.98
C ASP I 129 23.00 27.72 54.49
N GLU I 130 21.91 28.37 54.08
CA GLU I 130 21.37 28.29 52.70
C GLU I 130 22.43 28.83 51.72
N VAL I 131 23.08 29.94 52.07
CA VAL I 131 24.06 30.62 51.18
C VAL I 131 25.32 29.76 51.08
N HIS I 132 25.85 29.28 52.20
CA HIS I 132 26.97 28.30 52.27
C HIS I 132 26.66 27.13 51.32
N GLN I 133 25.47 26.54 51.49
CA GLN I 133 25.01 25.35 50.76
C GLN I 133 24.98 25.66 49.27
N ASP I 134 24.42 26.80 48.88
CA ASP I 134 24.23 27.16 47.46
C ASP I 134 25.58 27.40 46.79
N VAL I 135 26.49 28.13 47.42
CA VAL I 135 27.83 28.39 46.84
C VAL I 135 28.61 27.08 46.72
N LYS I 136 28.50 26.22 47.73
CA LYS I 136 29.19 24.91 47.76
C LYS I 136 28.63 24.01 46.64
N GLN I 137 27.34 23.86 46.54
CA GLN I 137 26.70 23.01 45.51
C GLN I 137 27.13 23.48 44.12
N LYS I 138 27.14 24.78 43.84
CA LYS I 138 27.50 25.33 42.52
C LYS I 138 28.98 25.09 42.24
N SER I 139 29.83 25.28 43.24
CA SER I 139 31.30 25.12 43.11
C SER I 139 31.56 23.64 42.80
N GLN I 140 30.89 22.76 43.55
CA GLN I 140 31.07 21.30 43.40
C GLN I 140 30.54 20.89 42.06
N GLY I 141 29.36 21.40 41.68
CA GLY I 141 28.69 21.06 40.44
C GLY I 141 29.57 21.30 39.25
N ILE I 142 30.17 22.48 39.12
CA ILE I 142 31.04 22.83 37.99
C ILE I 142 32.24 21.90 37.95
N PHE I 143 32.95 21.81 39.08
CA PHE I 143 34.18 21.01 39.18
C PHE I 143 33.85 19.56 38.82
N LYS I 144 32.79 18.99 39.39
CA LYS I 144 32.43 17.56 39.23
C LYS I 144 31.81 17.29 37.83
N ALA I 145 31.17 18.26 37.19
CA ALA I 145 30.72 18.12 35.78
C ALA I 145 31.96 17.99 34.90
N ILE I 146 32.98 18.82 35.11
CA ILE I 146 34.21 18.78 34.28
C ILE I 146 34.93 17.46 34.52
N GLU I 147 35.09 17.05 35.77
CA GLU I 147 35.76 15.78 36.17
C GLU I 147 35.11 14.60 35.45
N GLY I 148 33.79 14.56 35.43
CA GLY I 148 33.02 13.51 34.74
C GLY I 148 33.30 13.54 33.25
N TYR I 149 33.30 14.74 32.67
CA TYR I 149 33.64 14.94 31.25
C TYR I 149 35.04 14.36 30.96
N VAL I 150 36.02 14.69 31.80
CA VAL I 150 37.44 14.25 31.64
C VAL I 150 37.48 12.72 31.72
N LEU I 151 36.75 12.14 32.67
CA LEU I 151 36.72 10.66 32.83
C LEU I 151 36.12 10.03 31.56
N SER I 152 35.11 10.66 30.97
CA SER I 152 34.40 10.06 29.82
C SER I 152 35.32 10.02 28.58
N ASN I 153 36.36 10.84 28.54
CA ASN I 153 37.06 11.14 27.26
C ASN I 153 38.51 10.64 27.30
N GLY J 2 -31.16 -20.35 13.75
CA GLY J 2 -30.13 -21.35 13.39
C GLY J 2 -30.42 -22.68 14.07
N VAL J 3 -31.18 -23.55 13.38
CA VAL J 3 -31.68 -24.83 13.95
C VAL J 3 -31.03 -25.96 13.16
N HIS J 4 -30.39 -26.88 13.88
CA HIS J 4 -29.69 -28.04 13.26
C HIS J 4 -30.12 -29.32 13.98
N THR J 5 -30.83 -30.21 13.27
CA THR J 5 -31.44 -31.41 13.89
C THR J 5 -30.67 -32.66 13.46
N PHE J 6 -30.32 -33.53 14.40
CA PHE J 6 -29.66 -34.81 14.06
C PHE J 6 -30.46 -35.97 14.66
N GLU J 7 -30.53 -37.06 13.92
CA GLU J 7 -31.26 -38.29 14.35
C GLU J 7 -30.26 -39.43 14.28
N GLU J 8 -30.17 -40.20 15.35
CA GLU J 8 -29.09 -41.20 15.47
C GLU J 8 -29.63 -42.36 16.29
N GLU J 9 -29.04 -43.52 16.06
CA GLU J 9 -29.39 -44.77 16.75
C GLU J 9 -28.11 -45.47 17.14
N SER J 10 -28.14 -46.15 18.28
CA SER J 10 -27.08 -47.07 18.77
C SER J 10 -27.77 -48.18 19.55
N THR J 11 -27.05 -49.24 19.90
CA THR J 11 -27.65 -50.37 20.65
C THR J 11 -26.83 -50.56 21.92
N SER J 12 -27.44 -51.18 22.91
CA SER J 12 -26.85 -51.60 24.18
C SER J 12 -27.31 -53.03 24.43
N PRO J 13 -26.46 -53.88 25.04
CA PRO J 13 -26.90 -55.18 25.53
C PRO J 13 -27.76 -55.08 26.80
N VAL J 14 -27.85 -53.89 27.39
CA VAL J 14 -28.67 -53.69 28.62
C VAL J 14 -30.12 -53.48 28.20
N PRO J 15 -31.06 -54.25 28.79
CA PRO J 15 -32.48 -54.05 28.51
C PRO J 15 -32.97 -52.68 28.96
N PRO J 16 -34.04 -52.16 28.32
CA PRO J 16 -34.41 -50.74 28.45
C PRO J 16 -34.77 -50.27 29.86
N ALA J 17 -35.44 -51.09 30.66
CA ALA J 17 -35.88 -50.61 31.99
C ALA J 17 -34.63 -50.35 32.84
N LYS J 18 -33.72 -51.32 32.89
CA LYS J 18 -32.48 -51.21 33.69
C LYS J 18 -31.65 -50.04 33.14
N LEU J 19 -31.58 -49.90 31.82
CA LEU J 19 -30.75 -48.84 31.17
C LEU J 19 -31.36 -47.47 31.45
N PHE J 20 -32.67 -47.36 31.36
CA PHE J 20 -33.43 -46.12 31.66
C PHE J 20 -33.22 -45.74 33.14
N LYS J 21 -33.37 -46.69 34.04
CA LYS J 21 -33.21 -46.42 35.49
C LYS J 21 -31.80 -45.84 35.75
N ALA J 22 -30.76 -46.44 35.19
CA ALA J 22 -29.36 -46.00 35.44
C ALA J 22 -29.11 -44.62 34.82
N THR J 23 -29.53 -44.39 33.57
CA THR J 23 -29.12 -43.19 32.79
C THR J 23 -29.99 -41.99 33.15
N VAL J 24 -31.28 -42.22 33.44
CA VAL J 24 -32.25 -41.11 33.62
C VAL J 24 -32.56 -40.95 35.11
N VAL J 25 -33.01 -41.99 35.81
CA VAL J 25 -33.43 -41.87 37.24
C VAL J 25 -32.20 -41.72 38.15
N ASP J 26 -31.12 -42.47 37.94
CA ASP J 26 -29.91 -42.45 38.82
C ASP J 26 -28.79 -41.63 38.20
N GLY J 27 -29.02 -41.02 37.02
CA GLY J 27 -27.99 -40.29 36.26
C GLY J 27 -27.31 -39.17 37.08
N ASP J 28 -28.08 -38.43 37.86
CA ASP J 28 -27.60 -37.27 38.66
C ASP J 28 -26.57 -37.72 39.71
N GLU J 29 -26.82 -38.87 40.35
CA GLU J 29 -25.94 -39.47 41.36
C GLU J 29 -24.72 -40.10 40.67
N LEU J 30 -24.87 -40.83 39.55
CA LEU J 30 -23.76 -41.63 38.98
C LEU J 30 -22.78 -40.72 38.22
N THR J 31 -23.28 -39.69 37.53
CA THR J 31 -22.47 -38.96 36.53
C THR J 31 -21.24 -38.36 37.20
N PRO J 32 -21.35 -37.61 38.32
CA PRO J 32 -20.16 -37.04 38.96
C PRO J 32 -19.15 -38.07 39.46
N LYS J 33 -19.62 -39.23 39.86
CA LYS J 33 -18.75 -40.36 40.28
C LYS J 33 -17.97 -40.92 39.08
N LEU J 34 -18.57 -40.98 37.89
CA LEU J 34 -18.00 -41.71 36.73
C LEU J 34 -17.20 -40.75 35.85
N ILE J 35 -17.58 -39.49 35.75
CA ILE J 35 -16.91 -38.55 34.82
C ILE J 35 -16.00 -37.63 35.64
N PRO J 36 -14.65 -37.73 35.48
CA PRO J 36 -13.71 -36.92 36.26
C PRO J 36 -14.02 -35.41 36.26
N ALA J 37 -14.35 -34.81 35.11
CA ALA J 37 -14.53 -33.34 34.99
C ALA J 37 -15.78 -32.86 35.76
N ILE J 38 -16.83 -33.69 35.93
CA ILE J 38 -18.11 -33.26 36.53
C ILE J 38 -18.04 -33.38 38.05
N GLN J 39 -18.19 -32.25 38.75
CA GLN J 39 -18.06 -32.15 40.22
C GLN J 39 -19.40 -32.41 40.88
N SER J 40 -20.50 -31.95 40.32
CA SER J 40 -21.85 -32.13 40.92
C SER J 40 -22.97 -31.86 39.91
N ILE J 41 -24.14 -32.43 40.21
CA ILE J 41 -25.44 -32.19 39.58
C ILE J 41 -26.42 -31.93 40.72
N GLU J 42 -26.83 -30.66 40.89
CA GLU J 42 -27.79 -30.25 41.91
C GLU J 42 -29.12 -29.89 41.21
N ILE J 43 -30.20 -30.46 41.71
CA ILE J 43 -31.58 -30.05 41.34
C ILE J 43 -31.79 -28.65 41.95
N VAL J 44 -32.09 -27.65 41.13
CA VAL J 44 -32.36 -26.26 41.62
C VAL J 44 -33.88 -26.07 41.76
N GLU J 45 -34.68 -26.77 40.95
CA GLU J 45 -36.15 -26.74 41.08
C GLU J 45 -36.78 -28.02 40.57
N GLY J 46 -37.86 -28.43 41.22
CA GLY J 46 -38.69 -29.60 40.88
C GLY J 46 -38.13 -30.81 41.55
N ASN J 47 -38.66 -32.00 41.23
CA ASN J 47 -38.30 -33.27 41.91
C ASN J 47 -38.12 -34.41 40.91
N GLY J 48 -37.86 -34.11 39.64
CA GLY J 48 -37.50 -35.13 38.62
C GLY J 48 -38.57 -35.23 37.52
N GLY J 49 -39.69 -34.54 37.66
CA GLY J 49 -40.73 -34.45 36.61
C GLY J 49 -40.42 -33.32 35.62
N PRO J 50 -41.24 -33.14 34.57
CA PRO J 50 -41.09 -32.06 33.61
C PRO J 50 -40.97 -30.69 34.29
N GLY J 51 -40.09 -29.81 33.80
CA GLY J 51 -39.82 -28.49 34.39
C GLY J 51 -38.75 -28.53 35.51
N THR J 52 -38.27 -29.71 35.91
CA THR J 52 -37.11 -29.85 36.82
C THR J 52 -35.90 -29.19 36.17
N VAL J 53 -35.16 -28.38 36.92
CA VAL J 53 -33.92 -27.71 36.44
C VAL J 53 -32.75 -28.20 37.27
N LYS J 54 -31.64 -28.53 36.64
CA LYS J 54 -30.42 -29.05 37.29
C LYS J 54 -29.25 -28.16 36.91
N LYS J 55 -28.37 -27.91 37.85
CA LYS J 55 -27.12 -27.21 37.63
C LYS J 55 -26.01 -28.26 37.58
N VAL J 56 -25.31 -28.35 36.46
CA VAL J 56 -24.16 -29.28 36.29
C VAL J 56 -22.87 -28.47 36.36
N THR J 57 -22.04 -28.72 37.36
CA THR J 57 -20.75 -28.03 37.54
C THR J 57 -19.61 -28.92 37.07
N ALA J 58 -18.65 -28.41 36.32
CA ALA J 58 -17.49 -29.18 35.86
C ALA J 58 -16.24 -28.32 35.83
N VAL J 59 -15.09 -28.96 35.76
CA VAL J 59 -13.76 -28.30 35.63
C VAL J 59 -13.19 -28.69 34.27
N GLU J 60 -12.71 -27.69 33.51
CA GLU J 60 -11.92 -27.87 32.26
C GLU J 60 -10.70 -26.96 32.33
N ASP J 61 -9.49 -27.55 32.30
CA ASP J 61 -8.20 -26.82 32.28
C ASP J 61 -8.08 -25.98 33.57
N GLY J 62 -8.51 -26.52 34.72
CA GLY J 62 -8.49 -25.83 36.03
C GLY J 62 -9.56 -24.75 36.20
N LYS J 63 -10.41 -24.47 35.20
CA LYS J 63 -11.50 -23.46 35.29
C LYS J 63 -12.83 -24.16 35.63
N THR J 64 -13.50 -23.74 36.70
CA THR J 64 -14.81 -24.29 37.12
C THR J 64 -15.93 -23.49 36.46
N SER J 65 -16.91 -24.16 35.83
CA SER J 65 -18.08 -23.51 35.21
C SER J 65 -19.27 -24.46 35.31
N TYR J 66 -20.45 -24.02 34.90
CA TYR J 66 -21.68 -24.84 34.98
C TYR J 66 -22.59 -24.61 33.77
N VAL J 67 -23.53 -25.53 33.59
CA VAL J 67 -24.61 -25.39 32.58
C VAL J 67 -25.94 -25.76 33.27
N LEU J 68 -27.03 -25.46 32.62
CA LEU J 68 -28.34 -25.80 33.19
C LEU J 68 -29.03 -26.87 32.33
N HIS J 69 -29.66 -27.83 32.99
CA HIS J 69 -30.43 -28.89 32.31
C HIS J 69 -31.91 -28.77 32.73
N LYS J 70 -32.82 -28.75 31.78
CA LYS J 70 -34.26 -28.71 32.12
C LYS J 70 -34.95 -29.91 31.48
N ILE J 71 -35.71 -30.65 32.27
CA ILE J 71 -36.47 -31.83 31.78
C ILE J 71 -37.68 -31.31 31.02
N ASP J 72 -37.77 -31.62 29.73
CA ASP J 72 -38.94 -31.30 28.86
C ASP J 72 -39.99 -32.42 28.99
N ALA J 73 -39.59 -33.69 29.06
CA ALA J 73 -40.54 -34.81 29.25
C ALA J 73 -39.80 -36.03 29.78
N ILE J 74 -40.49 -36.84 30.56
CA ILE J 74 -39.91 -38.06 31.18
C ILE J 74 -41.05 -39.05 31.38
N ASP J 75 -40.89 -40.28 30.89
CA ASP J 75 -41.92 -41.33 31.03
C ASP J 75 -41.22 -42.69 31.10
N GLU J 76 -41.17 -43.26 32.31
CA GLU J 76 -40.55 -44.58 32.61
C GLU J 76 -41.17 -45.67 31.72
N ALA J 77 -42.47 -45.66 31.48
CA ALA J 77 -43.21 -46.77 30.81
C ALA J 77 -42.71 -46.92 29.37
N THR J 78 -42.38 -45.80 28.71
CA THR J 78 -41.96 -45.76 27.27
C THR J 78 -40.45 -45.44 27.17
N TYR J 79 -39.73 -45.41 28.30
CA TYR J 79 -38.27 -45.16 28.33
C TYR J 79 -37.94 -43.84 27.60
N THR J 80 -38.75 -42.82 27.82
CA THR J 80 -38.68 -41.50 27.13
C THR J 80 -38.05 -40.49 28.06
N TYR J 81 -37.01 -39.79 27.59
CA TYR J 81 -36.38 -38.70 28.35
C TYR J 81 -35.97 -37.59 27.39
N ASP J 82 -36.65 -36.46 27.50
CA ASP J 82 -36.40 -35.26 26.69
C ASP J 82 -35.93 -34.16 27.61
N TYR J 83 -34.85 -33.46 27.24
CA TYR J 83 -34.22 -32.45 28.12
C TYR J 83 -33.47 -31.45 27.26
N THR J 84 -33.27 -30.25 27.80
CA THR J 84 -32.62 -29.13 27.11
C THR J 84 -31.43 -28.69 27.95
N ILE J 85 -30.25 -28.57 27.33
CA ILE J 85 -29.06 -27.98 27.99
C ILE J 85 -28.91 -26.54 27.49
N SER J 86 -28.83 -25.60 28.42
CA SER J 86 -28.59 -24.17 28.05
C SER J 86 -27.73 -23.48 29.09
N GLY J 87 -27.31 -22.27 28.74
CA GLY J 87 -26.99 -21.18 29.66
C GLY J 87 -25.81 -21.49 30.56
N GLY J 88 -25.78 -20.86 31.71
CA GLY J 88 -24.66 -20.90 32.65
C GLY J 88 -23.42 -20.27 32.01
N THR J 89 -22.27 -20.65 32.54
CA THR J 89 -20.92 -20.08 32.24
C THR J 89 -20.08 -21.08 31.44
N GLY J 90 -20.52 -22.33 31.33
CA GLY J 90 -19.72 -23.42 30.75
C GLY J 90 -20.21 -23.76 29.35
N PHE J 91 -21.30 -23.18 28.87
CA PHE J 91 -21.97 -23.65 27.63
C PHE J 91 -21.22 -23.11 26.41
N GLN J 92 -21.32 -23.84 25.30
CA GLN J 92 -20.68 -23.47 24.02
C GLN J 92 -21.09 -22.04 23.65
N GLU J 93 -20.13 -21.21 23.22
CA GLU J 93 -20.33 -19.75 22.96
C GLU J 93 -21.38 -19.57 21.83
N ILE J 94 -21.34 -20.40 20.79
CA ILE J 94 -22.14 -20.19 19.54
C ILE J 94 -23.56 -20.73 19.76
N LEU J 95 -23.77 -21.47 20.86
CA LEU J 95 -25.02 -22.21 21.19
C LEU J 95 -25.97 -21.49 22.12
N GLU J 96 -27.17 -21.23 21.63
CA GLU J 96 -28.27 -20.74 22.48
C GLU J 96 -28.70 -21.91 23.38
N LYS J 97 -28.85 -23.12 22.83
CA LYS J 97 -29.29 -24.31 23.59
C LYS J 97 -29.23 -25.57 22.73
N VAL J 98 -29.25 -26.73 23.37
CA VAL J 98 -29.33 -28.02 22.65
C VAL J 98 -30.45 -28.83 23.31
N SER J 99 -31.43 -29.22 22.51
CA SER J 99 -32.58 -30.01 22.99
C SER J 99 -32.42 -31.46 22.54
N PHE J 100 -32.60 -32.39 23.47
CA PHE J 100 -32.44 -33.85 23.26
C PHE J 100 -33.81 -34.50 23.47
N LYS J 101 -34.15 -35.40 22.56
CA LYS J 101 -35.32 -36.30 22.71
C LYS J 101 -34.74 -37.71 22.63
N THR J 102 -34.85 -38.50 23.70
CA THR J 102 -34.21 -39.83 23.77
C THR J 102 -35.33 -40.84 24.03
N LYS J 103 -35.19 -42.02 23.43
CA LYS J 103 -36.16 -43.12 23.60
C LYS J 103 -35.38 -44.41 23.52
N LEU J 104 -35.59 -45.31 24.47
CA LEU J 104 -35.10 -46.71 24.39
C LEU J 104 -36.24 -47.59 23.88
N GLU J 105 -35.90 -48.62 23.13
CA GLU J 105 -36.84 -49.73 22.86
C GLU J 105 -36.07 -51.03 22.97
N ALA J 106 -36.81 -52.11 23.22
CA ALA J 106 -36.26 -53.48 23.29
C ALA J 106 -35.61 -53.79 21.93
N ALA J 107 -34.42 -54.36 21.93
CA ALA J 107 -33.84 -55.00 20.72
C ALA J 107 -32.93 -56.15 21.18
N ASP J 108 -33.28 -57.38 20.83
CA ASP J 108 -32.41 -58.59 20.96
C ASP J 108 -31.93 -58.77 22.40
N GLY J 109 -32.82 -58.62 23.38
CA GLY J 109 -32.49 -58.80 24.80
C GLY J 109 -31.91 -57.51 25.38
N GLY J 110 -31.55 -56.53 24.55
CA GLY J 110 -30.97 -55.25 24.95
C GLY J 110 -31.86 -54.10 24.57
N SER J 111 -31.27 -52.97 24.24
CA SER J 111 -31.94 -51.69 23.94
C SER J 111 -31.44 -51.14 22.60
N LYS J 112 -32.36 -50.56 21.85
CA LYS J 112 -32.02 -49.62 20.76
C LYS J 112 -32.23 -48.23 21.34
N ILE J 113 -31.26 -47.34 21.14
CA ILE J 113 -31.29 -45.96 21.69
C ILE J 113 -31.55 -45.03 20.53
N LYS J 114 -32.70 -44.36 20.53
CA LYS J 114 -33.08 -43.43 19.46
C LYS J 114 -32.97 -42.03 20.02
N VAL J 115 -32.18 -41.20 19.36
CA VAL J 115 -32.02 -39.79 19.75
C VAL J 115 -32.36 -38.87 18.58
N SER J 116 -33.07 -37.79 18.94
CA SER J 116 -33.25 -36.59 18.10
C SER J 116 -32.67 -35.38 18.85
N VAL J 117 -31.67 -34.74 18.26
CA VAL J 117 -30.89 -33.64 18.88
C VAL J 117 -31.06 -32.39 18.02
N THR J 118 -31.52 -31.31 18.63
CA THR J 118 -31.68 -30.01 17.96
C THR J 118 -30.71 -29.00 18.60
N PHE J 119 -29.72 -28.57 17.82
CA PHE J 119 -28.80 -27.46 18.15
C PHE J 119 -29.47 -26.15 17.72
N HIS J 120 -29.57 -25.19 18.64
CA HIS J 120 -29.99 -23.79 18.35
C HIS J 120 -28.72 -22.92 18.45
N THR J 121 -28.25 -22.44 17.29
CA THR J 121 -27.09 -21.51 17.26
C THR J 121 -27.62 -20.07 17.40
N LYS J 122 -26.76 -19.16 17.87
CA LYS J 122 -27.06 -17.70 17.88
C LYS J 122 -27.30 -17.18 16.47
N ASP J 124 -28.30 -16.80 12.89
CA ASP J 124 -28.12 -17.44 11.57
C ASP J 124 -26.81 -18.23 11.54
N ALA J 125 -26.14 -18.46 12.67
CA ALA J 125 -24.81 -19.13 12.65
C ALA J 125 -24.99 -20.57 12.18
N PRO J 126 -24.08 -21.08 11.32
CA PRO J 126 -24.04 -22.51 11.04
C PRO J 126 -23.54 -23.23 12.31
N LEU J 127 -23.75 -24.53 12.36
CA LEU J 127 -23.24 -25.36 13.48
C LEU J 127 -21.83 -25.80 13.12
N PRO J 128 -20.77 -25.33 13.80
CA PRO J 128 -19.43 -25.80 13.49
C PRO J 128 -19.32 -27.29 13.81
N ASP J 129 -18.57 -28.05 12.98
CA ASP J 129 -18.31 -29.49 13.22
C ASP J 129 -17.75 -29.70 14.63
N GLU J 130 -16.92 -28.79 15.12
CA GLU J 130 -16.22 -28.94 16.43
C GLU J 130 -17.24 -28.94 17.56
N VAL J 131 -18.28 -28.10 17.43
CA VAL J 131 -19.32 -27.94 18.48
C VAL J 131 -20.24 -29.17 18.48
N HIS J 132 -20.70 -29.59 17.31
CA HIS J 132 -21.48 -30.86 17.12
C HIS J 132 -20.70 -32.01 17.77
N GLN J 133 -19.42 -32.14 17.44
CA GLN J 133 -18.54 -33.22 17.89
C GLN J 133 -18.42 -33.17 19.39
N ASP J 134 -18.21 -31.99 19.98
CA ASP J 134 -18.00 -31.88 21.44
C ASP J 134 -19.30 -32.24 22.18
N VAL J 135 -20.44 -31.74 21.76
CA VAL J 135 -21.73 -32.08 22.44
C VAL J 135 -22.01 -33.60 22.30
N LYS J 136 -21.74 -34.16 21.12
CA LYS J 136 -21.97 -35.60 20.85
C LYS J 136 -21.02 -36.45 21.72
N GLN J 137 -19.74 -36.16 21.71
CA GLN J 137 -18.75 -36.90 22.53
C GLN J 137 -19.14 -36.87 24.00
N LYS J 138 -19.54 -35.72 24.54
CA LYS J 138 -19.91 -35.60 25.98
C LYS J 138 -21.20 -36.38 26.26
N SER J 139 -22.18 -36.32 25.34
CA SER J 139 -23.47 -37.03 25.48
C SER J 139 -23.18 -38.54 25.51
N GLN J 140 -22.33 -38.97 24.59
CA GLN J 140 -21.97 -40.39 24.44
C GLN J 140 -21.16 -40.82 25.66
N GLY J 141 -20.23 -39.99 26.06
CA GLY J 141 -19.32 -40.26 27.21
C GLY J 141 -20.09 -40.56 28.47
N ILE J 142 -21.03 -39.69 28.82
CA ILE J 142 -21.84 -39.86 30.05
C ILE J 142 -22.66 -41.15 29.95
N PHE J 143 -23.41 -41.29 28.84
CA PHE J 143 -24.32 -42.44 28.62
C PHE J 143 -23.50 -43.72 28.69
N LYS J 144 -22.36 -43.79 28.00
CA LYS J 144 -21.55 -45.02 27.89
C LYS J 144 -20.77 -45.29 29.18
N ALA J 145 -20.40 -44.28 29.97
CA ALA J 145 -19.81 -44.51 31.32
C ALA J 145 -20.86 -45.19 32.20
N ILE J 146 -22.11 -44.73 32.19
CA ILE J 146 -23.17 -45.32 33.04
C ILE J 146 -23.44 -46.75 32.56
N GLU J 147 -23.58 -46.98 31.26
CA GLU J 147 -23.84 -48.30 30.66
C GLU J 147 -22.75 -49.29 31.12
N GLY J 148 -21.50 -48.90 31.07
CA GLY J 148 -20.38 -49.72 31.55
C GLY J 148 -20.48 -50.00 33.04
N TYR J 149 -20.89 -49.00 33.79
CA TYR J 149 -21.14 -49.14 35.24
C TYR J 149 -22.21 -50.21 35.44
N VAL J 150 -23.31 -50.13 34.67
CA VAL J 150 -24.45 -51.08 34.78
C VAL J 150 -23.95 -52.49 34.46
N LEU J 151 -23.07 -52.66 33.49
CA LEU J 151 -22.52 -53.99 33.14
C LEU J 151 -21.61 -54.56 34.24
N SER J 152 -20.85 -53.69 34.91
CA SER J 152 -19.82 -54.09 35.89
C SER J 152 -20.35 -54.47 37.28
N ASN J 153 -21.61 -54.16 37.60
CA ASN J 153 -22.34 -54.45 38.87
C ASN J 153 -21.75 -55.59 39.70
N GLY K 2 -13.64 -14.33 8.01
CA GLY K 2 -14.06 -13.18 7.19
C GLY K 2 -13.26 -11.95 7.56
N VAL K 3 -13.07 -11.07 6.59
CA VAL K 3 -12.22 -9.85 6.73
C VAL K 3 -13.14 -8.63 6.56
N HIS K 4 -13.16 -7.77 7.56
CA HIS K 4 -14.03 -6.55 7.59
C HIS K 4 -13.16 -5.35 7.88
N THR K 5 -13.06 -4.45 6.89
CA THR K 5 -12.16 -3.26 6.94
C THR K 5 -12.98 -2.00 7.14
N PHE K 6 -12.47 -1.12 7.99
CA PHE K 6 -13.02 0.25 8.22
C PHE K 6 -11.84 1.23 8.15
N GLU K 7 -12.13 2.44 7.70
CA GLU K 7 -11.17 3.58 7.66
C GLU K 7 -11.87 4.75 8.33
N GLU K 8 -11.18 5.42 9.26
CA GLU K 8 -11.80 6.48 10.09
C GLU K 8 -10.73 7.54 10.35
N GLU K 9 -11.19 8.77 10.56
CA GLU K 9 -10.32 9.92 10.92
C GLU K 9 -10.96 10.61 12.12
N SER K 10 -10.13 11.16 13.00
CA SER K 10 -10.54 12.08 14.08
C SER K 10 -9.41 13.09 14.26
N THR K 11 -9.63 14.14 15.05
CA THR K 11 -8.61 15.19 15.24
C THR K 11 -8.33 15.34 16.71
N SER K 12 -7.16 15.86 17.04
CA SER K 12 -6.71 16.20 18.40
C SER K 12 -6.10 17.58 18.34
N PRO K 13 -6.21 18.42 19.39
CA PRO K 13 -5.46 19.65 19.49
C PRO K 13 -3.97 19.42 19.81
N VAL K 14 -3.59 18.19 20.13
CA VAL K 14 -2.18 17.88 20.50
C VAL K 14 -1.40 17.62 19.22
N PRO K 15 -0.28 18.31 18.99
CA PRO K 15 0.57 18.06 17.82
C PRO K 15 1.13 16.63 17.81
N PRO K 16 1.45 16.08 16.61
CA PRO K 16 1.70 14.65 16.45
C PRO K 16 2.86 14.06 17.27
N ALA K 17 3.98 14.74 17.44
CA ALA K 17 5.13 14.17 18.18
C ALA K 17 4.73 13.94 19.65
N LYS K 18 4.13 14.92 20.28
CA LYS K 18 3.65 14.83 21.70
C LYS K 18 2.58 13.75 21.79
N LEU K 19 1.66 13.67 20.81
CA LEU K 19 0.54 12.75 20.88
C LEU K 19 1.07 11.32 20.67
N PHE K 20 1.99 11.16 19.72
CA PHE K 20 2.63 9.86 19.43
C PHE K 20 3.41 9.39 20.66
N LYS K 21 4.22 10.25 21.26
CA LYS K 21 5.01 9.89 22.46
C LYS K 21 4.08 9.35 23.55
N ALA K 22 2.96 10.04 23.83
CA ALA K 22 2.08 9.65 24.94
C ALA K 22 1.35 8.33 24.61
N THR K 23 0.81 8.17 23.39
CA THR K 23 -0.10 7.06 23.06
C THR K 23 0.70 5.80 22.71
N VAL K 24 1.85 5.94 22.06
CA VAL K 24 2.59 4.77 21.53
C VAL K 24 3.80 4.49 22.42
N VAL K 25 4.69 5.45 22.65
CA VAL K 25 5.93 5.21 23.45
C VAL K 25 5.61 5.04 24.94
N ASP K 26 4.72 5.86 25.53
CA ASP K 26 4.40 5.84 26.99
C ASP K 26 3.09 5.13 27.24
N GLY K 27 2.44 4.60 26.21
CA GLY K 27 1.12 3.94 26.31
C GLY K 27 1.12 2.77 27.27
N ASP K 28 2.19 1.97 27.32
CA ASP K 28 2.26 0.78 28.21
C ASP K 28 2.25 1.21 29.68
N GLU K 29 2.89 2.30 30.02
CA GLU K 29 2.92 2.89 31.40
C GLU K 29 1.57 3.58 31.70
N LEU K 30 1.03 4.37 30.77
CA LEU K 30 -0.15 5.25 31.08
C LEU K 30 -1.44 4.45 31.08
N THR K 31 -1.58 3.45 30.22
CA THR K 31 -2.89 2.79 30.02
C THR K 31 -3.38 2.18 31.33
N PRO K 32 -2.59 1.35 32.03
CA PRO K 32 -3.04 0.73 33.27
C PRO K 32 -3.33 1.74 34.40
N LYS K 33 -2.63 2.87 34.39
CA LYS K 33 -2.85 3.96 35.36
C LYS K 33 -4.23 4.62 35.10
N LEU K 34 -4.63 4.77 33.84
CA LEU K 34 -5.80 5.60 33.46
C LEU K 34 -7.05 4.72 33.35
N ILE K 35 -6.93 3.47 32.91
CA ILE K 35 -8.11 2.63 32.66
C ILE K 35 -8.23 1.63 33.80
N PRO K 36 -9.30 1.72 34.63
CA PRO K 36 -9.48 0.82 35.78
C PRO K 36 -9.40 -0.67 35.41
N ALA K 37 -10.02 -1.11 34.32
CA ALA K 37 -10.11 -2.53 33.94
C ALA K 37 -8.73 -3.12 33.57
N ILE K 38 -7.77 -2.32 33.06
CA ILE K 38 -6.46 -2.86 32.63
C ILE K 38 -5.48 -2.87 33.81
N GLN K 39 -5.02 -4.06 34.18
CA GLN K 39 -4.14 -4.30 35.35
C GLN K 39 -2.67 -4.16 34.97
N SER K 40 -2.30 -4.62 33.79
CA SER K 40 -0.88 -4.59 33.34
C SER K 40 -0.76 -4.80 31.85
N ILE K 41 0.35 -4.28 31.33
CA ILE K 41 0.83 -4.46 29.94
C ILE K 41 2.31 -4.84 30.08
N GLU K 42 2.62 -6.11 29.85
CA GLU K 42 3.98 -6.69 30.04
C GLU K 42 4.51 -7.10 28.67
N ILE K 43 5.71 -6.66 28.30
CA ILE K 43 6.38 -7.13 27.06
C ILE K 43 6.78 -8.60 27.30
N VAL K 44 6.41 -9.50 26.40
CA VAL K 44 6.79 -10.93 26.59
C VAL K 44 7.70 -11.38 25.44
N GLU K 45 7.81 -10.55 24.40
CA GLU K 45 8.80 -10.76 23.32
C GLU K 45 9.25 -9.40 22.79
N GLY K 46 10.54 -9.26 22.51
CA GLY K 46 11.07 -8.10 21.79
C GLY K 46 11.35 -6.93 22.70
N ASN K 47 11.66 -5.76 22.15
CA ASN K 47 12.06 -4.57 22.95
C ASN K 47 11.37 -3.29 22.47
N GLY K 48 10.26 -3.39 21.72
CA GLY K 48 9.45 -2.21 21.31
C GLY K 48 9.43 -2.03 19.81
N GLY K 49 10.25 -2.79 19.07
CA GLY K 49 10.27 -2.79 17.60
C GLY K 49 9.24 -3.76 17.03
N PRO K 50 9.13 -3.86 15.69
CA PRO K 50 8.20 -4.81 15.04
C PRO K 50 8.42 -6.23 15.55
N GLY K 51 7.34 -7.01 15.76
CA GLY K 51 7.39 -8.37 16.31
C GLY K 51 7.30 -8.39 17.84
N THR K 52 7.41 -7.25 18.52
CA THR K 52 7.21 -7.15 19.98
C THR K 52 5.80 -7.63 20.33
N VAL K 53 5.70 -8.46 21.36
CA VAL K 53 4.37 -8.96 21.84
C VAL K 53 4.19 -8.48 23.27
N LYS K 54 3.02 -7.91 23.55
CA LYS K 54 2.66 -7.46 24.92
C LYS K 54 1.45 -8.26 25.35
N LYS K 55 1.47 -8.67 26.60
CA LYS K 55 0.32 -9.34 27.24
C LYS K 55 -0.43 -8.28 28.04
N VAL K 56 -1.70 -8.05 27.68
CA VAL K 56 -2.57 -7.06 28.31
C VAL K 56 -3.55 -7.82 29.18
N THR K 57 -3.44 -7.67 30.50
CA THR K 57 -4.36 -8.35 31.45
C THR K 57 -5.42 -7.34 31.91
N ALA K 58 -6.68 -7.75 31.96
CA ALA K 58 -7.78 -6.87 32.37
C ALA K 58 -8.82 -7.67 33.12
N VAL K 59 -9.70 -6.99 33.86
CA VAL K 59 -10.82 -7.65 34.58
C VAL K 59 -12.14 -7.10 34.02
N GLU K 60 -12.98 -7.96 33.42
CA GLU K 60 -14.13 -7.43 32.63
C GLU K 60 -15.46 -8.13 32.97
N GLY K 62 -15.51 -9.36 35.98
CA GLY K 62 -14.91 -9.75 37.28
C GLY K 62 -13.89 -10.87 37.11
N LYS K 63 -13.94 -11.57 35.97
CA LYS K 63 -12.86 -12.52 35.61
C LYS K 63 -11.62 -11.72 35.22
N THR K 64 -10.45 -12.21 35.59
CA THR K 64 -9.21 -11.82 34.88
C THR K 64 -9.16 -12.57 33.56
N SER K 65 -8.76 -11.88 32.50
CA SER K 65 -8.30 -12.51 31.26
C SER K 65 -7.21 -11.63 30.65
N TYR K 66 -6.64 -12.08 29.54
CA TYR K 66 -5.61 -11.30 28.82
C TYR K 66 -5.81 -11.47 27.31
N VAL K 67 -5.23 -10.52 26.57
CA VAL K 67 -5.07 -10.59 25.10
C VAL K 67 -3.62 -10.26 24.80
N LEU K 68 -3.24 -10.52 23.55
CA LEU K 68 -1.87 -10.26 23.06
C LEU K 68 -1.91 -9.10 22.06
N HIS K 69 -1.01 -8.15 22.25
CA HIS K 69 -0.88 -6.95 21.40
C HIS K 69 0.48 -7.05 20.70
N LYS K 70 0.47 -7.22 19.37
CA LYS K 70 1.70 -7.49 18.59
C LYS K 70 1.97 -6.29 17.67
N ILE K 71 3.19 -5.74 17.72
CA ILE K 71 3.57 -4.59 16.87
C ILE K 71 3.86 -5.12 15.48
N ASP K 72 3.09 -4.69 14.48
CA ASP K 72 3.32 -5.03 13.05
C ASP K 72 4.28 -3.98 12.48
N ALA K 73 4.19 -2.70 12.84
CA ALA K 73 5.16 -1.68 12.39
C ALA K 73 5.10 -0.48 13.34
N ILE K 74 6.24 0.16 13.51
CA ILE K 74 6.34 1.38 14.37
C ILE K 74 7.42 2.26 13.75
N ASP K 75 7.11 3.52 13.53
CA ASP K 75 8.11 4.50 13.03
C ASP K 75 7.79 5.85 13.66
N GLU K 76 8.60 6.24 14.65
CA GLU K 76 8.47 7.52 15.38
C GLU K 76 8.48 8.72 14.42
N ALA K 77 9.32 8.68 13.39
CA ALA K 77 9.58 9.85 12.50
C ALA K 77 8.29 10.22 11.74
N THR K 78 7.48 9.23 11.35
CA THR K 78 6.24 9.41 10.55
C THR K 78 5.00 9.14 11.42
N TYR K 79 5.15 9.01 12.74
CA TYR K 79 4.03 8.84 13.69
C TYR K 79 3.17 7.65 13.29
N THR K 80 3.81 6.55 12.87
CA THR K 80 3.13 5.33 12.34
C THR K 80 3.16 4.27 13.43
N TYR K 81 2.01 3.69 13.75
CA TYR K 81 1.93 2.55 14.72
C TYR K 81 0.88 1.57 14.24
N ASP K 82 1.32 0.39 13.83
CA ASP K 82 0.45 -0.71 13.34
C ASP K 82 0.59 -1.86 14.29
N TYR K 83 -0.52 -2.43 14.74
CA TYR K 83 -0.51 -3.48 15.78
C TYR K 83 -1.75 -4.36 15.63
N THR K 84 -1.66 -5.58 16.14
CA THR K 84 -2.70 -6.61 16.03
C THR K 84 -3.07 -7.05 17.45
N ILE K 85 -4.37 -7.10 17.75
CA ILE K 85 -4.90 -7.72 19.00
C ILE K 85 -5.42 -9.12 18.64
N SER K 86 -4.92 -10.14 19.34
CA SER K 86 -5.42 -11.52 19.17
C SER K 86 -5.27 -12.30 20.46
N GLY K 87 -6.03 -13.39 20.58
CA GLY K 87 -5.58 -14.59 21.29
C GLY K 87 -5.72 -14.42 22.79
N GLY K 88 -5.08 -15.27 23.58
CA GLY K 88 -5.24 -15.17 25.04
C GLY K 88 -6.58 -15.73 25.49
N THR K 89 -7.00 -15.37 26.70
CA THR K 89 -8.28 -15.84 27.29
C THR K 89 -9.40 -14.81 27.05
N GLY K 90 -9.04 -13.59 26.64
CA GLY K 90 -9.84 -12.40 26.97
C GLY K 90 -10.51 -11.81 25.75
N PHE K 91 -10.23 -12.42 24.58
CA PHE K 91 -10.57 -11.84 23.27
C PHE K 91 -12.02 -12.13 22.91
N GLN K 92 -12.60 -11.29 22.08
CA GLN K 92 -13.96 -11.48 21.50
C GLN K 92 -14.06 -12.88 20.87
N GLU K 93 -15.14 -13.61 21.17
CA GLU K 93 -15.30 -15.05 20.80
C GLU K 93 -15.35 -15.19 19.26
N ILE K 94 -15.99 -14.28 18.54
CA ILE K 94 -16.25 -14.47 17.07
C ILE K 94 -15.00 -14.03 16.28
N LEU K 95 -13.98 -13.46 16.94
CA LEU K 95 -12.81 -12.85 16.28
C LEU K 95 -11.61 -13.77 16.38
N GLU K 96 -10.89 -13.93 15.27
CA GLU K 96 -9.50 -14.45 15.26
C GLU K 96 -8.56 -13.33 15.71
N LYS K 97 -8.73 -12.12 15.17
CA LYS K 97 -7.83 -10.97 15.46
C LYS K 97 -8.43 -9.67 14.95
N VAL K 98 -7.92 -8.55 15.44
CA VAL K 98 -8.18 -7.21 14.86
C VAL K 98 -6.83 -6.54 14.63
N SER K 99 -6.60 -6.10 13.41
CA SER K 99 -5.36 -5.39 13.04
C SER K 99 -5.66 -3.90 12.84
N PHE K 100 -4.82 -3.07 13.44
CA PHE K 100 -4.91 -1.58 13.41
C PHE K 100 -3.70 -1.04 12.66
N LYS K 101 -3.93 -0.10 11.78
CA LYS K 101 -2.88 0.75 11.17
C LYS K 101 -3.20 2.19 11.53
N THR K 102 -2.34 2.86 12.29
CA THR K 102 -2.60 4.22 12.80
C THR K 102 -1.50 5.15 12.26
N LYS K 103 -1.87 6.37 11.95
CA LYS K 103 -0.91 7.41 11.47
C LYS K 103 -1.40 8.77 11.94
N LEU K 104 -0.52 9.55 12.56
CA LEU K 104 -0.80 10.96 12.89
C LEU K 104 -0.22 11.87 11.85
N GLU K 105 -0.91 12.97 11.55
CA GLU K 105 -0.32 14.04 10.72
C GLU K 105 -0.78 15.38 11.29
N ALA K 106 -0.07 16.46 10.98
CA ALA K 106 -0.42 17.82 11.47
C ALA K 106 -1.80 18.23 10.94
N ALA K 107 -2.69 18.73 11.80
CA ALA K 107 -3.83 19.54 11.32
C ALA K 107 -4.22 20.60 12.37
N ASP K 108 -4.38 21.86 11.94
CA ASP K 108 -4.93 22.98 12.75
C ASP K 108 -4.08 23.24 14.01
N GLY K 109 -2.77 23.02 13.91
CA GLY K 109 -1.83 23.05 15.05
C GLY K 109 -1.82 21.75 15.86
N GLY K 110 -2.67 20.79 15.52
CA GLY K 110 -2.86 19.55 16.29
C GLY K 110 -2.60 18.36 15.41
N SER K 111 -3.36 17.29 15.61
CA SER K 111 -3.17 16.02 14.88
C SER K 111 -4.45 15.66 14.14
N LYS K 112 -4.29 15.11 12.93
CA LYS K 112 -5.34 14.24 12.36
C LYS K 112 -4.88 12.82 12.63
N ILE K 113 -5.81 11.99 13.11
CA ILE K 113 -5.55 10.56 13.45
C ILE K 113 -6.20 9.73 12.39
N LYS K 114 -5.40 9.04 11.57
CA LYS K 114 -5.91 8.27 10.42
C LYS K 114 -5.76 6.80 10.77
N VAL K 115 -6.88 6.08 10.78
CA VAL K 115 -6.90 4.67 11.22
C VAL K 115 -7.50 3.80 10.13
N SER K 116 -6.89 2.65 9.93
CA SER K 116 -7.43 1.52 9.15
C SER K 116 -7.51 0.28 10.05
N VAL K 117 -8.72 -0.25 10.20
CA VAL K 117 -9.01 -1.36 11.17
C VAL K 117 -9.56 -2.55 10.37
N THR K 118 -8.92 -3.70 10.51
CA THR K 118 -9.36 -4.95 9.85
C THR K 118 -9.74 -5.96 10.93
N PHE K 119 -11.02 -6.28 11.02
CA PHE K 119 -11.57 -7.38 11.86
C PHE K 119 -11.50 -8.69 11.08
N HIS K 120 -10.89 -9.72 11.67
CA HIS K 120 -10.84 -11.10 11.15
C HIS K 120 -11.77 -11.97 11.99
N THR K 121 -12.90 -12.35 11.41
CA THR K 121 -13.90 -13.20 12.10
C THR K 121 -13.56 -14.66 11.82
N LYS K 122 -14.03 -15.57 12.68
CA LYS K 122 -13.98 -17.04 12.43
C LYS K 122 -14.78 -17.39 11.18
N GLY K 123 -14.28 -18.37 10.43
CA GLY K 123 -14.85 -18.87 9.17
C GLY K 123 -15.23 -17.72 8.26
N ASP K 124 -16.50 -17.63 7.84
CA ASP K 124 -17.03 -16.58 6.94
C ASP K 124 -18.00 -15.69 7.70
N ALA K 125 -17.85 -15.59 9.02
CA ALA K 125 -18.83 -14.88 9.88
C ALA K 125 -18.85 -13.40 9.51
N PRO K 126 -20.03 -12.75 9.42
CA PRO K 126 -20.12 -11.32 9.40
C PRO K 126 -19.66 -10.75 10.76
N LEU K 127 -19.30 -9.47 10.76
CA LEU K 127 -18.90 -8.75 11.98
C LEU K 127 -20.17 -8.24 12.65
N PRO K 128 -20.56 -8.75 13.82
CA PRO K 128 -21.73 -8.21 14.52
C PRO K 128 -21.46 -6.75 14.92
N ASP K 129 -22.50 -5.94 14.86
CA ASP K 129 -22.48 -4.49 15.21
C ASP K 129 -21.93 -4.35 16.65
N GLU K 130 -22.28 -5.29 17.53
CA GLU K 130 -21.94 -5.22 18.98
C GLU K 130 -20.42 -5.36 19.14
N VAL K 131 -19.78 -6.21 18.34
CA VAL K 131 -18.32 -6.47 18.42
C VAL K 131 -17.60 -5.24 17.86
N HIS K 132 -18.08 -4.72 16.73
CA HIS K 132 -17.44 -3.54 16.10
C HIS K 132 -17.51 -2.35 17.08
N GLN K 133 -18.67 -2.18 17.71
CA GLN K 133 -18.90 -1.08 18.68
C GLN K 133 -17.94 -1.26 19.87
N ASP K 134 -17.83 -2.48 20.39
CA ASP K 134 -17.02 -2.74 21.61
C ASP K 134 -15.53 -2.48 21.31
N VAL K 135 -15.01 -2.97 20.19
CA VAL K 135 -13.57 -2.74 19.84
C VAL K 135 -13.32 -1.24 19.64
N LYS K 136 -14.26 -0.55 18.97
CA LYS K 136 -14.14 0.90 18.70
C LYS K 136 -14.17 1.69 20.02
N GLN K 137 -15.16 1.45 20.86
CA GLN K 137 -15.28 2.16 22.15
C GLN K 137 -14.00 1.99 22.99
N LYS K 138 -13.45 0.77 23.07
CA LYS K 138 -12.22 0.50 23.85
C LYS K 138 -11.03 1.22 23.23
N SER K 139 -10.92 1.20 21.91
CA SER K 139 -9.79 1.84 21.18
C SER K 139 -9.86 3.34 21.44
N GLN K 140 -11.06 3.89 21.35
CA GLN K 140 -11.29 5.35 21.52
C GLN K 140 -11.00 5.69 22.99
N GLY K 141 -11.52 4.89 23.89
CA GLY K 141 -11.41 5.09 25.34
C GLY K 141 -9.96 5.23 25.78
N ILE K 142 -9.12 4.30 25.38
CA ILE K 142 -7.67 4.32 25.75
C ILE K 142 -7.01 5.57 25.18
N PHE K 143 -7.18 5.78 23.88
CA PHE K 143 -6.53 6.88 23.15
C PHE K 143 -6.98 8.19 23.78
N LYS K 144 -8.28 8.37 24.00
CA LYS K 144 -8.85 9.66 24.50
C LYS K 144 -8.54 9.86 26.01
N ALA K 145 -8.39 8.80 26.81
CA ALA K 145 -7.91 8.94 28.20
C ALA K 145 -6.49 9.50 28.19
N ILE K 146 -5.62 8.96 27.33
CA ILE K 146 -4.19 9.41 27.27
C ILE K 146 -4.16 10.87 26.78
N GLU K 147 -4.91 11.21 25.73
CA GLU K 147 -4.96 12.56 25.15
C GLU K 147 -5.35 13.56 26.22
N GLY K 148 -6.37 13.24 27.02
CA GLY K 148 -6.79 14.09 28.13
C GLY K 148 -5.70 14.25 29.16
N TYR K 149 -5.04 13.17 29.50
CA TYR K 149 -3.88 13.15 30.42
C TYR K 149 -2.80 14.12 29.88
N VAL K 150 -2.48 14.04 28.60
CA VAL K 150 -1.43 14.88 27.95
C VAL K 150 -1.88 16.36 28.07
N LEU K 151 -3.17 16.65 27.86
CA LEU K 151 -3.65 18.05 27.94
C LEU K 151 -3.58 18.57 29.36
N SER K 152 -3.69 17.74 30.39
CA SER K 152 -3.78 18.21 31.78
C SER K 152 -2.40 18.28 32.44
N ASN K 153 -1.40 17.62 31.87
CA ASN K 153 -0.01 17.56 32.41
C ASN K 153 0.90 18.40 31.53
N GLY L 2 9.37 -14.32 -0.16
CA GLY L 2 8.58 -15.18 -1.07
C GLY L 2 8.21 -16.50 -0.41
N VAL L 3 7.36 -17.27 -1.08
CA VAL L 3 6.85 -18.56 -0.51
C VAL L 3 7.48 -19.70 -1.32
N HIS L 4 8.16 -20.63 -0.65
CA HIS L 4 8.69 -21.85 -1.32
C HIS L 4 8.18 -23.11 -0.61
N THR L 5 7.56 -24.02 -1.36
CA THR L 5 6.85 -25.19 -0.78
C THR L 5 7.52 -26.49 -1.25
N PHE L 6 7.68 -27.44 -0.34
CA PHE L 6 8.23 -28.79 -0.58
C PHE L 6 7.34 -29.83 0.08
N GLU L 7 7.27 -31.02 -0.52
CA GLU L 7 6.52 -32.19 -0.03
C GLU L 7 7.48 -33.37 0.02
N GLU L 8 7.45 -34.14 1.10
CA GLU L 8 8.37 -35.30 1.28
C GLU L 8 7.68 -36.42 2.07
N GLU L 9 8.04 -37.67 1.79
CA GLU L 9 7.48 -38.87 2.47
C GLU L 9 8.64 -39.74 2.94
N SER L 10 8.56 -40.25 4.18
CA SER L 10 9.50 -41.26 4.72
C SER L 10 8.70 -42.31 5.50
N THR L 11 9.38 -43.37 5.96
CA THR L 11 8.68 -44.43 6.72
C THR L 11 9.44 -44.64 8.03
N SER L 12 8.76 -45.18 9.00
CA SER L 12 9.28 -45.58 10.32
C SER L 12 8.73 -46.98 10.59
N PRO L 13 9.49 -47.86 11.28
CA PRO L 13 8.96 -49.09 11.81
C PRO L 13 8.05 -48.90 13.02
N VAL L 14 8.01 -47.69 13.57
CA VAL L 14 7.17 -47.39 14.76
C VAL L 14 5.75 -47.09 14.29
N PRO L 15 4.74 -47.76 14.85
CA PRO L 15 3.34 -47.48 14.53
C PRO L 15 2.92 -46.06 14.92
N PRO L 16 1.92 -45.48 14.25
CA PRO L 16 1.67 -44.04 14.31
C PRO L 16 1.31 -43.47 15.69
N ALA L 17 0.53 -44.14 16.49
CA ALA L 17 0.09 -43.58 17.79
C ALA L 17 1.34 -43.45 18.69
N LYS L 18 2.17 -44.49 18.77
CA LYS L 18 3.42 -44.45 19.56
C LYS L 18 4.36 -43.38 19.00
N LEU L 19 4.46 -43.27 17.67
CA LEU L 19 5.41 -42.32 17.05
C LEU L 19 4.91 -40.90 17.26
N PHE L 20 3.59 -40.69 17.13
CA PHE L 20 2.96 -39.39 17.35
C PHE L 20 3.15 -38.97 18.82
N LYS L 21 2.87 -39.87 19.76
CA LYS L 21 3.00 -39.58 21.20
C LYS L 21 4.43 -39.11 21.50
N ALA L 22 5.45 -39.81 21.01
CA ALA L 22 6.86 -39.49 21.30
C ALA L 22 7.25 -38.16 20.67
N THR L 23 6.92 -37.93 19.39
CA THR L 23 7.47 -36.80 18.61
C THR L 23 6.68 -35.52 18.88
N VAL L 24 5.38 -35.60 19.10
CA VAL L 24 4.51 -34.41 19.21
C VAL L 24 4.12 -34.18 20.67
N VAL L 25 3.55 -35.16 21.35
CA VAL L 25 3.04 -34.96 22.74
C VAL L 25 4.21 -34.89 23.73
N ASP L 26 5.24 -35.74 23.61
CA ASP L 26 6.39 -35.80 24.55
C ASP L 26 7.60 -35.11 23.95
N GLY L 27 7.50 -34.53 22.76
CA GLY L 27 8.63 -33.90 22.05
C GLY L 27 9.25 -32.79 22.83
N ASP L 28 8.48 -31.98 23.55
CA ASP L 28 8.99 -30.84 24.36
C ASP L 28 9.93 -31.33 25.47
N GLU L 29 9.58 -32.44 26.11
CA GLU L 29 10.35 -33.09 27.20
C GLU L 29 11.54 -33.83 26.59
N LEU L 30 11.39 -34.58 25.48
CA LEU L 30 12.46 -35.49 24.99
C LEU L 30 13.53 -34.69 24.25
N THR L 31 13.16 -33.65 23.51
CA THR L 31 14.12 -33.00 22.57
C THR L 31 15.32 -32.47 23.33
N PRO L 32 15.17 -31.70 24.42
CA PRO L 32 16.33 -31.19 25.17
C PRO L 32 17.20 -32.29 25.79
N LYS L 33 16.58 -33.40 26.18
CA LYS L 33 17.31 -34.58 26.69
C LYS L 33 18.17 -35.22 25.59
N LEU L 34 17.68 -35.29 24.36
CA LEU L 34 18.29 -36.12 23.28
C LEU L 34 19.25 -35.27 22.44
N ILE L 35 18.96 -33.99 22.25
CA ILE L 35 19.78 -33.16 21.31
C ILE L 35 20.71 -32.28 22.14
N PRO L 36 22.05 -32.49 22.05
CA PRO L 36 23.01 -31.70 22.83
C PRO L 36 22.80 -30.18 22.71
N ALA L 37 22.59 -29.64 21.51
CA ALA L 37 22.53 -28.17 21.28
C ALA L 37 21.26 -27.56 21.94
N ILE L 38 20.16 -28.29 22.07
CA ILE L 38 18.88 -27.72 22.59
C ILE L 38 18.85 -27.79 24.12
N GLN L 39 18.77 -26.63 24.76
CA GLN L 39 18.85 -26.46 26.23
C GLN L 39 17.44 -26.57 26.82
N SER L 40 16.42 -26.01 26.16
CA SER L 40 15.05 -26.05 26.69
C SER L 40 14.02 -25.73 25.61
N ILE L 41 12.80 -26.20 25.89
CA ILE L 41 11.55 -25.86 25.17
C ILE L 41 10.55 -25.48 26.25
N GLU L 42 10.25 -24.17 26.34
CA GLU L 42 9.35 -23.60 27.36
C GLU L 42 8.08 -23.12 26.65
N ILE L 43 6.92 -23.53 27.14
CA ILE L 43 5.62 -23.00 26.65
C ILE L 43 5.50 -21.56 27.15
N VAL L 44 5.29 -20.58 26.27
CA VAL L 44 5.17 -19.17 26.73
C VAL L 44 3.76 -18.65 26.42
N GLU L 45 2.96 -19.45 25.71
CA GLU L 45 1.52 -19.15 25.49
C GLU L 45 0.78 -20.48 25.29
N GLY L 46 -0.39 -20.64 25.89
CA GLY L 46 -1.31 -21.75 25.57
C GLY L 46 -0.99 -22.99 26.38
N ASN L 47 -1.63 -24.11 26.09
CA ASN L 47 -1.56 -25.35 26.89
C ASN L 47 -1.30 -26.61 26.05
N GLY L 48 -0.87 -26.47 24.78
CA GLY L 48 -0.58 -27.61 23.89
C GLY L 48 -1.54 -27.69 22.71
N GLY L 49 -2.60 -26.89 22.71
CA GLY L 49 -3.56 -26.80 21.59
C GLY L 49 -3.09 -25.78 20.57
N PRO L 50 -3.87 -25.57 19.48
CA PRO L 50 -3.56 -24.55 18.46
C PRO L 50 -3.35 -23.17 19.10
N GLY L 51 -2.38 -22.39 18.60
CA GLY L 51 -2.00 -21.08 19.16
C GLY L 51 -0.92 -21.19 20.24
N THR L 52 -0.58 -22.39 20.71
CA THR L 52 0.50 -22.57 21.72
C THR L 52 1.82 -22.07 21.11
N VAL L 53 2.55 -21.26 21.88
CA VAL L 53 3.90 -20.78 21.47
C VAL L 53 4.95 -21.37 22.41
N LYS L 54 6.01 -21.93 21.83
CA LYS L 54 7.14 -22.49 22.58
C LYS L 54 8.39 -21.71 22.22
N LYS L 55 9.19 -21.43 23.22
CA LYS L 55 10.52 -20.83 23.04
C LYS L 55 11.56 -21.95 23.08
N VAL L 56 12.29 -22.12 21.99
CA VAL L 56 13.32 -23.19 21.85
C VAL L 56 14.67 -22.51 21.95
N THR L 57 15.43 -22.80 23.03
CA THR L 57 16.75 -22.22 23.23
C THR L 57 17.80 -23.26 22.86
N ALA L 58 18.84 -22.85 22.11
CA ALA L 58 19.95 -23.74 21.76
C ALA L 58 21.26 -22.99 21.81
N VAL L 59 22.34 -23.74 21.90
CA VAL L 59 23.72 -23.23 21.96
C VAL L 59 24.45 -23.68 20.69
N GLU L 60 25.16 -22.77 20.03
CA GLU L 60 26.24 -23.08 19.05
C GLU L 60 27.50 -22.24 19.36
N ASP L 61 28.66 -22.88 19.46
CA ASP L 61 29.97 -22.20 19.60
C ASP L 61 29.97 -21.29 20.85
N GLY L 62 29.39 -21.77 21.95
CA GLY L 62 29.36 -21.05 23.22
C GLY L 62 28.27 -19.99 23.30
N LYS L 63 27.43 -19.88 22.26
CA LYS L 63 26.47 -18.75 22.17
C LYS L 63 25.05 -19.30 22.23
N THR L 64 24.22 -18.73 23.10
CA THR L 64 22.80 -19.16 23.25
C THR L 64 21.92 -18.24 22.39
N SER L 65 21.01 -18.84 21.63
CA SER L 65 19.93 -18.08 20.97
C SER L 65 18.64 -18.90 21.02
N TYR L 66 17.53 -18.31 20.57
CA TYR L 66 16.23 -19.00 20.61
C TYR L 66 15.43 -18.70 19.34
N VAL L 67 14.47 -19.58 19.05
CA VAL L 67 13.40 -19.32 18.04
C VAL L 67 12.04 -19.62 18.69
N LEU L 68 10.98 -19.28 17.99
CA LEU L 68 9.62 -19.53 18.49
C LEU L 68 8.94 -20.59 17.63
N HIS L 69 8.32 -21.55 18.30
CA HIS L 69 7.58 -22.67 17.68
C HIS L 69 6.09 -22.48 17.98
N LYS L 70 5.24 -22.35 16.97
CA LYS L 70 3.80 -22.05 17.19
C LYS L 70 2.92 -23.13 16.55
N ILE L 71 2.03 -23.73 17.35
CA ILE L 71 1.16 -24.84 16.88
C ILE L 71 0.05 -24.22 16.05
N ASP L 72 0.00 -24.55 14.76
CA ASP L 72 -1.10 -24.13 13.85
C ASP L 72 -2.24 -25.14 13.95
N ALA L 73 -1.98 -26.44 14.08
CA ALA L 73 -3.05 -27.46 14.26
C ALA L 73 -2.45 -28.73 14.86
N ILE L 74 -3.24 -29.43 15.66
CA ILE L 74 -2.80 -30.68 16.32
C ILE L 74 -4.03 -31.56 16.49
N ASP L 75 -3.96 -32.80 16.06
CA ASP L 75 -5.09 -33.76 16.25
C ASP L 75 -4.48 -35.16 16.40
N GLU L 76 -4.48 -35.68 17.62
CA GLU L 76 -3.99 -37.01 18.02
C GLU L 76 -4.66 -38.11 17.16
N ALA L 77 -5.95 -38.02 16.89
CA ALA L 77 -6.76 -39.10 16.26
C ALA L 77 -6.25 -39.37 14.84
N THR L 78 -5.83 -38.32 14.13
CA THR L 78 -5.38 -38.38 12.71
C THR L 78 -3.86 -38.17 12.61
N TYR L 79 -3.14 -38.14 13.74
CA TYR L 79 -1.67 -38.02 13.80
C TYR L 79 -1.21 -36.78 13.04
N THR L 80 -1.94 -35.67 13.20
CA THR L 80 -1.73 -34.40 12.45
C THR L 80 -1.04 -33.42 13.39
N TYR L 81 0.06 -32.82 12.93
CA TYR L 81 0.76 -31.77 13.68
C TYR L 81 1.29 -30.73 12.70
N ASP L 82 0.73 -29.53 12.73
CA ASP L 82 1.13 -28.40 11.88
C ASP L 82 1.68 -27.30 12.81
N TYR L 83 2.83 -26.73 12.46
CA TYR L 83 3.53 -25.78 13.34
C TYR L 83 4.43 -24.86 12.49
N THR L 84 4.73 -23.69 13.03
CA THR L 84 5.50 -22.63 12.37
C THR L 84 6.71 -22.31 13.24
N ILE L 85 7.91 -22.29 12.66
CA ILE L 85 9.13 -21.78 13.34
C ILE L 85 9.42 -20.37 12.83
N SER L 86 9.57 -19.42 13.74
CA SER L 86 9.88 -18.01 13.38
C SER L 86 10.72 -17.33 14.45
N GLY L 87 11.24 -16.16 14.11
CA GLY L 87 11.57 -15.04 15.01
C GLY L 87 12.65 -15.40 15.98
N GLY L 88 12.65 -14.74 17.13
CA GLY L 88 13.73 -14.85 18.12
C GLY L 88 15.03 -14.31 17.58
N THR L 89 16.14 -14.79 18.13
CA THR L 89 17.53 -14.35 17.85
C THR L 89 18.31 -15.42 17.10
N GLY L 90 17.80 -16.63 16.98
CA GLY L 90 18.53 -17.79 16.46
C GLY L 90 18.10 -18.15 15.06
N PHE L 91 17.11 -17.48 14.47
CA PHE L 91 16.46 -17.97 13.22
C PHE L 91 17.34 -17.68 12.00
N GLN L 92 17.18 -18.46 10.95
CA GLN L 92 17.81 -18.26 9.63
C GLN L 92 17.62 -16.80 9.16
N GLU L 93 18.68 -16.14 8.72
CA GLU L 93 18.66 -14.67 8.45
C GLU L 93 17.71 -14.36 7.28
N ILE L 94 17.68 -15.19 6.26
CA ILE L 94 16.94 -14.91 4.98
C ILE L 94 15.45 -15.28 5.16
N LEU L 95 15.05 -15.89 6.29
CA LEU L 95 13.67 -16.42 6.48
C LEU L 95 12.88 -15.50 7.39
N GLU L 96 11.63 -15.27 7.02
CA GLU L 96 10.60 -14.69 7.93
C GLU L 96 10.07 -15.81 8.81
N LYS L 97 9.80 -16.99 8.23
CA LYS L 97 9.25 -18.16 8.98
C LYS L 97 9.31 -19.40 8.10
N VAL L 98 9.17 -20.57 8.73
CA VAL L 98 8.97 -21.87 8.00
C VAL L 98 7.78 -22.56 8.65
N SER L 99 6.79 -22.90 7.84
CA SER L 99 5.57 -23.60 8.31
C SER L 99 5.61 -25.06 7.85
N PHE L 100 5.30 -25.98 8.77
CA PHE L 100 5.31 -27.44 8.62
C PHE L 100 3.90 -27.97 8.77
N LYS L 101 3.50 -28.87 7.88
CA LYS L 101 2.27 -29.69 8.00
C LYS L 101 2.72 -31.15 8.01
N THR L 102 2.50 -31.87 9.09
CA THR L 102 2.98 -33.27 9.25
C THR L 102 1.78 -34.17 9.49
N LYS L 103 1.82 -35.39 8.95
CA LYS L 103 0.73 -36.38 9.12
C LYS L 103 1.36 -37.75 9.08
N LEU L 104 1.05 -38.60 10.05
CA LEU L 104 1.44 -40.03 10.05
C LEU L 104 0.25 -40.85 9.56
N GLU L 105 0.53 -41.98 8.90
CA GLU L 105 -0.49 -43.01 8.65
C GLU L 105 0.15 -44.37 8.82
N ALA L 106 -0.64 -45.38 9.11
CA ALA L 106 -0.21 -46.78 9.22
C ALA L 106 0.42 -47.20 7.89
N ALA L 107 1.56 -47.88 7.94
CA ALA L 107 2.12 -48.58 6.75
C ALA L 107 3.00 -49.76 7.26
N ASP L 108 2.60 -50.98 6.90
CA ASP L 108 3.39 -52.24 7.11
C ASP L 108 3.75 -52.40 8.59
N GLY L 109 2.81 -52.16 9.49
CA GLY L 109 3.05 -52.30 10.96
C GLY L 109 3.70 -51.07 11.54
N GLY L 110 4.19 -50.16 10.68
CA GLY L 110 4.90 -48.92 11.07
C GLY L 110 4.10 -47.70 10.62
N SER L 111 4.79 -46.63 10.27
CA SER L 111 4.21 -45.32 9.91
C SER L 111 4.78 -44.84 8.59
N LYS L 112 3.92 -44.22 7.78
CA LYS L 112 4.36 -43.35 6.70
C LYS L 112 4.24 -41.92 7.18
N ILE L 113 5.27 -41.12 6.98
CA ILE L 113 5.35 -39.71 7.46
C ILE L 113 5.20 -38.81 6.23
N LYS L 114 4.12 -38.05 6.17
CA LYS L 114 3.86 -37.12 5.05
C LYS L 114 4.07 -35.70 5.56
N VAL L 115 4.97 -34.97 4.92
CA VAL L 115 5.29 -33.58 5.31
C VAL L 115 5.12 -32.62 4.13
N SER L 116 4.56 -31.46 4.42
CA SER L 116 4.51 -30.27 3.55
C SER L 116 5.15 -29.08 4.28
N VAL L 117 6.19 -28.50 3.68
CA VAL L 117 7.02 -27.43 4.28
C VAL L 117 6.96 -26.19 3.40
N THR L 118 6.61 -25.05 3.98
CA THR L 118 6.56 -23.75 3.29
C THR L 118 7.57 -22.82 3.93
N PHE L 119 8.63 -22.48 3.19
CA PHE L 119 9.63 -21.46 3.58
C PHE L 119 9.13 -20.08 3.11
N HIS L 120 9.07 -19.12 4.00
CA HIS L 120 8.75 -17.69 3.70
C HIS L 120 10.05 -16.90 3.81
N THR L 121 10.60 -16.48 2.68
CA THR L 121 11.86 -15.72 2.62
C THR L 121 11.53 -14.23 2.74
N LYS L 122 12.49 -13.43 3.22
CA LYS L 122 12.37 -11.94 3.23
C LYS L 122 12.27 -11.44 1.80
N GLY L 123 11.47 -10.39 1.59
CA GLY L 123 11.18 -9.79 0.28
C GLY L 123 10.84 -10.88 -0.74
N ASP L 124 11.58 -10.87 -1.84
CA ASP L 124 11.36 -11.77 -3.02
C ASP L 124 12.55 -12.74 -3.11
N ALA L 125 13.25 -12.99 -2.01
CA ALA L 125 14.48 -13.80 -2.02
C ALA L 125 14.14 -15.24 -2.44
N PRO L 126 14.98 -15.86 -3.30
CA PRO L 126 14.91 -17.30 -3.50
C PRO L 126 15.36 -17.99 -2.22
N LEU L 127 15.00 -19.27 -2.06
CA LEU L 127 15.45 -20.08 -0.93
C LEU L 127 16.81 -20.67 -1.27
N PRO L 128 17.91 -20.26 -0.59
CA PRO L 128 19.20 -20.88 -0.85
C PRO L 128 19.15 -22.37 -0.45
N ASP L 129 19.86 -23.20 -1.21
CA ASP L 129 19.98 -24.66 -1.01
C ASP L 129 20.48 -24.91 0.43
N GLU L 130 21.37 -24.06 0.96
CA GLU L 130 22.03 -24.24 2.29
C GLU L 130 20.96 -24.09 3.38
N VAL L 131 20.01 -23.19 3.20
CA VAL L 131 18.94 -22.93 4.20
C VAL L 131 17.94 -24.08 4.16
N HIS L 132 17.48 -24.49 2.98
CA HIS L 132 16.64 -25.71 2.78
C HIS L 132 17.27 -26.89 3.54
N GLN L 133 18.56 -27.12 3.26
CA GLN L 133 19.34 -28.27 3.78
C GLN L 133 19.37 -28.18 5.31
N ASP L 134 19.64 -26.99 5.85
CA ASP L 134 19.82 -26.83 7.31
C ASP L 134 18.48 -27.06 8.02
N VAL L 135 17.38 -26.49 7.53
CA VAL L 135 16.05 -26.67 8.16
C VAL L 135 15.65 -28.17 8.07
N LYS L 136 15.92 -28.81 6.93
CA LYS L 136 15.60 -30.24 6.72
C LYS L 136 16.42 -31.12 7.67
N GLN L 137 17.71 -30.93 7.73
CA GLN L 137 18.62 -31.70 8.62
C GLN L 137 18.16 -31.59 10.07
N LYS L 138 17.84 -30.39 10.54
CA LYS L 138 17.41 -30.16 11.94
C LYS L 138 16.07 -30.82 12.20
N SER L 139 15.13 -30.72 11.24
CA SER L 139 13.79 -31.32 11.37
C SER L 139 13.95 -32.83 11.46
N GLN L 140 14.78 -33.37 10.59
CA GLN L 140 15.00 -34.83 10.50
C GLN L 140 15.71 -35.28 11.78
N GLY L 141 16.70 -34.52 12.20
CA GLY L 141 17.53 -34.83 13.38
C GLY L 141 16.69 -35.00 14.62
N ILE L 142 15.82 -34.06 14.91
CA ILE L 142 14.94 -34.13 16.11
C ILE L 142 14.04 -35.35 16.02
N PHE L 143 13.32 -35.47 14.91
CA PHE L 143 12.33 -36.55 14.68
C PHE L 143 13.06 -37.90 14.83
N LYS L 144 14.22 -38.06 14.17
CA LYS L 144 14.92 -39.35 14.12
C LYS L 144 15.67 -39.65 15.45
N ALA L 145 16.07 -38.65 16.21
CA ALA L 145 16.61 -38.86 17.59
C ALA L 145 15.49 -39.46 18.47
N ILE L 146 14.28 -38.92 18.39
CA ILE L 146 13.15 -39.43 19.22
C ILE L 146 12.79 -40.85 18.78
N GLU L 147 12.67 -41.08 17.46
CA GLU L 147 12.33 -42.38 16.89
C GLU L 147 13.33 -43.44 17.40
N GLY L 148 14.61 -43.13 17.37
CA GLY L 148 15.66 -44.02 17.90
C GLY L 148 15.49 -44.29 19.38
N TYR L 149 15.18 -43.25 20.15
CA TYR L 149 14.86 -43.37 21.59
C TYR L 149 13.70 -44.38 21.78
N VAL L 150 12.62 -44.23 20.99
CA VAL L 150 11.42 -45.09 21.09
C VAL L 150 11.84 -46.54 20.76
N LEU L 151 12.72 -46.74 19.79
CA LEU L 151 13.16 -48.12 19.42
C LEU L 151 14.01 -48.72 20.53
N SER L 152 14.74 -47.95 21.28
CA SER L 152 15.82 -48.49 22.17
C SER L 152 15.29 -48.68 23.59
N ASN L 153 14.19 -48.07 23.94
CA ASN L 153 13.43 -48.33 25.20
C ASN L 153 12.88 -49.77 25.35
N GLY M 2 25.09 -8.13 -6.10
CA GLY M 2 24.56 -7.02 -6.93
C GLY M 2 25.22 -5.72 -6.54
N VAL M 3 25.34 -4.81 -7.50
CA VAL M 3 26.04 -3.51 -7.34
C VAL M 3 25.01 -2.40 -7.52
N HIS M 4 24.87 -1.55 -6.52
CA HIS M 4 23.85 -0.45 -6.49
C HIS M 4 24.55 0.85 -6.15
N THR M 5 24.55 1.77 -7.12
CA THR M 5 25.30 3.04 -7.06
C THR M 5 24.35 4.20 -6.83
N PHE M 6 24.77 5.13 -5.97
CA PHE M 6 24.07 6.41 -5.72
C PHE M 6 25.09 7.54 -5.74
N GLU M 7 24.68 8.69 -6.25
CA GLU M 7 25.52 9.92 -6.24
C GLU M 7 24.75 11.04 -5.55
N GLU M 8 25.41 11.78 -4.67
CA GLU M 8 24.72 12.78 -3.80
C GLU M 8 25.69 13.94 -3.55
N GLU M 9 25.15 15.13 -3.33
CA GLU M 9 25.87 16.36 -2.99
C GLU M 9 25.20 16.99 -1.77
N SER M 10 25.99 17.59 -0.89
CA SER M 10 25.51 18.38 0.26
C SER M 10 26.53 19.49 0.50
N THR M 11 26.24 20.46 1.35
CA THR M 11 27.14 21.59 1.59
C THR M 11 27.41 21.65 3.09
N SER M 12 28.53 22.25 3.44
CA SER M 12 28.95 22.56 4.81
C SER M 12 29.41 24.00 4.84
N PRO M 13 29.19 24.74 5.94
CA PRO M 13 29.81 26.06 6.13
C PRO M 13 31.30 25.95 6.47
N VAL M 14 31.80 24.75 6.73
CA VAL M 14 33.23 24.55 7.05
C VAL M 14 34.02 24.45 5.74
N PRO M 15 35.08 25.26 5.58
CA PRO M 15 35.94 25.17 4.41
C PRO M 15 36.64 23.81 4.29
N PRO M 16 37.02 23.39 3.07
CA PRO M 16 37.43 22.00 2.82
C PRO M 16 38.66 21.51 3.59
N ALA M 17 39.69 22.32 3.78
CA ALA M 17 40.92 21.86 4.49
C ALA M 17 40.57 21.49 5.95
N LYS M 18 39.85 22.37 6.62
CA LYS M 18 39.40 22.14 8.02
C LYS M 18 38.47 20.93 8.07
N LEU M 19 37.57 20.81 7.10
CA LEU M 19 36.54 19.74 7.12
C LEU M 19 37.24 18.41 6.84
N PHE M 20 38.17 18.41 5.88
CA PHE M 20 38.96 17.21 5.54
C PHE M 20 39.80 16.76 6.75
N LYS M 21 40.49 17.69 7.38
CA LYS M 21 41.33 17.37 8.58
C LYS M 21 40.45 16.70 9.66
N ALA M 22 39.29 17.24 9.97
CA ALA M 22 38.42 16.73 11.05
C ALA M 22 37.85 15.36 10.68
N THR M 23 37.36 15.16 9.46
CA THR M 23 36.63 13.95 9.05
C THR M 23 37.60 12.82 8.69
N VAL M 24 38.71 13.13 8.08
CA VAL M 24 39.62 12.12 7.45
C VAL M 24 40.86 11.93 8.33
N VAL M 25 41.59 12.96 8.67
CA VAL M 25 42.79 12.84 9.56
C VAL M 25 42.39 12.55 11.01
N ASP M 26 41.40 13.24 11.58
CA ASP M 26 41.08 13.16 13.05
C ASP M 26 39.85 12.31 13.30
N GLY M 27 39.26 11.74 12.26
CA GLY M 27 37.99 10.98 12.33
C GLY M 27 38.05 9.82 13.35
N ASP M 28 39.16 9.10 13.40
CA ASP M 28 39.39 7.92 14.26
C ASP M 28 39.30 8.31 15.74
N GLU M 29 39.83 9.46 16.12
CA GLU M 29 39.79 10.01 17.49
C GLU M 29 38.37 10.56 17.79
N LEU M 30 37.74 11.30 16.88
CA LEU M 30 36.49 12.03 17.17
C LEU M 30 35.29 11.08 17.20
N THR M 31 35.25 10.10 16.30
CA THR M 31 34.01 9.32 16.07
C THR M 31 33.58 8.61 17.36
N PRO M 32 34.45 7.86 18.05
CA PRO M 32 34.05 7.14 19.26
C PRO M 32 33.63 8.09 20.41
N LYS M 33 34.24 9.29 20.45
CA LYS M 33 33.88 10.33 21.44
C LYS M 33 32.47 10.86 21.18
N LEU M 34 32.05 11.01 19.92
CA LEU M 34 30.80 11.72 19.57
C LEU M 34 29.65 10.70 19.46
N ILE M 35 29.90 9.49 18.96
CA ILE M 35 28.81 8.56 18.68
C ILE M 35 28.75 7.50 19.76
N PRO M 36 27.68 7.47 20.59
CA PRO M 36 27.60 6.53 21.72
C PRO M 36 27.84 5.07 21.32
N ALA M 37 27.25 4.60 20.20
CA ALA M 37 27.33 3.17 19.80
C ALA M 37 28.76 2.74 19.42
N ILE M 38 29.63 3.64 18.94
CA ILE M 38 30.99 3.24 18.47
C ILE M 38 31.96 3.28 19.65
N GLN M 39 32.51 2.12 20.00
CA GLN M 39 33.39 1.92 21.17
C GLN M 39 34.86 2.09 20.78
N SER M 40 35.30 1.57 19.64
CA SER M 40 36.72 1.80 19.28
C SER M 40 36.93 1.75 17.78
N ILE M 41 38.03 2.33 17.37
CA ILE M 41 38.53 2.32 15.97
C ILE M 41 40.03 2.01 16.09
N GLU M 42 40.43 0.80 15.71
CA GLU M 42 41.85 0.33 15.79
C GLU M 42 42.42 0.23 14.39
N ILE M 43 43.59 0.83 14.14
CA ILE M 43 44.29 0.58 12.87
C ILE M 43 44.87 -0.83 13.01
N VAL M 44 44.63 -1.68 12.03
CA VAL M 44 45.12 -3.07 12.07
C VAL M 44 46.33 -3.11 11.15
N GLU M 45 46.34 -2.32 10.08
CA GLU M 45 47.51 -2.28 9.19
C GLU M 45 47.62 -0.91 8.57
N GLY M 46 48.85 -0.46 8.31
CA GLY M 46 49.19 0.79 7.64
C GLY M 46 49.19 1.95 8.63
N ASN M 47 49.36 3.17 8.12
CA ASN M 47 49.56 4.38 8.96
C ASN M 47 48.76 5.56 8.39
N GLY M 48 47.74 5.34 7.55
CA GLY M 48 46.81 6.39 7.09
C GLY M 48 46.87 6.59 5.58
N GLY M 49 47.79 5.88 4.91
CA GLY M 49 47.83 5.88 3.42
C GLY M 49 46.88 4.83 2.84
N PRO M 50 46.77 4.75 1.49
CA PRO M 50 45.96 3.71 0.83
C PRO M 50 46.33 2.31 1.32
N GLY M 51 45.35 1.43 1.50
CA GLY M 51 45.54 0.06 2.07
C GLY M 51 45.46 0.03 3.60
N THR M 52 45.42 1.18 4.28
CA THR M 52 45.22 1.20 5.77
C THR M 52 43.89 0.53 6.11
N VAL M 53 43.88 -0.38 7.09
CA VAL M 53 42.66 -1.10 7.52
C VAL M 53 42.39 -0.77 8.97
N LYS M 54 41.16 -0.47 9.30
CA LYS M 54 40.71 -0.15 10.67
C LYS M 54 39.57 -1.09 11.03
N LYS M 55 39.58 -1.53 12.27
CA LYS M 55 38.50 -2.32 12.85
C LYS M 55 37.62 -1.38 13.69
N VAL M 56 36.35 -1.21 13.31
CA VAL M 56 35.39 -0.33 14.01
C VAL M 56 34.43 -1.22 14.83
N THR M 57 34.47 -1.11 16.14
CA THR M 57 33.60 -1.90 17.05
C THR M 57 32.46 -1.06 17.57
N ALA M 58 31.24 -1.58 17.57
CA ALA M 58 30.08 -0.83 18.08
C ALA M 58 29.12 -1.76 18.81
N VAL M 59 28.25 -1.17 19.62
CA VAL M 59 27.22 -1.91 20.42
C VAL M 59 25.85 -1.46 19.92
N GLU M 60 24.95 -2.41 19.66
CA GLU M 60 23.49 -2.22 19.43
C GLU M 60 22.71 -3.21 20.26
N ASP M 61 21.80 -2.72 21.12
CA ASP M 61 20.97 -3.59 22.00
C ASP M 61 21.87 -4.53 22.81
N GLY M 62 22.92 -3.98 23.43
CA GLY M 62 23.85 -4.76 24.27
C GLY M 62 24.72 -5.76 23.52
N LYS M 63 24.56 -5.92 22.18
CA LYS M 63 25.37 -6.85 21.36
C LYS M 63 26.53 -6.08 20.70
N THR M 64 27.76 -6.55 20.89
CA THR M 64 28.99 -6.00 20.27
C THR M 64 29.21 -6.65 18.91
N SER M 65 29.48 -5.86 17.88
CA SER M 65 29.94 -6.36 16.55
C SER M 65 30.92 -5.35 15.97
N TYR M 66 31.50 -5.65 14.85
CA TYR M 66 32.53 -4.77 14.21
C TYR M 66 32.39 -4.87 12.69
N VAL M 67 32.95 -3.86 12.04
CA VAL M 67 33.12 -3.78 10.57
C VAL M 67 34.58 -3.40 10.33
N LEU M 68 35.01 -3.57 9.11
CA LEU M 68 36.36 -3.21 8.67
C LEU M 68 36.26 -2.03 7.73
N HIS M 69 37.20 -1.11 7.86
CA HIS M 69 37.28 0.14 7.06
C HIS M 69 38.64 0.14 6.37
N LYS M 70 38.64 0.10 5.03
CA LYS M 70 39.88 0.16 4.26
C LYS M 70 39.95 1.47 3.46
N ILE M 71 41.09 2.16 3.51
CA ILE M 71 41.33 3.36 2.68
C ILE M 71 41.67 2.89 1.27
N ASP M 72 40.85 3.22 0.28
CA ASP M 72 41.12 2.92 -1.15
C ASP M 72 41.97 4.07 -1.75
N ALA M 73 41.70 5.33 -1.39
CA ALA M 73 42.49 6.47 -1.91
C ALA M 73 42.34 7.65 -0.96
N ILE M 74 43.38 8.45 -0.89
CA ILE M 74 43.43 9.68 -0.06
C ILE M 74 44.34 10.66 -0.79
N ASP M 75 43.84 11.86 -1.04
CA ASP M 75 44.61 12.91 -1.75
C ASP M 75 44.25 14.26 -1.09
N GLU M 76 45.14 14.74 -0.25
CA GLU M 76 45.02 16.02 0.50
C GLU M 76 44.78 17.18 -0.49
N ALA M 77 45.45 17.21 -1.65
CA ALA M 77 45.43 18.36 -2.56
C ALA M 77 44.01 18.62 -3.09
N THR M 78 43.26 17.54 -3.33
CA THR M 78 41.87 17.59 -3.89
C THR M 78 40.84 17.19 -2.83
N TYR M 79 41.21 17.05 -1.56
CA TYR M 79 40.28 16.69 -0.44
C TYR M 79 39.48 15.43 -0.79
N THR M 80 40.17 14.44 -1.34
CA THR M 80 39.62 13.16 -1.85
C THR M 80 39.86 12.08 -0.78
N TYR M 81 38.79 11.37 -0.43
CA TYR M 81 38.87 10.25 0.54
C TYR M 81 37.92 9.16 0.06
N ASP M 82 38.49 8.05 -0.40
CA ASP M 82 37.74 6.87 -0.88
C ASP M 82 38.03 5.72 0.07
N TYR M 83 36.99 5.03 0.52
CA TYR M 83 37.12 3.98 1.54
C TYR M 83 36.00 2.98 1.39
N THR M 84 36.24 1.77 1.87
CA THR M 84 35.31 0.63 1.75
C THR M 84 35.02 0.16 3.16
N ILE M 85 33.75 -0.04 3.47
CA ILE M 85 33.35 -0.66 4.77
C ILE M 85 32.90 -2.07 4.43
N SER M 86 33.67 -3.03 4.90
CA SER M 86 33.43 -4.45 4.66
C SER M 86 32.70 -4.96 5.89
N GLY M 87 31.77 -5.86 5.70
CA GLY M 87 30.77 -6.17 6.75
C GLY M 87 31.26 -6.65 8.10
N GLY M 88 32.27 -7.51 8.15
CA GLY M 88 32.62 -8.06 9.47
C GLY M 88 31.43 -8.81 10.05
N THR M 89 31.09 -8.55 11.30
CA THR M 89 29.92 -9.15 12.00
C THR M 89 28.83 -8.10 12.19
N GLY M 90 29.15 -6.83 11.97
CA GLY M 90 28.22 -5.69 12.07
C GLY M 90 27.18 -5.54 10.96
N PHE M 91 27.56 -5.73 9.70
CA PHE M 91 26.61 -5.47 8.59
C PHE M 91 25.47 -6.49 8.69
N GLN M 92 24.28 -6.13 8.19
CA GLN M 92 23.29 -7.21 7.96
C GLN M 92 23.72 -8.14 6.80
N GLU M 93 23.21 -9.37 6.88
CA GLU M 93 23.57 -10.50 6.01
C GLU M 93 23.52 -10.09 4.53
N ILE M 94 22.49 -9.35 4.10
CA ILE M 94 22.34 -9.04 2.65
C ILE M 94 23.47 -8.14 2.07
N LEU M 95 24.22 -7.41 2.91
CA LEU M 95 25.21 -6.41 2.41
C LEU M 95 26.63 -6.95 2.57
N GLU M 96 27.41 -7.07 1.51
CA GLU M 96 28.76 -7.63 1.74
C GLU M 96 29.70 -6.47 2.07
N LYS M 97 29.55 -5.36 1.36
CA LYS M 97 30.42 -4.17 1.49
C LYS M 97 29.78 -2.94 0.87
N VAL M 98 30.23 -1.78 1.31
CA VAL M 98 29.81 -0.48 0.75
C VAL M 98 31.10 0.31 0.48
N SER M 99 31.25 0.75 -0.75
CA SER M 99 32.41 1.59 -1.17
C SER M 99 31.96 3.05 -1.30
N PHE M 100 32.74 3.96 -0.70
CA PHE M 100 32.47 5.41 -0.70
C PHE M 100 33.60 6.09 -1.47
N LYS M 101 33.22 7.02 -2.33
CA LYS M 101 34.16 7.98 -2.95
C LYS M 101 33.69 9.38 -2.54
N THR M 102 34.52 10.11 -1.78
CA THR M 102 34.13 11.44 -1.26
C THR M 102 35.10 12.47 -1.80
N LYS M 103 34.61 13.66 -2.08
CA LYS M 103 35.46 14.80 -2.52
C LYS M 103 34.83 16.09 -1.98
N LEU M 104 35.63 16.92 -1.33
CA LEU M 104 35.21 18.28 -0.91
C LEU M 104 35.71 19.30 -1.94
N GLU M 105 34.95 20.36 -2.18
CA GLU M 105 35.45 21.51 -2.96
C GLU M 105 34.92 22.78 -2.33
N ALA M 106 35.67 23.87 -2.53
CA ALA M 106 35.31 25.19 -1.96
C ALA M 106 33.96 25.61 -2.52
N ALA M 107 33.05 26.10 -1.68
CA ALA M 107 31.76 26.68 -2.14
C ALA M 107 31.28 27.66 -1.08
N ASP M 108 31.14 28.94 -1.45
CA ASP M 108 30.49 30.01 -0.64
C ASP M 108 31.15 30.11 0.75
N GLY M 109 32.47 30.04 0.84
CA GLY M 109 33.19 30.14 2.13
C GLY M 109 33.26 28.77 2.81
N GLY M 110 32.47 27.80 2.35
CA GLY M 110 32.39 26.47 2.95
C GLY M 110 32.82 25.40 1.97
N SER M 111 32.19 24.24 2.03
CA SER M 111 32.50 23.04 1.22
C SER M 111 31.24 22.56 0.50
N LYS M 112 31.42 22.08 -0.71
CA LYS M 112 30.46 21.18 -1.36
C LYS M 112 31.02 19.77 -1.18
N ILE M 113 30.20 18.83 -0.73
CA ILE M 113 30.59 17.43 -0.48
C ILE M 113 29.99 16.59 -1.60
N LYS M 114 30.84 15.99 -2.43
CA LYS M 114 30.40 15.15 -3.57
C LYS M 114 30.69 13.71 -3.20
N VAL M 115 29.67 12.88 -3.21
CA VAL M 115 29.78 11.46 -2.80
C VAL M 115 29.24 10.55 -3.92
N SER M 116 29.95 9.44 -4.11
CA SER M 116 29.51 8.26 -4.88
C SER M 116 29.58 7.03 -3.97
N VAL M 117 28.42 6.36 -3.77
CA VAL M 117 28.28 5.20 -2.85
C VAL M 117 27.86 3.99 -3.65
N THR M 118 28.61 2.91 -3.53
CA THR M 118 28.31 1.62 -4.19
C THR M 118 28.04 0.59 -3.10
N PHE M 119 26.77 0.19 -2.98
CA PHE M 119 26.31 -0.98 -2.18
C PHE M 119 26.59 -2.27 -2.96
N HIS M 120 27.37 -3.17 -2.35
CA HIS M 120 27.53 -4.54 -2.90
C HIS M 120 26.68 -5.50 -2.07
N THR M 121 25.71 -6.14 -2.71
CA THR M 121 24.82 -7.07 -1.98
C THR M 121 25.23 -8.51 -2.29
N LYS M 122 24.77 -9.46 -1.48
CA LYS M 122 24.99 -10.88 -1.74
C LYS M 122 24.30 -11.30 -3.04
N GLY M 123 24.93 -12.20 -3.80
CA GLY M 123 24.41 -12.77 -5.06
C GLY M 123 23.88 -11.68 -5.98
N ASP M 124 22.61 -11.75 -6.38
CA ASP M 124 21.95 -10.79 -7.29
C ASP M 124 20.88 -10.00 -6.51
N ALA M 125 21.04 -9.86 -5.20
CA ALA M 125 20.00 -9.26 -4.34
C ALA M 125 19.82 -7.79 -4.71
N PRO M 126 18.58 -7.29 -4.77
CA PRO M 126 18.34 -5.86 -4.79
C PRO M 126 18.75 -5.25 -3.43
N LEU M 127 18.93 -3.95 -3.43
CA LEU M 127 19.22 -3.20 -2.19
C LEU M 127 17.90 -2.82 -1.56
N PRO M 128 17.52 -3.39 -0.39
CA PRO M 128 16.27 -2.97 0.26
C PRO M 128 16.39 -1.50 0.69
N ASP M 129 15.26 -0.78 0.61
CA ASP M 129 15.17 0.65 1.02
C ASP M 129 15.69 0.84 2.45
N GLU M 130 15.42 -0.13 3.32
CA GLU M 130 15.76 0.00 4.77
C GLU M 130 17.29 -0.02 4.93
N VAL M 131 17.99 -0.80 4.12
CA VAL M 131 19.48 -0.92 4.21
C VAL M 131 20.12 0.36 3.66
N HIS M 132 19.68 0.83 2.50
CA HIS M 132 20.06 2.14 1.91
C HIS M 132 19.91 3.23 2.99
N GLN M 133 18.72 3.30 3.59
CA GLN M 133 18.34 4.32 4.56
C GLN M 133 19.27 4.25 5.78
N ASP M 134 19.52 3.05 6.28
CA ASP M 134 20.32 2.88 7.51
C ASP M 134 21.78 3.27 7.24
N VAL M 135 22.37 2.83 6.14
CA VAL M 135 23.78 3.21 5.81
C VAL M 135 23.87 4.73 5.60
N LYS M 136 22.89 5.34 4.94
CA LYS M 136 22.87 6.79 4.67
C LYS M 136 22.75 7.57 6.01
N GLN M 137 21.79 7.21 6.84
CA GLN M 137 21.61 7.87 8.14
C GLN M 137 22.89 7.82 8.99
N LYS M 138 23.53 6.66 9.06
CA LYS M 138 24.77 6.48 9.86
C LYS M 138 25.92 7.26 9.26
N SER M 139 26.04 7.28 7.92
CA SER M 139 27.12 8.02 7.21
C SER M 139 26.93 9.50 7.51
N GLN M 140 25.69 9.97 7.44
CA GLN M 140 25.36 11.39 7.65
C GLN M 140 25.62 11.71 9.12
N GLY M 141 25.17 10.84 10.02
CA GLY M 141 25.30 11.00 11.47
C GLY M 141 26.75 11.25 11.88
N ILE M 142 27.66 10.40 11.45
CA ILE M 142 29.09 10.51 11.81
C ILE M 142 29.65 11.82 11.25
N PHE M 143 29.45 12.05 9.95
CA PHE M 143 29.99 13.23 9.24
C PHE M 143 29.46 14.49 9.92
N LYS M 144 28.16 14.55 10.17
CA LYS M 144 27.49 15.77 10.71
C LYS M 144 27.78 15.94 12.23
N ALA M 145 28.04 14.89 12.98
CA ALA M 145 28.52 15.00 14.40
C ALA M 145 29.89 15.68 14.37
N ILE M 146 30.80 15.26 13.49
CA ILE M 146 32.17 15.85 13.46
C ILE M 146 32.06 17.30 13.01
N GLU M 147 31.28 17.60 11.95
CA GLU M 147 31.10 18.96 11.43
C GLU M 147 30.62 19.89 12.54
N GLY M 148 29.64 19.47 13.34
CA GLY M 148 29.13 20.24 14.47
C GLY M 148 30.20 20.44 15.51
N TYR M 149 30.97 19.42 15.82
CA TYR M 149 32.13 19.49 16.73
C TYR M 149 33.09 20.57 16.24
N VAL M 150 33.42 20.56 14.95
CA VAL M 150 34.39 21.54 14.35
C VAL M 150 33.80 22.95 14.49
N LEU M 151 32.50 23.12 14.29
CA LEU M 151 31.86 24.45 14.41
C LEU M 151 31.90 24.96 15.85
N SER M 152 31.86 24.08 16.84
CA SER M 152 31.74 24.51 18.25
C SER M 152 33.10 24.70 18.91
N ASN M 153 34.16 24.14 18.33
CA ASN M 153 35.54 24.21 18.89
C ASN M 153 36.38 25.13 18.00
N GLY N 2 -1.67 36.21 69.73
CA GLY N 2 -1.20 35.09 70.57
C GLY N 2 -0.55 34.02 69.73
N VAL N 3 0.40 33.30 70.32
CA VAL N 3 1.21 32.26 69.63
C VAL N 3 0.90 30.91 70.26
N HIS N 4 0.45 29.95 69.44
CA HIS N 4 0.05 28.60 69.88
C HIS N 4 0.80 27.58 69.01
N THR N 5 1.69 26.80 69.63
CA THR N 5 2.59 25.85 68.93
C THR N 5 2.16 24.41 69.22
N PHE N 6 2.17 23.58 68.21
CA PHE N 6 1.87 22.12 68.32
C PHE N 6 2.93 21.36 67.53
N GLU N 7 3.31 20.20 68.06
CA GLU N 7 4.31 19.28 67.45
C GLU N 7 3.66 17.92 67.35
N GLU N 8 3.73 17.30 66.17
CA GLU N 8 3.09 16.01 65.92
C GLU N 8 3.95 15.19 64.99
N GLU N 9 3.83 13.87 65.09
CA GLU N 9 4.49 12.87 64.22
C GLU N 9 3.42 11.91 63.73
N SER N 10 3.59 11.45 62.51
CA SER N 10 2.79 10.35 61.90
C SER N 10 3.71 9.57 60.97
N THR N 11 3.26 8.42 60.47
CA THR N 11 4.07 7.59 59.58
C THR N 11 3.29 7.39 58.28
N SER N 12 4.04 7.08 57.22
CA SER N 12 3.52 6.71 55.89
C SER N 12 4.29 5.47 55.45
N PRO N 13 3.66 4.56 54.69
CA PRO N 13 4.41 3.49 54.01
C PRO N 13 5.20 3.99 52.80
N VAL N 14 5.00 5.24 52.40
CA VAL N 14 5.72 5.80 51.22
C VAL N 14 7.08 6.31 51.69
N PRO N 15 8.17 5.89 51.03
CA PRO N 15 9.51 6.39 51.37
C PRO N 15 9.65 7.90 51.13
N PRO N 16 10.56 8.57 51.86
CA PRO N 16 10.57 10.03 51.95
C PRO N 16 10.79 10.78 50.63
N ALA N 17 11.65 10.31 49.74
CA ALA N 17 11.96 11.04 48.49
C ALA N 17 10.69 11.04 47.62
N LYS N 18 10.03 9.89 47.46
CA LYS N 18 8.77 9.79 46.69
C LYS N 18 7.68 10.66 47.35
N LEU N 19 7.60 10.65 48.69
CA LEU N 19 6.53 11.35 49.41
C LEU N 19 6.81 12.86 49.31
N PHE N 20 8.05 13.26 49.45
CA PHE N 20 8.48 14.67 49.33
C PHE N 20 8.18 15.17 47.91
N LYS N 21 8.57 14.41 46.90
CA LYS N 21 8.34 14.81 45.49
C LYS N 21 6.86 15.07 45.26
N ALA N 22 5.98 14.18 45.71
CA ALA N 22 4.53 14.29 45.48
C ALA N 22 3.93 15.47 46.26
N THR N 23 4.28 15.65 47.52
CA THR N 23 3.59 16.61 48.41
C THR N 23 4.15 18.02 48.22
N VAL N 24 5.45 18.16 47.96
CA VAL N 24 6.11 19.48 47.94
C VAL N 24 6.42 19.89 46.52
N VAL N 25 7.13 19.08 45.73
CA VAL N 25 7.55 19.47 44.35
C VAL N 25 6.34 19.44 43.40
N ASP N 26 5.46 18.43 43.46
CA ASP N 26 4.30 18.27 42.53
C ASP N 26 3.01 18.72 43.20
N GLY N 27 3.07 19.18 44.44
CA GLY N 27 1.88 19.54 45.25
C GLY N 27 1.02 20.58 44.62
N ASP N 28 1.58 21.59 43.94
CA ASP N 28 0.77 22.68 43.34
C ASP N 28 -0.13 22.11 42.21
N GLU N 29 0.37 21.17 41.44
CA GLU N 29 -0.36 20.48 40.35
C GLU N 29 -1.34 19.44 40.93
N LEU N 30 -0.95 18.64 41.93
CA LEU N 30 -1.78 17.50 42.39
C LEU N 30 -2.91 17.97 43.29
N THR N 31 -2.69 18.99 44.12
CA THR N 31 -3.67 19.34 45.18
C THR N 31 -5.02 19.69 44.56
N PRO N 32 -5.11 20.57 43.54
CA PRO N 32 -6.37 20.85 42.87
C PRO N 32 -7.10 19.68 42.25
N LYS N 33 -6.33 18.74 41.74
CA LYS N 33 -6.89 17.48 41.16
C LYS N 33 -7.52 16.61 42.24
N LEU N 34 -6.91 16.57 43.45
CA LEU N 34 -7.32 15.63 44.50
C LEU N 34 -8.36 16.25 45.43
N ILE N 35 -8.32 17.55 45.68
CA ILE N 35 -9.23 18.21 46.65
C ILE N 35 -10.33 18.92 45.87
N PRO N 36 -11.59 18.51 45.97
CA PRO N 36 -12.71 19.13 45.25
C PRO N 36 -12.77 20.67 45.39
N ALA N 37 -12.58 21.23 46.61
CA ALA N 37 -12.76 22.67 46.82
C ALA N 37 -11.66 23.50 46.13
N ILE N 38 -10.45 22.98 45.95
CA ILE N 38 -9.27 23.76 45.50
C ILE N 38 -9.22 23.81 43.97
N GLN N 39 -9.31 25.02 43.41
CA GLN N 39 -9.35 25.25 41.95
C GLN N 39 -7.92 25.40 41.40
N SER N 40 -7.02 26.06 42.11
CA SER N 40 -5.65 26.33 41.62
C SER N 40 -4.68 26.70 42.76
N ILE N 41 -3.40 26.47 42.52
CA ILE N 41 -2.25 26.95 43.32
C ILE N 41 -1.25 27.52 42.32
N GLU N 42 -1.13 28.83 42.28
CA GLU N 42 -0.30 29.55 41.27
C GLU N 42 0.80 30.29 42.02
N ILE N 43 2.04 30.15 41.56
CA ILE N 43 3.18 31.00 42.01
C ILE N 43 2.92 32.42 41.54
N VAL N 44 2.88 33.38 42.46
CA VAL N 44 2.74 34.84 42.14
C VAL N 44 4.14 35.47 42.06
N GLU N 45 5.10 34.96 42.82
CA GLU N 45 6.46 35.49 42.82
C GLU N 45 7.47 34.44 43.26
N GLY N 46 8.65 34.48 42.64
CA GLY N 46 9.76 33.54 42.91
C GLY N 46 9.61 32.34 42.03
N ASN N 47 10.40 31.30 42.24
CA ASN N 47 10.50 30.14 41.31
C ASN N 47 10.54 28.82 42.09
N GLY N 48 10.08 28.80 43.36
CA GLY N 48 9.93 27.55 44.14
C GLY N 48 10.88 27.48 45.34
N GLY N 49 11.82 28.41 45.43
CA GLY N 49 12.78 28.56 46.52
C GLY N 49 12.18 29.38 47.66
N PRO N 50 12.95 29.58 48.77
CA PRO N 50 12.52 30.43 49.89
C PRO N 50 12.09 31.83 49.39
N GLY N 51 11.03 32.40 49.96
CA GLY N 51 10.47 33.70 49.56
C GLY N 51 9.44 33.59 48.42
N THR N 52 9.27 32.43 47.79
CA THR N 52 8.21 32.18 46.80
C THR N 52 6.85 32.40 47.46
N VAL N 53 5.96 33.12 46.77
CA VAL N 53 4.57 33.33 47.22
C VAL N 53 3.61 32.65 46.27
N LYS N 54 2.62 31.94 46.79
CA LYS N 54 1.64 31.16 46.01
C LYS N 54 0.24 31.64 46.41
N LYS N 55 -0.65 31.71 45.44
CA LYS N 55 -2.07 32.01 45.68
C LYS N 55 -2.84 30.70 45.59
N VAL N 56 -3.51 30.30 46.66
CA VAL N 56 -4.39 29.09 46.66
C VAL N 56 -5.85 29.54 46.57
N THR N 57 -6.53 29.20 45.48
CA THR N 57 -7.95 29.58 45.26
C THR N 57 -8.85 28.38 45.52
N ALA N 58 -9.95 28.56 46.22
CA ALA N 58 -10.92 27.47 46.50
C ALA N 58 -12.35 28.00 46.47
N VAL N 59 -13.30 27.10 46.29
CA VAL N 59 -14.76 27.39 46.26
C VAL N 59 -15.38 26.70 47.49
N GLU N 60 -16.23 27.44 48.22
CA GLU N 60 -17.21 26.92 49.20
C GLU N 60 -18.60 27.49 48.90
N ASP N 61 -19.56 26.61 48.58
CA ASP N 61 -21.00 26.97 48.40
C ASP N 61 -21.12 27.98 47.25
N GLY N 62 -20.40 27.74 46.16
CA GLY N 62 -20.35 28.59 44.94
C GLY N 62 -19.55 29.87 45.11
N LYS N 63 -18.95 30.10 46.28
CA LYS N 63 -18.12 31.30 46.51
C LYS N 63 -16.64 30.99 46.21
N THR N 64 -15.98 31.86 45.42
CA THR N 64 -14.51 31.78 45.25
C THR N 64 -13.82 32.67 46.30
N SER N 65 -12.79 32.14 46.95
CA SER N 65 -11.85 32.94 47.79
C SER N 65 -10.44 32.33 47.71
N TYR N 66 -9.44 33.00 48.31
CA TYR N 66 -8.03 32.53 48.23
C TYR N 66 -7.29 32.84 49.53
N VAL N 67 -6.19 32.12 49.77
CA VAL N 67 -5.21 32.49 50.83
C VAL N 67 -3.81 32.53 50.22
N LEU N 68 -2.84 33.06 50.95
CA LEU N 68 -1.47 33.19 50.39
C LEU N 68 -0.53 32.21 51.11
N HIS N 69 0.36 31.60 50.34
CA HIS N 69 1.44 30.72 50.86
C HIS N 69 2.78 31.43 50.65
N LYS N 70 3.60 31.51 51.70
CA LYS N 70 5.02 31.91 51.54
C LYS N 70 5.93 30.75 51.93
N ILE N 71 6.92 30.44 51.09
CA ILE N 71 7.92 29.39 51.40
C ILE N 71 8.99 29.99 52.30
N ASP N 72 9.06 29.47 53.51
CA ASP N 72 10.10 29.91 54.48
C ASP N 72 11.39 29.10 54.24
N ALA N 73 11.30 27.80 53.95
CA ALA N 73 12.50 26.99 53.63
C ALA N 73 12.08 25.72 52.88
N ILE N 74 12.95 25.25 52.00
CA ILE N 74 12.70 24.06 51.15
C ILE N 74 14.04 23.40 50.87
N ASP N 75 14.17 22.10 51.11
CA ASP N 75 15.44 21.36 50.85
C ASP N 75 15.08 19.91 50.58
N GLU N 76 15.19 19.51 49.30
CA GLU N 76 14.93 18.14 48.78
C GLU N 76 15.76 17.11 49.56
N ALA N 77 17.04 17.40 49.83
CA ALA N 77 17.99 16.38 50.36
C ALA N 77 17.56 15.93 51.76
N THR N 78 16.99 16.85 52.55
CA THR N 78 16.57 16.60 53.97
C THR N 78 15.04 16.54 54.07
N TYR N 79 14.33 16.54 52.94
CA TYR N 79 12.85 16.42 52.90
C TYR N 79 12.20 17.49 53.79
N THR N 80 12.74 18.71 53.73
CA THR N 80 12.34 19.86 54.59
C THR N 80 11.45 20.79 53.79
N TYR N 81 10.26 21.12 54.31
CA TYR N 81 9.39 22.13 53.69
C TYR N 81 8.72 22.95 54.78
N ASP N 82 9.09 24.22 54.88
CA ASP N 82 8.55 25.18 55.88
C ASP N 82 7.84 26.27 55.11
N TYR N 83 6.62 26.61 55.52
CA TYR N 83 5.77 27.56 54.77
C TYR N 83 4.78 28.21 55.73
N THR N 84 4.31 29.38 55.35
CA THR N 84 3.39 30.21 56.16
C THR N 84 2.14 30.45 55.32
N ILE N 85 0.97 30.18 55.88
CA ILE N 85 -0.32 30.54 55.24
C ILE N 85 -0.85 31.80 55.92
N SER N 86 -1.15 32.82 55.11
CA SER N 86 -1.76 34.07 55.63
C SER N 86 -2.76 34.65 54.65
N GLY N 87 -3.48 35.68 55.09
CA GLY N 87 -4.07 36.73 54.28
C GLY N 87 -5.08 36.23 53.26
N GLY N 88 -5.25 36.98 52.19
CA GLY N 88 -6.31 36.76 51.19
C GLY N 88 -7.68 36.97 51.83
N THR N 89 -8.67 36.38 51.18
CA THR N 89 -10.14 36.53 51.47
C THR N 89 -10.71 35.27 52.09
N GLY N 90 -9.98 34.15 52.07
CA GLY N 90 -10.47 32.84 52.50
C GLY N 90 -9.89 32.48 53.89
N PHE N 91 -9.03 33.28 54.50
CA PHE N 91 -8.27 32.86 55.71
C PHE N 91 -9.16 32.91 56.95
N GLN N 92 -8.86 32.06 57.94
CA GLN N 92 -9.57 32.01 59.23
C GLN N 92 -9.60 33.41 59.85
N GLU N 93 -10.76 33.83 60.36
CA GLU N 93 -11.02 35.20 60.88
C GLU N 93 -10.10 35.47 62.09
N ILE N 94 -9.88 34.49 62.97
CA ILE N 94 -9.21 34.67 64.28
C ILE N 94 -7.68 34.72 64.08
N LEU N 95 -7.18 34.36 62.87
CA LEU N 95 -5.75 34.08 62.64
C LEU N 95 -5.11 35.23 61.88
N GLU N 96 -3.92 35.64 62.33
CA GLU N 96 -3.01 36.49 61.52
C GLU N 96 -2.29 35.59 60.52
N LYS N 97 -1.82 34.42 60.96
CA LYS N 97 -1.07 33.48 60.06
C LYS N 97 -0.90 32.14 60.77
N VAL N 98 -0.59 31.10 59.99
CA VAL N 98 -0.16 29.78 60.54
C VAL N 98 1.13 29.41 59.83
N SER N 99 2.17 29.15 60.63
CA SER N 99 3.49 28.76 60.09
C SER N 99 3.71 27.25 60.35
N PHE N 100 4.12 26.54 59.31
CA PHE N 100 4.34 25.08 59.31
C PHE N 100 5.82 24.82 59.07
N LYS N 101 6.37 23.91 59.84
CA LYS N 101 7.70 23.31 59.60
C LYS N 101 7.48 21.81 59.44
N THR N 102 7.79 21.26 58.28
CA THR N 102 7.55 19.83 58.00
C THR N 102 8.92 19.20 57.66
N LYS N 103 9.04 17.96 58.04
CA LYS N 103 10.25 17.17 57.83
C LYS N 103 9.91 15.68 57.71
N LEU N 104 10.36 15.06 56.64
CA LEU N 104 10.27 13.58 56.52
C LEU N 104 11.60 12.96 56.96
N GLU N 105 11.57 11.77 57.52
CA GLU N 105 12.74 10.89 57.64
C GLU N 105 12.31 9.46 57.33
N ALA N 106 13.28 8.63 56.97
CA ALA N 106 13.10 7.18 56.74
C ALA N 106 12.52 6.56 58.03
N ALA N 107 11.55 5.68 57.90
CA ALA N 107 11.14 4.73 58.98
C ALA N 107 10.59 3.46 58.31
N ASP N 108 11.28 2.33 58.50
CA ASP N 108 10.80 0.96 58.15
C ASP N 108 10.41 0.88 56.67
N GLY N 109 11.20 1.45 55.77
CA GLY N 109 10.89 1.41 54.31
C GLY N 109 9.93 2.51 53.91
N GLY N 110 9.37 3.21 54.89
CA GLY N 110 8.45 4.31 54.64
C GLY N 110 8.99 5.60 55.19
N SER N 111 8.13 6.45 55.69
CA SER N 111 8.52 7.78 56.20
C SER N 111 7.91 8.08 57.57
N LYS N 112 8.63 8.86 58.35
CA LYS N 112 8.11 9.48 59.59
C LYS N 112 7.89 10.96 59.20
N ILE N 113 6.72 11.52 59.47
CA ILE N 113 6.47 12.94 59.13
C ILE N 113 6.51 13.71 60.45
N LYS N 114 7.48 14.60 60.61
CA LYS N 114 7.56 15.44 61.82
C LYS N 114 7.06 16.84 61.47
N VAL N 115 6.09 17.36 62.21
CA VAL N 115 5.50 18.69 61.97
C VAL N 115 5.56 19.54 63.23
N SER N 116 5.87 20.81 63.04
CA SER N 116 5.73 21.90 64.02
C SER N 116 4.83 22.99 63.42
N VAL N 117 3.71 23.28 64.07
CA VAL N 117 2.69 24.24 63.60
C VAL N 117 2.55 25.35 64.62
N THR N 118 2.71 26.59 64.19
CA THR N 118 2.53 27.78 65.06
C THR N 118 1.36 28.59 64.51
N PHE N 119 0.26 28.64 65.27
CA PHE N 119 -0.89 29.54 65.02
C PHE N 119 -0.61 30.90 65.68
N HIS N 120 -0.74 31.96 64.89
CA HIS N 120 -0.69 33.37 65.38
C HIS N 120 -2.13 33.92 65.36
N THR N 121 -2.73 34.09 66.53
CA THR N 121 -4.11 34.63 66.65
C THR N 121 -4.03 36.15 66.72
N LYS N 122 -5.11 36.82 66.33
CA LYS N 122 -5.27 38.30 66.50
C LYS N 122 -5.25 38.62 68.01
N GLY N 123 -4.68 39.78 68.34
CA GLY N 123 -4.67 40.35 69.69
C GLY N 123 -4.18 39.33 70.70
N ASP N 124 -5.00 39.05 71.73
CA ASP N 124 -4.66 38.12 72.83
C ASP N 124 -5.49 36.83 72.73
N ALA N 125 -6.02 36.53 71.53
CA ALA N 125 -7.06 35.51 71.39
C ALA N 125 -6.45 34.14 71.70
N PRO N 126 -7.17 33.27 72.43
CA PRO N 126 -6.82 31.84 72.47
C PRO N 126 -7.10 31.26 71.07
N LEU N 127 -6.56 30.08 70.81
CA LEU N 127 -6.86 29.31 69.59
C LEU N 127 -8.12 28.51 69.84
N PRO N 128 -9.27 28.82 69.20
CA PRO N 128 -10.47 28.00 69.40
C PRO N 128 -10.20 26.59 68.84
N ASP N 129 -10.76 25.57 69.52
CA ASP N 129 -10.63 24.15 69.12
C ASP N 129 -11.06 23.98 67.65
N GLU N 130 -12.09 24.72 67.21
CA GLU N 130 -12.69 24.56 65.85
C GLU N 130 -11.67 25.04 64.81
N VAL N 131 -10.89 26.07 65.10
CA VAL N 131 -9.89 26.62 64.15
C VAL N 131 -8.69 25.66 64.07
N HIS N 132 -8.17 25.20 65.21
CA HIS N 132 -7.11 24.16 65.29
C HIS N 132 -7.55 22.96 64.43
N GLN N 133 -8.76 22.47 64.67
CA GLN N 133 -9.34 21.29 64.01
C GLN N 133 -9.42 21.52 62.51
N ASP N 134 -9.89 22.67 62.07
CA ASP N 134 -10.09 22.96 60.62
C ASP N 134 -8.73 23.04 59.94
N VAL N 135 -7.75 23.74 60.49
CA VAL N 135 -6.39 23.82 59.88
C VAL N 135 -5.75 22.43 59.84
N LYS N 136 -5.89 21.65 60.91
CA LYS N 136 -5.28 20.30 60.96
C LYS N 136 -5.97 19.39 59.94
N GLN N 137 -7.29 19.38 59.90
CA GLN N 137 -7.99 18.49 58.93
C GLN N 137 -7.62 18.87 57.49
N LYS N 138 -7.54 20.15 57.17
CA LYS N 138 -7.13 20.58 55.82
C LYS N 138 -5.69 20.16 55.53
N SER N 139 -4.80 20.34 56.51
CA SER N 139 -3.37 19.97 56.36
C SER N 139 -3.29 18.46 56.13
N GLN N 140 -4.03 17.70 56.94
CA GLN N 140 -4.07 16.23 56.86
C GLN N 140 -4.73 15.77 55.56
N GLY N 141 -5.83 16.40 55.17
CA GLY N 141 -6.54 15.94 53.97
C GLY N 141 -5.68 16.03 52.74
N ILE N 142 -5.10 17.21 52.50
CA ILE N 142 -4.14 17.43 51.38
C ILE N 142 -3.03 16.36 51.41
N PHE N 143 -2.34 16.22 52.54
CA PHE N 143 -1.17 15.32 52.60
C PHE N 143 -1.62 13.88 52.32
N LYS N 144 -2.72 13.45 52.93
CA LYS N 144 -3.19 12.05 52.85
C LYS N 144 -3.93 11.78 51.52
N ALA N 145 -4.48 12.83 50.89
CA ALA N 145 -4.98 12.68 49.50
C ALA N 145 -3.81 12.35 48.57
N ILE N 146 -2.72 13.14 48.67
CA ILE N 146 -1.53 12.93 47.80
C ILE N 146 -0.93 11.56 48.08
N GLU N 147 -0.76 11.19 49.35
CA GLU N 147 -0.20 9.88 49.77
C GLU N 147 -1.01 8.74 49.12
N GLY N 148 -2.33 8.82 49.14
CA GLY N 148 -3.21 7.85 48.50
C GLY N 148 -2.97 7.79 46.98
N TYR N 149 -2.83 8.97 46.38
CA TYR N 149 -2.52 9.09 44.94
C TYR N 149 -1.20 8.36 44.65
N VAL N 150 -0.18 8.60 45.47
CA VAL N 150 1.16 7.99 45.30
C VAL N 150 1.05 6.46 45.40
N LEU N 151 0.24 5.96 46.33
CA LEU N 151 0.07 4.49 46.50
C LEU N 151 -0.58 3.88 45.26
N SER N 152 -1.53 4.59 44.65
CA SER N 152 -2.28 4.14 43.45
C SER N 152 -1.50 4.14 42.13
N ASN N 153 -0.41 4.90 42.01
CA ASN N 153 0.29 4.92 40.69
C ASN N 153 1.71 4.37 40.81
N GLY O 2 42.03 -14.59 51.85
CA GLY O 2 42.13 -13.57 52.92
C GLY O 2 41.08 -12.50 52.70
N VAL O 3 40.62 -11.88 53.79
CA VAL O 3 39.55 -10.86 53.80
C VAL O 3 40.16 -9.54 54.27
N HIS O 4 40.02 -8.49 53.46
CA HIS O 4 40.59 -7.15 53.71
C HIS O 4 39.48 -6.12 53.55
N THR O 5 39.10 -5.44 54.63
CA THR O 5 37.96 -4.49 54.67
C THR O 5 38.47 -3.05 54.75
N PHE O 6 37.83 -2.16 54.03
CA PHE O 6 38.09 -0.70 54.04
C PHE O 6 36.76 0.04 54.10
N GLU O 7 36.77 1.26 54.66
CA GLU O 7 35.63 2.18 54.73
C GLU O 7 36.07 3.51 54.16
N GLU O 8 35.25 4.13 53.34
CA GLU O 8 35.58 5.42 52.68
C GLU O 8 34.29 6.24 52.56
N GLU O 9 34.43 7.54 52.52
CA GLU O 9 33.34 8.52 52.29
C GLU O 9 33.80 9.47 51.20
N SER O 10 32.85 9.95 50.40
CA SER O 10 33.03 11.08 49.46
C SER O 10 31.71 11.85 49.42
N THR O 11 31.70 13.03 48.81
CA THR O 11 30.46 13.86 48.81
C THR O 11 30.15 14.19 47.35
N SER O 12 28.90 14.49 47.08
CA SER O 12 28.36 14.95 45.79
C SER O 12 27.43 16.10 46.05
N PRO O 13 27.32 17.09 45.15
CA PRO O 13 26.27 18.11 45.25
C PRO O 13 24.90 17.58 44.85
N VAL O 14 24.83 16.35 44.30
CA VAL O 14 23.54 15.77 43.87
C VAL O 14 22.88 15.12 45.06
N PRO O 15 21.60 15.47 45.37
CA PRO O 15 20.87 14.84 46.45
C PRO O 15 20.66 13.35 46.23
N PRO O 16 20.50 12.55 47.30
CA PRO O 16 20.56 11.10 47.22
C PRO O 16 19.57 10.42 46.28
N ALA O 17 18.32 10.85 46.18
CA ALA O 17 17.35 10.12 45.31
C ALA O 17 17.80 10.21 43.83
N LYS O 18 18.12 11.41 43.40
CA LYS O 18 18.62 11.68 42.01
C LYS O 18 19.94 10.93 41.79
N LEU O 19 20.82 10.92 42.77
CA LEU O 19 22.17 10.32 42.62
C LEU O 19 22.01 8.81 42.57
N PHE O 20 21.14 8.26 43.43
CA PHE O 20 20.86 6.81 43.46
C PHE O 20 20.25 6.37 42.12
N LYS O 21 19.25 7.11 41.63
CA LYS O 21 18.59 6.76 40.35
C LYS O 21 19.65 6.67 39.23
N ALA O 22 20.53 7.67 39.12
CA ALA O 22 21.52 7.72 38.02
C ALA O 22 22.56 6.59 38.16
N THR O 23 23.11 6.36 39.36
CA THR O 23 24.27 5.48 39.56
C THR O 23 23.84 4.02 39.66
N VAL O 24 22.69 3.74 40.24
CA VAL O 24 22.26 2.34 40.54
C VAL O 24 21.19 1.93 39.53
N VAL O 25 20.09 2.66 39.39
CA VAL O 25 18.96 2.25 38.51
C VAL O 25 19.33 2.44 37.03
N ASP O 26 19.97 3.55 36.64
CA ASP O 26 20.30 3.86 35.22
C ASP O 26 21.78 3.55 34.92
N GLY O 27 22.52 3.05 35.91
CA GLY O 27 23.97 2.78 35.78
C GLY O 27 24.30 1.84 34.61
N ASP O 28 23.50 0.80 34.39
CA ASP O 28 23.75 -0.20 33.32
C ASP O 28 23.70 0.44 31.94
N GLU O 29 22.78 1.38 31.72
CA GLU O 29 22.62 2.14 30.45
C GLU O 29 23.75 3.18 30.32
N LEU O 30 24.08 3.92 31.38
CA LEU O 30 25.01 5.09 31.28
C LEU O 30 26.47 4.62 31.18
N THR O 31 26.83 3.56 31.91
CA THR O 31 28.25 3.23 32.11
C THR O 31 28.95 2.97 30.78
N PRO O 32 28.43 2.11 29.88
CA PRO O 32 29.12 1.85 28.62
C PRO O 32 29.24 3.08 27.70
N LYS O 33 28.28 4.00 27.79
CA LYS O 33 28.35 5.28 27.03
C LYS O 33 29.47 6.16 27.58
N LEU O 34 29.69 6.19 28.90
CA LEU O 34 30.55 7.20 29.55
C LEU O 34 31.97 6.66 29.71
N ILE O 35 32.15 5.36 29.90
CA ILE O 35 33.51 4.81 30.13
C ILE O 35 33.99 4.14 28.85
N PRO O 36 35.05 4.66 28.18
CA PRO O 36 35.55 4.08 26.94
C PRO O 36 35.80 2.56 27.00
N ALA O 37 36.45 2.07 28.07
CA ALA O 37 36.88 0.66 28.22
C ALA O 37 35.67 -0.28 28.32
N ILE O 38 34.51 0.14 28.85
CA ILE O 38 33.36 -0.76 29.08
C ILE O 38 32.49 -0.82 27.81
N GLN O 39 32.35 -2.01 27.24
CA GLN O 39 31.63 -2.22 25.96
C GLN O 39 30.15 -2.50 26.25
N SER O 40 29.82 -3.25 27.30
CA SER O 40 28.42 -3.64 27.58
C SER O 40 28.24 -4.18 28.99
N ILE O 41 27.00 -4.07 29.46
CA ILE O 41 26.50 -4.60 30.77
C ILE O 41 25.19 -5.31 30.42
N GLU O 42 25.22 -6.65 30.46
CA GLU O 42 24.05 -7.50 30.12
C GLU O 42 23.58 -8.22 31.39
N ILE O 43 22.29 -8.14 31.70
CA ILE O 43 21.68 -8.95 32.77
C ILE O 43 21.67 -10.41 32.30
N VAL O 44 22.32 -11.32 33.03
CA VAL O 44 22.34 -12.77 32.68
C VAL O 44 21.37 -13.51 33.57
N GLU O 45 20.98 -12.95 34.71
CA GLU O 45 20.04 -13.57 35.70
C GLU O 45 19.29 -12.47 36.44
N GLY O 46 17.99 -12.67 36.68
CA GLY O 46 17.19 -11.76 37.54
C GLY O 46 16.69 -10.55 36.78
N ASN O 47 16.12 -9.57 37.46
CA ASN O 47 15.47 -8.41 36.80
C ASN O 47 15.80 -7.09 37.51
N GLY O 48 16.86 -7.04 38.34
CA GLY O 48 17.34 -5.80 39.00
C GLY O 48 17.24 -5.87 40.51
N GLY O 49 16.60 -6.91 41.04
CA GLY O 49 16.54 -7.19 42.49
C GLY O 49 17.75 -7.95 42.98
N PRO O 50 17.81 -8.30 44.30
CA PRO O 50 18.91 -9.10 44.86
C PRO O 50 19.04 -10.43 44.09
N GLY O 51 20.27 -10.91 43.86
CA GLY O 51 20.54 -12.13 43.08
C GLY O 51 20.73 -11.84 41.58
N THR O 52 20.42 -10.63 41.12
CA THR O 52 20.65 -10.23 39.71
C THR O 52 22.14 -10.34 39.40
N VAL O 53 22.49 -10.94 38.28
CA VAL O 53 23.90 -11.07 37.82
C VAL O 53 23.99 -10.34 36.49
N LYS O 54 25.02 -9.51 36.39
CA LYS O 54 25.33 -8.73 35.16
C LYS O 54 26.70 -9.17 34.69
N LYS O 55 26.83 -9.34 33.39
CA LYS O 55 28.13 -9.57 32.74
C LYS O 55 28.64 -8.23 32.21
N VAL O 56 29.79 -7.79 32.71
CA VAL O 56 30.40 -6.50 32.33
C VAL O 56 31.58 -6.84 31.44
N THR O 57 31.52 -6.42 30.17
CA THR O 57 32.61 -6.68 29.21
C THR O 57 33.43 -5.40 29.02
N ALA O 58 34.74 -5.49 29.02
CA ALA O 58 35.61 -4.30 28.92
C ALA O 58 36.88 -4.68 28.21
N VAL O 59 37.62 -3.66 27.74
CA VAL O 59 39.00 -3.80 27.19
C VAL O 59 40.00 -3.12 28.13
N GLU O 60 41.08 -3.81 28.50
CA GLU O 60 42.32 -3.18 29.04
C GLU O 60 43.54 -3.65 28.25
N ASP O 61 44.36 -2.71 27.76
CA ASP O 61 45.51 -3.00 26.85
C ASP O 61 45.03 -3.83 25.64
N GLY O 62 43.94 -3.43 25.00
CA GLY O 62 43.43 -4.13 23.80
C GLY O 62 43.27 -5.61 24.06
N LYS O 63 42.78 -5.96 25.25
CA LYS O 63 42.25 -7.32 25.54
C LYS O 63 40.82 -7.22 26.06
N THR O 64 39.86 -7.85 25.37
CA THR O 64 38.46 -7.92 25.81
C THR O 64 38.36 -9.02 26.87
N SER O 65 37.65 -8.74 27.96
CA SER O 65 37.41 -9.67 29.08
C SER O 65 36.12 -9.28 29.78
N TYR O 66 35.62 -10.14 30.64
CA TYR O 66 34.40 -9.79 31.39
C TYR O 66 34.54 -10.17 32.86
N VAL O 67 33.72 -9.54 33.68
CA VAL O 67 33.58 -9.83 35.12
C VAL O 67 32.08 -9.92 35.38
N LEU O 68 31.72 -10.57 36.46
CA LEU O 68 30.32 -10.68 36.87
C LEU O 68 30.11 -9.73 38.04
N HIS O 69 28.97 -9.04 38.00
CA HIS O 69 28.47 -8.10 39.04
C HIS O 69 27.15 -8.67 39.58
N LYS O 70 27.13 -9.09 40.85
CA LYS O 70 25.96 -9.69 41.50
C LYS O 70 25.41 -8.71 42.53
N ILE O 71 24.12 -8.42 42.47
CA ILE O 71 23.44 -7.53 43.46
C ILE O 71 23.22 -8.39 44.72
N ASP O 72 23.83 -8.00 45.84
CA ASP O 72 23.62 -8.63 47.15
C ASP O 72 22.40 -7.95 47.84
N ALA O 73 22.22 -6.63 47.70
CA ALA O 73 21.01 -5.95 48.24
C ALA O 73 20.83 -4.63 47.51
N ILE O 74 19.59 -4.24 47.35
CA ILE O 74 19.23 -2.95 46.69
C ILE O 74 17.94 -2.46 47.34
N ASP O 75 17.95 -1.23 47.83
CA ASP O 75 16.72 -0.62 48.39
C ASP O 75 16.73 0.86 48.06
N GLU O 76 15.90 1.25 47.10
CA GLU O 76 15.71 2.64 46.63
C GLU O 76 15.41 3.57 47.80
N ALA O 77 14.56 3.15 48.75
CA ALA O 77 14.01 4.01 49.81
C ALA O 77 15.14 4.52 50.71
N THR O 78 16.15 3.67 50.97
CA THR O 78 17.29 3.98 51.89
C THR O 78 18.59 4.20 51.08
N TYR O 79 18.52 4.28 49.76
CA TYR O 79 19.68 4.55 48.89
C TYR O 79 20.79 3.54 49.13
N THR O 80 20.42 2.26 49.30
CA THR O 80 21.34 1.15 49.67
C THR O 80 21.61 0.33 48.42
N TYR O 81 22.87 0.09 48.11
CA TYR O 81 23.26 -0.76 46.97
C TYR O 81 24.51 -1.56 47.36
N ASP O 82 24.33 -2.86 47.54
CA ASP O 82 25.43 -3.80 47.90
C ASP O 82 25.59 -4.77 46.73
N TYR O 83 26.82 -4.98 46.29
CA TYR O 83 27.08 -5.78 45.08
C TYR O 83 28.50 -6.35 45.17
N THR O 84 28.69 -7.45 44.45
CA THR O 84 29.96 -8.23 44.43
C THR O 84 30.43 -8.36 42.98
N ILE O 85 31.70 -8.03 42.74
CA ILE O 85 32.41 -8.31 41.45
C ILE O 85 33.23 -9.58 41.62
N SER O 86 33.03 -10.56 40.74
CA SER O 86 33.74 -11.86 40.81
C SER O 86 34.06 -12.39 39.40
N GLY O 87 34.95 -13.38 39.34
CA GLY O 87 34.94 -14.47 38.35
C GLY O 87 35.14 -13.95 36.95
N GLY O 88 34.43 -14.54 35.98
CA GLY O 88 34.61 -14.18 34.55
C GLY O 88 36.01 -14.47 34.09
N THR O 89 36.53 -13.65 33.17
CA THR O 89 37.92 -13.77 32.66
C THR O 89 38.72 -12.51 32.96
N GLY O 90 38.03 -11.44 33.36
CA GLY O 90 38.55 -10.07 33.28
C GLY O 90 39.10 -9.60 34.62
N PHE O 91 39.10 -10.49 35.60
CA PHE O 91 39.07 -10.05 37.01
C PHE O 91 40.48 -10.16 37.62
N GLN O 92 40.78 -9.26 38.54
CA GLN O 92 42.06 -9.17 39.30
C GLN O 92 42.59 -10.57 39.66
N GLU O 93 43.83 -10.88 39.29
CA GLU O 93 44.47 -12.19 39.54
C GLU O 93 44.58 -12.63 41.00
N ILE O 94 45.00 -11.78 41.92
CA ILE O 94 45.15 -12.26 43.32
C ILE O 94 43.82 -12.27 44.09
N LEU O 95 42.72 -11.80 43.48
CA LEU O 95 41.38 -11.69 44.14
C LEU O 95 40.40 -12.76 43.67
N GLU O 96 39.67 -13.38 44.60
CA GLU O 96 38.47 -14.22 44.37
C GLU O 96 37.30 -13.29 44.05
N LYS O 97 37.12 -12.21 44.80
CA LYS O 97 35.98 -11.27 44.61
C LYS O 97 36.21 -9.98 45.42
N VAL O 98 35.47 -8.94 45.08
CA VAL O 98 35.38 -7.69 45.90
C VAL O 98 33.92 -7.39 46.13
N SER O 99 33.54 -7.27 47.40
CA SER O 99 32.15 -6.97 47.80
C SER O 99 32.09 -5.49 48.25
N PHE O 100 31.09 -4.77 47.78
CA PHE O 100 30.81 -3.35 48.04
C PHE O 100 29.48 -3.26 48.79
N LYS O 101 29.48 -2.46 49.86
CA LYS O 101 28.24 -2.03 50.53
C LYS O 101 28.20 -0.50 50.44
N THR O 102 27.22 0.06 49.76
CA THR O 102 27.17 1.52 49.49
C THR O 102 25.86 2.06 50.09
N LYS O 103 25.93 3.29 50.61
CA LYS O 103 24.76 3.99 51.17
C LYS O 103 24.95 5.48 50.91
N LEU O 104 23.92 6.14 50.38
CA LEU O 104 23.89 7.61 50.27
C LEU O 104 23.11 8.18 51.45
N GLU O 105 23.54 9.32 51.96
CA GLU O 105 22.73 10.10 52.92
C GLU O 105 22.87 11.58 52.58
N ALA O 106 21.94 12.39 53.02
CA ALA O 106 21.93 13.85 52.84
C ALA O 106 23.24 14.45 53.40
N ALA O 107 23.88 15.35 52.67
CA ALA O 107 24.91 16.25 53.22
C ALA O 107 25.01 17.54 52.40
N ASP O 108 24.76 18.70 53.05
CA ASP O 108 24.94 20.05 52.46
C ASP O 108 24.13 20.19 51.16
N GLY O 109 22.88 19.72 51.15
CA GLY O 109 21.99 19.81 49.96
C GLY O 109 22.26 18.68 48.98
N GLY O 110 23.35 17.92 49.19
CA GLY O 110 23.82 16.87 48.31
C GLY O 110 23.83 15.55 49.01
N SER O 111 24.82 14.69 48.68
CA SER O 111 24.94 13.33 49.21
C SER O 111 26.31 13.15 49.86
N LYS O 112 26.32 12.41 50.95
CA LYS O 112 27.54 11.74 51.45
C LYS O 112 27.41 10.29 50.93
N ILE O 113 28.48 9.78 50.33
CA ILE O 113 28.55 8.41 49.78
C ILE O 113 29.39 7.59 50.74
N LYS O 114 28.78 6.62 51.40
CA LYS O 114 29.45 5.85 52.48
C LYS O 114 29.63 4.44 51.93
N VAL O 115 30.88 4.00 51.85
CA VAL O 115 31.21 2.71 51.21
C VAL O 115 32.02 1.87 52.18
N SER O 116 31.68 0.58 52.22
CA SER O 116 32.45 -0.48 52.89
C SER O 116 32.82 -1.54 51.83
N VAL O 117 34.12 -1.75 51.66
CA VAL O 117 34.71 -2.61 50.60
C VAL O 117 35.45 -3.76 51.24
N THR O 118 35.10 -4.98 50.85
CA THR O 118 35.76 -6.22 51.31
C THR O 118 36.43 -6.87 50.12
N PHE O 119 37.75 -6.85 50.10
CA PHE O 119 38.59 -7.64 49.17
C PHE O 119 38.68 -9.08 49.69
N HIS O 120 38.31 -10.05 48.86
CA HIS O 120 38.66 -11.46 49.13
C HIS O 120 39.84 -11.87 48.23
N THR O 121 41.00 -12.12 48.83
CA THR O 121 42.19 -12.60 48.10
C THR O 121 42.15 -14.13 48.03
N LYS O 122 42.86 -14.73 47.05
CA LYS O 122 43.09 -16.21 47.00
C LYS O 122 43.91 -16.65 48.20
N GLY O 123 43.60 -17.82 48.73
CA GLY O 123 44.24 -18.44 49.91
C GLY O 123 44.40 -17.43 51.03
N ASP O 124 45.63 -17.20 51.48
CA ASP O 124 45.97 -16.30 52.61
C ASP O 124 46.73 -15.08 52.08
N ALA O 125 46.54 -14.73 50.81
CA ALA O 125 47.32 -13.65 50.16
C ALA O 125 46.99 -12.32 50.85
N PRO O 126 48.00 -11.46 51.08
CA PRO O 126 47.74 -10.07 51.44
C PRO O 126 47.14 -9.35 50.21
N LEU O 127 46.52 -8.21 50.46
CA LEU O 127 46.02 -7.34 49.38
C LEU O 127 47.17 -6.43 48.97
N PRO O 128 47.76 -6.55 47.78
CA PRO O 128 48.77 -5.58 47.34
C PRO O 128 48.11 -4.18 47.20
N ASP O 129 48.87 -3.15 47.54
CA ASP O 129 48.43 -1.74 47.44
C ASP O 129 48.04 -1.44 45.98
N GLU O 130 48.74 -2.05 45.02
CA GLU O 130 48.47 -1.84 43.57
C GLU O 130 47.05 -2.29 43.27
N VAL O 131 46.63 -3.42 43.84
CA VAL O 131 45.28 -3.99 43.53
C VAL O 131 44.21 -3.09 44.16
N HIS O 132 44.40 -2.71 45.43
CA HIS O 132 43.43 -1.83 46.13
C HIS O 132 43.31 -0.51 45.36
N GLN O 133 44.43 0.04 44.91
CA GLN O 133 44.47 1.32 44.15
C GLN O 133 43.69 1.15 42.84
N ASP O 134 43.90 0.04 42.14
CA ASP O 134 43.24 -0.22 40.84
C ASP O 134 41.73 -0.39 41.03
N VAL O 135 41.30 -1.18 42.01
CA VAL O 135 39.84 -1.37 42.27
C VAL O 135 39.21 -0.04 42.68
N LYS O 136 39.90 0.75 43.49
CA LYS O 136 39.37 2.08 43.91
C LYS O 136 39.26 3.07 42.75
N GLN O 137 40.29 3.16 41.93
CA GLN O 137 40.29 4.11 40.78
C GLN O 137 39.09 3.80 39.87
N LYS O 138 38.90 2.52 39.58
CA LYS O 138 37.84 2.10 38.64
C LYS O 138 36.47 2.36 39.24
N SER O 139 36.30 2.11 40.54
CA SER O 139 35.00 2.30 41.25
C SER O 139 34.69 3.80 41.21
N GLN O 140 35.71 4.62 41.49
CA GLN O 140 35.55 6.08 41.55
C GLN O 140 35.23 6.58 40.12
N GLY O 141 35.99 6.08 39.16
CA GLY O 141 35.88 6.47 37.75
C GLY O 141 34.44 6.32 37.22
N ILE O 142 33.85 5.16 37.41
CA ILE O 142 32.48 4.88 36.93
C ILE O 142 31.50 5.83 37.62
N PHE O 143 31.54 5.85 38.96
CA PHE O 143 30.62 6.63 39.79
C PHE O 143 30.72 8.10 39.38
N LYS O 144 31.95 8.63 39.28
CA LYS O 144 32.16 10.07 39.03
C LYS O 144 31.88 10.44 37.55
N ALA O 145 32.05 9.52 36.59
CA ALA O 145 31.62 9.76 35.20
C ALA O 145 30.10 9.94 35.16
N ILE O 146 29.33 9.08 35.87
CA ILE O 146 27.85 9.18 35.88
C ILE O 146 27.44 10.50 36.54
N GLU O 147 28.04 10.83 37.70
CA GLU O 147 27.71 12.05 38.46
C GLU O 147 27.88 13.28 37.57
N GLY O 148 29.00 13.34 36.83
CA GLY O 148 29.25 14.44 35.90
C GLY O 148 28.19 14.50 34.78
N TYR O 149 27.86 13.33 34.25
CA TYR O 149 26.79 13.21 33.24
C TYR O 149 25.47 13.75 33.77
N VAL O 150 25.09 13.39 35.00
CA VAL O 150 23.82 13.82 35.66
C VAL O 150 23.86 15.34 35.80
N LEU O 151 25.00 15.91 36.18
CA LEU O 151 25.08 17.38 36.36
C LEU O 151 24.94 18.11 35.02
N SER O 152 25.34 17.52 33.90
CA SER O 152 25.37 18.24 32.61
C SER O 152 24.05 18.04 31.84
N ASN O 153 23.27 17.03 32.19
CA ASN O 153 22.04 16.65 31.44
C ASN O 153 20.84 16.96 32.32
N GLY P 2 4.43 -20.14 65.93
CA GLY P 2 4.69 -19.08 66.96
C GLY P 2 3.73 -17.93 66.75
N VAL P 3 3.42 -17.25 67.84
CA VAL P 3 2.43 -16.12 67.86
C VAL P 3 3.20 -14.84 68.25
N HIS P 4 3.10 -13.82 67.39
CA HIS P 4 3.81 -12.53 67.58
C HIS P 4 2.81 -11.39 67.44
N THR P 5 2.63 -10.63 68.52
CA THR P 5 1.54 -9.62 68.60
C THR P 5 2.15 -8.22 68.63
N PHE P 6 1.51 -7.31 67.92
CA PHE P 6 1.85 -5.89 67.89
C PHE P 6 0.56 -5.08 68.07
N GLU P 7 0.69 -3.85 68.54
CA GLU P 7 -0.40 -2.85 68.71
C GLU P 7 0.10 -1.57 68.09
N GLU P 8 -0.74 -0.87 67.32
CA GLU P 8 -0.37 0.42 66.72
C GLU P 8 -1.63 1.30 66.64
N GLU P 9 -1.42 2.60 66.58
CA GLU P 9 -2.45 3.64 66.44
C GLU P 9 -2.00 4.61 65.36
N SER P 10 -2.95 5.12 64.58
CA SER P 10 -2.73 6.19 63.57
C SER P 10 -4.00 7.04 63.52
N THR P 11 -3.96 8.18 62.85
CA THR P 11 -5.15 9.06 62.78
C THR P 11 -5.46 9.27 61.30
N SER P 12 -6.70 9.66 61.03
CA SER P 12 -7.19 10.00 59.68
C SER P 12 -8.06 11.24 59.83
N PRO P 13 -8.04 12.21 58.89
CA PRO P 13 -8.95 13.34 58.98
C PRO P 13 -10.40 12.92 58.64
N VAL P 14 -10.62 11.68 58.18
CA VAL P 14 -11.97 11.18 57.82
C VAL P 14 -12.65 10.68 59.08
N PRO P 15 -13.88 11.15 59.36
CA PRO P 15 -14.66 10.67 60.50
C PRO P 15 -14.99 9.17 60.40
N PRO P 16 -15.19 8.48 61.54
CA PRO P 16 -15.24 7.01 61.58
C PRO P 16 -16.33 6.33 60.74
N ALA P 17 -17.54 6.86 60.66
CA ALA P 17 -18.63 6.21 59.90
C ALA P 17 -18.26 6.18 58.42
N LYS P 18 -17.84 7.32 57.88
CA LYS P 18 -17.39 7.44 56.46
C LYS P 18 -16.18 6.54 56.22
N LEU P 19 -15.23 6.50 57.17
CA LEU P 19 -13.96 5.75 56.98
C LEU P 19 -14.28 4.27 57.05
N PHE P 20 -15.15 3.88 57.98
CA PHE P 20 -15.58 2.47 58.14
C PHE P 20 -16.32 2.00 56.86
N LYS P 21 -17.26 2.80 56.38
CA LYS P 21 -18.02 2.45 55.14
C LYS P 21 -17.03 2.21 53.97
N ALA P 22 -16.08 3.09 53.75
CA ALA P 22 -15.14 3.00 52.61
C ALA P 22 -14.21 1.79 52.76
N THR P 23 -13.65 1.56 53.95
CA THR P 23 -12.59 0.54 54.15
C THR P 23 -13.19 -0.85 54.31
N VAL P 24 -14.36 -0.94 54.94
CA VAL P 24 -14.95 -2.24 55.35
C VAL P 24 -16.08 -2.61 54.38
N VAL P 25 -17.13 -1.79 54.31
CA VAL P 25 -18.25 -2.08 53.35
C VAL P 25 -17.75 -1.98 51.90
N ASP P 26 -17.01 -0.93 51.55
CA ASP P 26 -16.77 -0.56 50.14
C ASP P 26 -15.45 -1.12 49.63
N GLY P 27 -14.68 -1.79 50.50
CA GLY P 27 -13.25 -2.05 50.26
C GLY P 27 -13.03 -2.99 49.09
N ASP P 28 -13.80 -4.08 49.03
CA ASP P 28 -13.63 -5.13 48.00
C ASP P 28 -13.69 -4.53 46.60
N GLU P 29 -14.58 -3.53 46.39
CA GLU P 29 -14.73 -2.83 45.10
C GLU P 29 -13.54 -1.89 44.87
N LEU P 30 -13.07 -1.14 45.87
CA LEU P 30 -12.03 -0.11 45.62
C LEU P 30 -10.62 -0.72 45.51
N THR P 31 -10.34 -1.79 46.25
CA THR P 31 -8.92 -2.16 46.46
C THR P 31 -8.27 -2.53 45.12
N PRO P 32 -8.92 -3.31 44.24
CA PRO P 32 -8.34 -3.73 42.95
C PRO P 32 -8.08 -2.56 41.99
N LYS P 33 -8.96 -1.56 42.02
CA LYS P 33 -8.77 -0.30 41.26
C LYS P 33 -7.59 0.50 41.83
N LEU P 34 -7.43 0.57 43.15
CA LEU P 34 -6.48 1.52 43.75
C LEU P 34 -5.10 0.92 43.90
N ILE P 35 -4.99 -0.40 44.12
CA ILE P 35 -3.67 -1.03 44.31
C ILE P 35 -3.26 -1.74 43.03
N PRO P 36 -2.20 -1.29 42.33
CA PRO P 36 -1.80 -1.90 41.06
C PRO P 36 -1.63 -3.43 41.13
N ALA P 37 -0.97 -3.93 42.17
CA ALA P 37 -0.66 -5.38 42.33
C ALA P 37 -1.95 -6.22 42.45
N ILE P 38 -2.98 -5.72 43.11
CA ILE P 38 -4.19 -6.57 43.42
C ILE P 38 -5.13 -6.62 42.21
N GLN P 39 -5.10 -7.74 41.48
CA GLN P 39 -5.96 -8.00 40.29
C GLN P 39 -7.44 -8.20 40.64
N SER P 40 -7.78 -8.92 41.72
CA SER P 40 -9.21 -9.23 41.98
C SER P 40 -9.48 -9.65 43.43
N ILE P 41 -10.73 -9.45 43.85
CA ILE P 41 -11.26 -9.93 45.16
C ILE P 41 -12.61 -10.60 44.93
N GLU P 42 -12.68 -11.92 45.11
CA GLU P 42 -13.91 -12.72 44.91
C GLU P 42 -14.35 -13.27 46.26
N ILE P 43 -15.60 -13.03 46.64
CA ILE P 43 -16.25 -13.70 47.81
C ILE P 43 -16.43 -15.18 47.42
N VAL P 44 -15.88 -16.10 48.21
CA VAL P 44 -16.02 -17.56 47.97
C VAL P 44 -17.16 -18.09 48.88
N GLU P 45 -17.40 -17.45 50.03
CA GLU P 45 -18.51 -17.84 50.93
C GLU P 45 -18.97 -16.64 51.76
N GLY P 46 -20.28 -16.62 52.04
CA GLY P 46 -20.96 -15.63 52.89
C GLY P 46 -21.32 -14.40 52.10
N ASN P 47 -21.80 -13.35 52.78
CA ASN P 47 -22.32 -12.14 52.09
C ASN P 47 -21.86 -10.86 52.81
N GLY P 48 -20.82 -10.92 53.63
CA GLY P 48 -20.21 -9.73 54.26
C GLY P 48 -20.31 -9.78 55.77
N GLY P 49 -21.00 -10.78 56.32
CA GLY P 49 -21.02 -11.01 57.79
C GLY P 49 -19.80 -11.80 58.26
N PRO P 50 -19.65 -12.05 59.58
CA PRO P 50 -18.63 -12.96 60.12
C PRO P 50 -18.63 -14.31 59.41
N GLY P 51 -17.45 -14.89 59.14
CA GLY P 51 -17.31 -16.15 58.37
C GLY P 51 -17.18 -15.92 56.88
N THR P 52 -17.42 -14.71 56.37
CA THR P 52 -17.25 -14.41 54.91
C THR P 52 -15.79 -14.65 54.53
N VAL P 53 -15.55 -15.36 53.43
CA VAL P 53 -14.18 -15.68 52.96
C VAL P 53 -14.01 -15.10 51.57
N LYS P 54 -12.90 -14.43 51.32
CA LYS P 54 -12.58 -13.77 50.04
C LYS P 54 -11.25 -14.35 49.55
N LYS P 55 -11.15 -14.56 48.25
CA LYS P 55 -9.89 -14.86 47.58
C LYS P 55 -9.32 -13.59 46.94
N VAL P 56 -8.16 -13.15 47.39
CA VAL P 56 -7.49 -11.92 46.90
C VAL P 56 -6.33 -12.36 46.00
N THR P 57 -6.39 -12.00 44.73
CA THR P 57 -5.35 -12.37 43.75
C THR P 57 -4.48 -11.15 43.44
N ALA P 58 -3.16 -11.31 43.46
CA ALA P 58 -2.28 -10.18 43.14
C ALA P 58 -1.09 -10.66 42.33
N VAL P 59 -0.34 -9.73 41.74
CA VAL P 59 0.85 -10.09 40.91
C VAL P 59 2.11 -9.43 41.44
N GLU P 60 3.16 -10.22 41.64
CA GLU P 60 4.51 -9.75 42.04
C GLU P 60 5.56 -10.28 41.05
N ASP P 61 6.31 -9.37 40.41
CA ASP P 61 7.44 -9.67 39.46
C ASP P 61 7.00 -10.56 38.32
N GLY P 62 5.78 -10.38 37.83
CA GLY P 62 5.26 -11.28 36.79
C GLY P 62 4.72 -12.56 37.37
N LYS P 63 4.62 -12.71 38.69
CA LYS P 63 4.09 -13.99 39.20
C LYS P 63 2.73 -13.75 39.86
N THR P 64 1.78 -14.63 39.63
CA THR P 64 0.43 -14.44 40.18
C THR P 64 0.18 -15.40 41.34
N SER P 65 -0.29 -14.87 42.46
CA SER P 65 -0.62 -15.69 43.64
C SER P 65 -1.86 -15.12 44.31
N TYR P 66 -2.35 -15.77 45.35
CA TYR P 66 -3.54 -15.32 46.10
C TYR P 66 -3.35 -15.60 47.58
N VAL P 67 -4.16 -14.91 48.38
CA VAL P 67 -4.35 -15.17 49.82
C VAL P 67 -5.87 -15.24 50.06
N LEU P 68 -6.24 -15.81 51.20
CA LEU P 68 -7.65 -15.90 51.64
C LEU P 68 -7.88 -14.89 52.76
N HIS P 69 -8.96 -14.12 52.64
CA HIS P 69 -9.36 -13.14 53.67
C HIS P 69 -10.64 -13.65 54.35
N LYS P 70 -10.65 -13.71 55.68
CA LYS P 70 -11.84 -14.17 56.42
C LYS P 70 -12.25 -13.13 57.47
N ILE P 71 -13.53 -12.77 57.47
CA ILE P 71 -14.08 -11.83 58.48
C ILE P 71 -14.30 -12.60 59.78
N ASP P 72 -13.59 -12.24 60.85
CA ASP P 72 -13.78 -12.82 62.20
C ASP P 72 -14.88 -12.06 62.94
N ALA P 73 -14.96 -10.73 62.81
CA ALA P 73 -16.02 -9.96 63.48
C ALA P 73 -16.21 -8.64 62.72
N ILE P 74 -17.42 -8.11 62.81
CA ILE P 74 -17.79 -6.78 62.31
C ILE P 74 -18.88 -6.23 63.24
N ASP P 75 -18.71 -5.01 63.69
CA ASP P 75 -19.73 -4.31 64.52
C ASP P 75 -19.74 -2.82 64.11
N GLU P 76 -20.74 -2.44 63.34
CA GLU P 76 -20.95 -1.06 62.83
C GLU P 76 -21.02 -0.07 63.98
N ALA P 77 -21.64 -0.42 65.11
CA ALA P 77 -21.89 0.53 66.22
C ALA P 77 -20.56 1.06 66.79
N THR P 78 -19.55 0.18 66.87
CA THR P 78 -18.20 0.47 67.43
C THR P 78 -17.13 0.57 66.33
N TYR P 79 -17.51 0.55 65.06
CA TYR P 79 -16.54 0.63 63.89
C TYR P 79 -15.43 -0.42 64.04
N THR P 80 -15.83 -1.63 64.41
CA THR P 80 -14.97 -2.80 64.70
C THR P 80 -14.94 -3.71 63.48
N TYR P 81 -13.73 -4.06 63.03
CA TYR P 81 -13.54 -5.00 61.90
C TYR P 81 -12.32 -5.86 62.23
N ASP P 82 -12.59 -7.15 62.46
CA ASP P 82 -11.55 -8.17 62.75
C ASP P 82 -11.53 -9.15 61.61
N TYR P 83 -10.34 -9.47 61.10
CA TYR P 83 -10.21 -10.33 59.90
C TYR P 83 -8.86 -11.02 59.93
N THR P 84 -8.80 -12.16 59.25
CA THR P 84 -7.60 -13.01 59.17
C THR P 84 -7.22 -13.16 57.70
N ILE P 85 -5.99 -12.83 57.36
CA ILE P 85 -5.40 -13.23 56.04
C ILE P 85 -4.65 -14.54 56.26
N SER P 86 -5.03 -15.59 55.53
CA SER P 86 -4.23 -16.84 55.58
C SER P 86 -3.62 -17.15 54.21
N GLY P 87 -2.52 -17.89 54.22
CA GLY P 87 -1.38 -17.68 53.32
C GLY P 87 -1.76 -17.89 51.87
N GLY P 88 -2.60 -18.90 51.58
CA GLY P 88 -2.84 -19.29 50.18
C GLY P 88 -1.53 -19.62 49.50
N THR P 89 -1.30 -19.08 48.30
CA THR P 89 0.00 -19.16 47.60
C THR P 89 0.78 -17.85 47.76
N GLY P 90 0.14 -16.80 48.29
CA GLY P 90 0.71 -15.44 48.43
C GLY P 90 1.86 -15.32 49.41
N PHE P 91 1.76 -15.97 50.58
CA PHE P 91 2.60 -15.59 51.75
C PHE P 91 4.02 -16.13 51.56
N GLN P 92 4.99 -15.47 52.23
CA GLN P 92 6.26 -16.08 52.72
C GLN P 92 5.92 -17.46 53.39
N GLU P 93 6.69 -18.51 53.10
CA GLU P 93 6.44 -19.85 53.68
C GLU P 93 6.48 -19.87 55.21
N ILE P 94 7.34 -19.08 55.86
CA ILE P 94 7.44 -19.00 57.36
C ILE P 94 6.12 -18.49 57.99
N LEU P 95 5.32 -17.69 57.30
CA LEU P 95 4.06 -17.11 57.83
C LEU P 95 2.87 -17.96 57.40
N GLU P 96 2.06 -18.40 58.35
CA GLU P 96 0.87 -19.19 58.04
C GLU P 96 -0.35 -18.28 57.92
N LYS P 97 -0.49 -17.31 58.83
CA LYS P 97 -1.62 -16.39 58.86
C LYS P 97 -1.33 -15.16 59.69
N VAL P 98 -2.07 -14.09 59.41
CA VAL P 98 -2.00 -12.84 60.18
C VAL P 98 -3.44 -12.46 60.55
N SER P 99 -3.70 -12.28 61.82
CA SER P 99 -5.03 -11.85 62.33
C SER P 99 -4.98 -10.37 62.74
N PHE P 100 -5.96 -9.61 62.29
CA PHE P 100 -6.08 -8.14 62.51
C PHE P 100 -7.35 -7.90 63.35
N LYS P 101 -7.21 -7.07 64.38
CA LYS P 101 -8.35 -6.50 65.11
C LYS P 101 -8.26 -4.99 64.97
N THR P 102 -9.27 -4.38 64.33
CA THR P 102 -9.24 -2.94 64.02
C THR P 102 -10.44 -2.28 64.68
N LYS P 103 -10.26 -1.05 65.17
CA LYS P 103 -11.34 -0.23 65.72
C LYS P 103 -11.06 1.23 65.36
N LEU P 104 -12.08 1.93 64.88
CA LEU P 104 -12.02 3.40 64.70
C LEU P 104 -12.72 4.07 65.88
N GLU P 105 -12.25 5.24 66.29
CA GLU P 105 -13.01 6.10 67.21
C GLU P 105 -12.83 7.56 66.78
N ALA P 106 -13.81 8.39 67.13
CA ALA P 106 -13.80 9.82 66.78
C ALA P 106 -12.57 10.46 67.40
N ALA P 107 -11.83 11.29 66.65
CA ALA P 107 -10.75 12.13 67.22
C ALA P 107 -10.61 13.39 66.34
N ASP P 108 -10.84 14.56 66.92
CA ASP P 108 -10.53 15.88 66.31
C ASP P 108 -11.20 16.02 64.93
N GLY P 109 -12.46 15.62 64.80
CA GLY P 109 -13.22 15.72 63.53
C GLY P 109 -12.92 14.53 62.63
N GLY P 110 -11.89 13.74 62.94
CA GLY P 110 -11.49 12.57 62.16
C GLY P 110 -11.61 11.30 62.96
N SER P 111 -10.70 10.37 62.73
CA SER P 111 -10.69 9.01 63.34
C SER P 111 -9.33 8.74 63.95
N LYS P 112 -9.34 8.04 65.08
CA LYS P 112 -8.17 7.33 65.59
C LYS P 112 -8.36 5.86 65.18
N ILE P 113 -7.33 5.25 64.60
CA ILE P 113 -7.37 3.86 64.10
C ILE P 113 -6.53 3.02 65.05
N LYS P 114 -7.17 2.11 65.78
CA LYS P 114 -6.49 1.26 66.79
C LYS P 114 -6.41 -0.14 66.22
N VAL P 115 -5.21 -0.67 66.11
CA VAL P 115 -4.98 -2.01 65.50
C VAL P 115 -4.20 -2.91 66.46
N SER P 116 -4.61 -4.15 66.53
CA SER P 116 -3.88 -5.27 67.16
C SER P 116 -3.67 -6.37 66.10
N VAL P 117 -2.40 -6.70 65.86
CA VAL P 117 -1.95 -7.64 64.80
C VAL P 117 -1.26 -8.83 65.41
N THR P 118 -1.71 -10.03 65.08
CA THR P 118 -1.06 -11.28 65.49
C THR P 118 -0.53 -12.01 64.24
N PHE P 119 0.78 -12.14 64.15
CA PHE P 119 1.48 -13.02 63.17
C PHE P 119 1.58 -14.43 63.73
N HIS P 120 1.12 -15.41 62.94
CA HIS P 120 1.28 -16.86 63.23
C HIS P 120 2.33 -17.43 62.29
N THR P 121 3.48 -17.75 62.86
CA THR P 121 4.62 -18.34 62.09
C THR P 121 4.47 -19.86 62.14
N LYS P 122 5.09 -20.56 61.19
CA LYS P 122 5.22 -22.05 61.21
C LYS P 122 5.99 -22.48 62.47
N GLY P 123 5.59 -23.61 63.06
CA GLY P 123 6.23 -24.24 64.22
C GLY P 123 6.52 -23.21 65.30
N ASP P 124 7.78 -23.08 65.72
CA ASP P 124 8.22 -22.16 66.80
C ASP P 124 9.03 -20.99 66.22
N ALA P 125 8.83 -20.68 64.93
CA ALA P 125 9.69 -19.72 64.20
C ALA P 125 9.50 -18.33 64.82
N PRO P 126 10.58 -17.56 65.01
CA PRO P 126 10.47 -16.13 65.25
C PRO P 126 9.92 -15.43 64.00
N LEU P 127 9.42 -14.23 64.19
CA LEU P 127 8.93 -13.36 63.10
C LEU P 127 10.12 -12.56 62.61
N PRO P 128 10.66 -12.78 61.41
CA PRO P 128 11.73 -11.92 60.91
C PRO P 128 11.22 -10.48 60.76
N ASP P 129 12.09 -9.50 61.06
CA ASP P 129 11.79 -8.05 60.97
C ASP P 129 11.27 -7.73 59.56
N GLU P 130 11.81 -8.38 58.52
CA GLU P 130 11.51 -8.09 57.10
C GLU P 130 10.06 -8.47 56.81
N VAL P 131 9.56 -9.54 57.42
CA VAL P 131 8.16 -10.01 57.21
C VAL P 131 7.20 -9.07 57.94
N HIS P 132 7.47 -8.73 59.20
CA HIS P 132 6.74 -7.68 59.95
C HIS P 132 6.61 -6.41 59.09
N GLN P 133 7.74 -5.94 58.60
CA GLN P 133 7.87 -4.67 57.83
C GLN P 133 6.98 -4.77 56.57
N ASP P 134 7.08 -5.89 55.86
CA ASP P 134 6.37 -6.06 54.57
C ASP P 134 4.85 -6.13 54.82
N VAL P 135 4.39 -6.90 55.80
CA VAL P 135 2.94 -6.99 56.11
C VAL P 135 2.42 -5.63 56.58
N LYS P 136 3.19 -4.90 57.37
CA LYS P 136 2.80 -3.55 57.86
C LYS P 136 2.70 -2.56 56.69
N GLN P 137 3.71 -2.49 55.86
CA GLN P 137 3.68 -1.59 54.68
C GLN P 137 2.44 -1.88 53.79
N LYS P 138 2.16 -3.14 53.52
CA LYS P 138 1.02 -3.54 52.64
C LYS P 138 -0.30 -3.21 53.32
N SER P 139 -0.41 -3.44 54.64
CA SER P 139 -1.64 -3.15 55.43
C SER P 139 -1.89 -1.65 55.34
N GLN P 140 -0.82 -0.88 55.54
CA GLN P 140 -0.91 0.59 55.56
C GLN P 140 -1.29 1.05 54.13
N GLY P 141 -0.62 0.49 53.15
CA GLY P 141 -0.81 0.84 51.74
C GLY P 141 -2.27 0.73 51.30
N ILE P 142 -2.90 -0.40 51.57
CA ILE P 142 -4.30 -0.64 51.19
C ILE P 142 -5.22 0.37 51.87
N PHE P 143 -5.08 0.45 53.21
CA PHE P 143 -5.93 1.32 54.04
C PHE P 143 -5.79 2.76 53.54
N LYS P 144 -4.54 3.22 53.37
CA LYS P 144 -4.23 4.64 53.04
C LYS P 144 -4.56 4.94 51.55
N ALA P 145 -4.52 3.98 50.63
CA ALA P 145 -4.99 4.17 49.24
C ALA P 145 -6.50 4.45 49.29
N ILE P 146 -7.29 3.69 50.07
CA ILE P 146 -8.75 3.91 50.14
C ILE P 146 -9.02 5.29 50.77
N GLU P 147 -8.35 5.61 51.88
CA GLU P 147 -8.54 6.88 52.59
C GLU P 147 -8.30 8.05 51.63
N GLY P 148 -7.23 8.00 50.84
CA GLY P 148 -6.91 9.04 49.87
C GLY P 148 -8.01 9.14 48.82
N TYR P 149 -8.50 8.00 48.36
CA TYR P 149 -9.62 7.98 47.37
C TYR P 149 -10.87 8.63 47.97
N VAL P 150 -11.20 8.34 49.23
CA VAL P 150 -12.40 8.90 49.92
C VAL P 150 -12.26 10.43 50.01
N LEU P 151 -11.08 10.92 50.37
CA LEU P 151 -10.84 12.37 50.50
C LEU P 151 -11.07 13.06 49.16
N SER P 152 -10.60 12.46 48.07
CA SER P 152 -10.57 13.17 46.77
C SER P 152 -11.86 12.93 45.97
N ASN P 153 -12.74 12.05 46.45
CA ASN P 153 -13.98 11.67 45.72
C ASN P 153 -15.19 11.84 46.63
#